data_8KC1
# 
_entry.id   8KC1 
# 
_audit_conform.dict_name       mmcif_pdbx.dic 
_audit_conform.dict_version    5.403 
_audit_conform.dict_location   http://mmcif.pdb.org/dictionaries/ascii/mmcif_pdbx.dic 
# 
loop_
_database_2.database_id 
_database_2.database_code 
_database_2.pdbx_database_accession 
_database_2.pdbx_DOI 
PDB   8KC1         pdb_00008kc1 10.2210/pdb8kc1/pdb 
WWPDB D_1300040050 ?            ?                   
# 
loop_
_pdbx_audit_revision_history.ordinal 
_pdbx_audit_revision_history.data_content_type 
_pdbx_audit_revision_history.major_revision 
_pdbx_audit_revision_history.minor_revision 
_pdbx_audit_revision_history.revision_date 
_pdbx_audit_revision_history.part_number 
1 'Structure model' 1 0 2024-08-07 ? 
2 'Structure model' 1 1 2025-05-07 ? 
# 
_pdbx_audit_revision_details.ordinal             1 
_pdbx_audit_revision_details.revision_ordinal    1 
_pdbx_audit_revision_details.data_content_type   'Structure model' 
_pdbx_audit_revision_details.provider            repository 
_pdbx_audit_revision_details.type                'Initial release' 
_pdbx_audit_revision_details.description         ? 
_pdbx_audit_revision_details.details             ? 
# 
loop_
_pdbx_audit_revision_group.ordinal 
_pdbx_audit_revision_group.revision_ordinal 
_pdbx_audit_revision_group.data_content_type 
_pdbx_audit_revision_group.group 
1 2 'Structure model' 'Database references' 
2 2 'Structure model' 'Structure summary'   
# 
loop_
_pdbx_audit_revision_category.ordinal 
_pdbx_audit_revision_category.revision_ordinal 
_pdbx_audit_revision_category.data_content_type 
_pdbx_audit_revision_category.category 
1 2 'Structure model' citation           
2 2 'Structure model' citation_author    
3 2 'Structure model' pdbx_entry_details 
# 
loop_
_pdbx_audit_revision_item.ordinal 
_pdbx_audit_revision_item.revision_ordinal 
_pdbx_audit_revision_item.data_content_type 
_pdbx_audit_revision_item.item 
1  2 'Structure model' '_citation.country'                 
2  2 'Structure model' '_citation.journal_abbrev'          
3  2 'Structure model' '_citation.journal_id_CSD'          
4  2 'Structure model' '_citation.journal_id_ISSN'         
5  2 'Structure model' '_citation.journal_volume'          
6  2 'Structure model' '_citation.page_first'              
7  2 'Structure model' '_citation.page_last'               
8  2 'Structure model' '_citation.pdbx_database_id_DOI'    
9  2 'Structure model' '_citation.pdbx_database_id_PubMed' 
10 2 'Structure model' '_citation.title'                   
11 2 'Structure model' '_citation.year'                    
# 
_pdbx_database_status.status_code                     REL 
_pdbx_database_status.status_code_sf                  REL 
_pdbx_database_status.status_code_mr                  ? 
_pdbx_database_status.entry_id                        8KC1 
_pdbx_database_status.recvd_initial_deposition_date   2023-08-05 
_pdbx_database_status.SG_entry                        N 
_pdbx_database_status.deposit_site                    PDBJ 
_pdbx_database_status.process_site                    PDBC 
_pdbx_database_status.status_code_cs                  ? 
_pdbx_database_status.status_code_nmr_data            ? 
_pdbx_database_status.methods_development_category    ? 
_pdbx_database_status.pdb_format_compatible           Y 
# 
_pdbx_contact_author.id                 2 
_pdbx_contact_author.email              hyliu@ustc.edu.cn 
_pdbx_contact_author.name_first         Haiyan 
_pdbx_contact_author.name_last          Liu 
_pdbx_contact_author.name_mi            ? 
_pdbx_contact_author.role               'principal investigator/group leader' 
_pdbx_contact_author.identifier_ORCID   0000-0002-5926-820X 
# 
loop_
_audit_author.name 
_audit_author.pdbx_ordinal 
_audit_author.identifier_ORCID 
'Wang, S.' 1 0009-0001-8007-1348 
'Liu, Y.'  2 0000-0001-5507-0514 
# 
_citation.abstract                  ? 
_citation.abstract_id_CAS           ? 
_citation.book_id_ISBN              ? 
_citation.book_publisher            ? 
_citation.book_publisher_city       ? 
_citation.book_title                ? 
_citation.coordinate_linkage        ? 
_citation.country                   US 
_citation.database_id_Medline       ? 
_citation.details                   ? 
_citation.id                        primary 
_citation.journal_abbrev            Nat.Methods 
_citation.journal_id_ASTM           ? 
_citation.journal_id_CSD            ? 
_citation.journal_id_ISSN           1548-7105 
_citation.journal_full              ? 
_citation.journal_issue             ? 
_citation.journal_volume            21 
_citation.language                  ? 
_citation.page_first                2107 
_citation.page_last                 2116 
_citation.title                     
'De novo protein design with a denoising diffusion network independent of pretrained structure prediction models.' 
_citation.year                      2024 
_citation.database_id_CSD           ? 
_citation.pdbx_database_id_DOI      10.1038/s41592-024-02437-w 
_citation.pdbx_database_id_PubMed   39384986 
_citation.pdbx_database_id_patent   ? 
_citation.unpublished_flag          ? 
# 
loop_
_citation_author.citation_id 
_citation_author.name 
_citation_author.ordinal 
_citation_author.identifier_ORCID 
primary 'Liu, Y.'   1  ?                   
primary 'Wang, S.'  2  ?                   
primary 'Dong, J.'  3  0009-0003-1268-8367 
primary 'Chen, L.'  4  0009-0009-4247-4128 
primary 'Wang, X.'  5  ?                   
primary 'Wang, L.'  6  ?                   
primary 'Li, F.'    7  ?                   
primary 'Wang, C.'  8  0000-0002-3618-1670 
primary 'Zhang, J.' 9  ?                   
primary 'Wang, Y.'  10 ?                   
primary 'Wei, S.'   11 ?                   
primary 'Chen, Q.'  12 0000-0002-3301-3065 
primary 'Liu, H.'   13 0000-0002-5926-820X 
# 
loop_
_entity.id 
_entity.type 
_entity.src_method 
_entity.pdbx_description 
_entity.formula_weight 
_entity.pdbx_number_of_molecules 
_entity.pdbx_ec 
_entity.pdbx_mutation 
_entity.pdbx_fragment 
_entity.details 
1 polymer man 'De novo design protein -NX5' 9598.624 1  ? ? ? ? 
2 water   nat water                         18.015   52 ? ? ? ? 
# 
_entity_poly.entity_id                      1 
_entity_poly.type                           'polypeptide(L)' 
_entity_poly.nstd_linkage                   no 
_entity_poly.nstd_monomer                   no 
_entity_poly.pdbx_seq_one_letter_code       
;GKVVLDAVTHPSKIEEAEKLLEEYRERLGGGLEGRVIADPKADPNTGNVHLKTEDGFEVDSTGKDIKTSLDAALAALEWL
EHHHHHH
;
_entity_poly.pdbx_seq_one_letter_code_can   
;GKVVLDAVTHPSKIEEAEKLLEEYRERLGGGLEGRVIADPKADPNTGNVHLKTEDGFEVDSTGKDIKTSLDAALAALEWL
EHHHHHH
;
_entity_poly.pdbx_strand_id                 A 
_entity_poly.pdbx_target_identifier         ? 
# 
_pdbx_entity_nonpoly.entity_id   2 
_pdbx_entity_nonpoly.name        water 
_pdbx_entity_nonpoly.comp_id     HOH 
# 
loop_
_entity_poly_seq.entity_id 
_entity_poly_seq.num 
_entity_poly_seq.mon_id 
_entity_poly_seq.hetero 
1 1  GLY n 
1 2  LYS n 
1 3  VAL n 
1 4  VAL n 
1 5  LEU n 
1 6  ASP n 
1 7  ALA n 
1 8  VAL n 
1 9  THR n 
1 10 HIS n 
1 11 PRO n 
1 12 SER n 
1 13 LYS n 
1 14 ILE n 
1 15 GLU n 
1 16 GLU n 
1 17 ALA n 
1 18 GLU n 
1 19 LYS n 
1 20 LEU n 
1 21 LEU n 
1 22 GLU n 
1 23 GLU n 
1 24 TYR n 
1 25 ARG n 
1 26 GLU n 
1 27 ARG n 
1 28 LEU n 
1 29 GLY n 
1 30 GLY n 
1 31 GLY n 
1 32 LEU n 
1 33 GLU n 
1 34 GLY n 
1 35 ARG n 
1 36 VAL n 
1 37 ILE n 
1 38 ALA n 
1 39 ASP n 
1 40 PRO n 
1 41 LYS n 
1 42 ALA n 
1 43 ASP n 
1 44 PRO n 
1 45 ASN n 
1 46 THR n 
1 47 GLY n 
1 48 ASN n 
1 49 VAL n 
1 50 HIS n 
1 51 LEU n 
1 52 LYS n 
1 53 THR n 
1 54 GLU n 
1 55 ASP n 
1 56 GLY n 
1 57 PHE n 
1 58 GLU n 
1 59 VAL n 
1 60 ASP n 
1 61 SER n 
1 62 THR n 
1 63 GLY n 
1 64 LYS n 
1 65 ASP n 
1 66 ILE n 
1 67 LYS n 
1 68 THR n 
1 69 SER n 
1 70 LEU n 
1 71 ASP n 
1 72 ALA n 
1 73 ALA n 
1 74 LEU n 
1 75 ALA n 
1 76 ALA n 
1 77 LEU n 
1 78 GLU n 
1 79 TRP n 
1 80 LEU n 
1 81 GLU n 
1 82 HIS n 
1 83 HIS n 
1 84 HIS n 
1 85 HIS n 
1 86 HIS n 
1 87 HIS n 
# 
_entity_src_gen.entity_id                          1 
_entity_src_gen.pdbx_src_id                        1 
_entity_src_gen.pdbx_alt_source_flag               sample 
_entity_src_gen.pdbx_seq_type                      'Biological sequence' 
_entity_src_gen.pdbx_beg_seq_num                   1 
_entity_src_gen.pdbx_end_seq_num                   87 
_entity_src_gen.gene_src_common_name               ? 
_entity_src_gen.gene_src_genus                     ? 
_entity_src_gen.pdbx_gene_src_gene                 ? 
_entity_src_gen.gene_src_species                   ? 
_entity_src_gen.gene_src_strain                    ? 
_entity_src_gen.gene_src_tissue                    ? 
_entity_src_gen.gene_src_tissue_fraction           ? 
_entity_src_gen.gene_src_details                   ? 
_entity_src_gen.pdbx_gene_src_fragment             ? 
_entity_src_gen.pdbx_gene_src_scientific_name      'synthetic construct' 
_entity_src_gen.pdbx_gene_src_ncbi_taxonomy_id     32630 
_entity_src_gen.pdbx_gene_src_variant              ? 
_entity_src_gen.pdbx_gene_src_cell_line            ? 
_entity_src_gen.pdbx_gene_src_atcc                 ? 
_entity_src_gen.pdbx_gene_src_organ                ? 
_entity_src_gen.pdbx_gene_src_organelle            ? 
_entity_src_gen.pdbx_gene_src_cell                 ? 
_entity_src_gen.pdbx_gene_src_cellular_location    ? 
_entity_src_gen.host_org_common_name               ? 
_entity_src_gen.pdbx_host_org_scientific_name      'Escherichia coli' 
_entity_src_gen.pdbx_host_org_ncbi_taxonomy_id     562 
_entity_src_gen.host_org_genus                     ? 
_entity_src_gen.pdbx_host_org_gene                 ? 
_entity_src_gen.pdbx_host_org_organ                ? 
_entity_src_gen.host_org_species                   ? 
_entity_src_gen.pdbx_host_org_tissue               ? 
_entity_src_gen.pdbx_host_org_tissue_fraction      ? 
_entity_src_gen.pdbx_host_org_strain               ? 
_entity_src_gen.pdbx_host_org_variant              ? 
_entity_src_gen.pdbx_host_org_cell_line            ? 
_entity_src_gen.pdbx_host_org_atcc                 ? 
_entity_src_gen.pdbx_host_org_culture_collection   ? 
_entity_src_gen.pdbx_host_org_cell                 ? 
_entity_src_gen.pdbx_host_org_organelle            ? 
_entity_src_gen.pdbx_host_org_cellular_location    ? 
_entity_src_gen.pdbx_host_org_vector_type          ? 
_entity_src_gen.pdbx_host_org_vector               ? 
_entity_src_gen.host_org_details                   ? 
_entity_src_gen.expression_system_id               ? 
_entity_src_gen.plasmid_name                       ? 
_entity_src_gen.plasmid_details                    ? 
_entity_src_gen.pdbx_description                   ? 
# 
loop_
_chem_comp.id 
_chem_comp.type 
_chem_comp.mon_nstd_flag 
_chem_comp.name 
_chem_comp.pdbx_synonyms 
_chem_comp.formula 
_chem_comp.formula_weight 
ALA 'L-peptide linking' y ALANINE         ? 'C3 H7 N O2'     89.093  
ARG 'L-peptide linking' y ARGININE        ? 'C6 H15 N4 O2 1' 175.209 
ASN 'L-peptide linking' y ASPARAGINE      ? 'C4 H8 N2 O3'    132.118 
ASP 'L-peptide linking' y 'ASPARTIC ACID' ? 'C4 H7 N O4'     133.103 
GLU 'L-peptide linking' y 'GLUTAMIC ACID' ? 'C5 H9 N O4'     147.129 
GLY 'peptide linking'   y GLYCINE         ? 'C2 H5 N O2'     75.067  
HIS 'L-peptide linking' y HISTIDINE       ? 'C6 H10 N3 O2 1' 156.162 
HOH non-polymer         . WATER           ? 'H2 O'           18.015  
ILE 'L-peptide linking' y ISOLEUCINE      ? 'C6 H13 N O2'    131.173 
LEU 'L-peptide linking' y LEUCINE         ? 'C6 H13 N O2'    131.173 
LYS 'L-peptide linking' y LYSINE          ? 'C6 H15 N2 O2 1' 147.195 
PHE 'L-peptide linking' y PHENYLALANINE   ? 'C9 H11 N O2'    165.189 
PRO 'L-peptide linking' y PROLINE         ? 'C5 H9 N O2'     115.130 
SER 'L-peptide linking' y SERINE          ? 'C3 H7 N O3'     105.093 
THR 'L-peptide linking' y THREONINE       ? 'C4 H9 N O3'     119.119 
TRP 'L-peptide linking' y TRYPTOPHAN      ? 'C11 H12 N2 O2'  204.225 
TYR 'L-peptide linking' y TYROSINE        ? 'C9 H11 N O3'    181.189 
VAL 'L-peptide linking' y VALINE          ? 'C5 H11 N O2'    117.146 
# 
loop_
_pdbx_poly_seq_scheme.asym_id 
_pdbx_poly_seq_scheme.entity_id 
_pdbx_poly_seq_scheme.seq_id 
_pdbx_poly_seq_scheme.mon_id 
_pdbx_poly_seq_scheme.ndb_seq_num 
_pdbx_poly_seq_scheme.pdb_seq_num 
_pdbx_poly_seq_scheme.auth_seq_num 
_pdbx_poly_seq_scheme.pdb_mon_id 
_pdbx_poly_seq_scheme.auth_mon_id 
_pdbx_poly_seq_scheme.pdb_strand_id 
_pdbx_poly_seq_scheme.pdb_ins_code 
_pdbx_poly_seq_scheme.hetero 
A 1 1  GLY 1  0  0  GLY GLY A . n 
A 1 2  LYS 2  1  1  LYS LYS A . n 
A 1 3  VAL 3  2  2  VAL VAL A . n 
A 1 4  VAL 4  3  3  VAL VAL A . n 
A 1 5  LEU 5  4  4  LEU LEU A . n 
A 1 6  ASP 6  5  5  ASP ASP A . n 
A 1 7  ALA 7  6  6  ALA ALA A . n 
A 1 8  VAL 8  7  7  VAL VAL A . n 
A 1 9  THR 9  8  8  THR THR A . n 
A 1 10 HIS 10 9  9  HIS HIS A . n 
A 1 11 PRO 11 10 10 PRO PRO A . n 
A 1 12 SER 12 11 11 SER SER A . n 
A 1 13 LYS 13 12 12 LYS LYS A . n 
A 1 14 ILE 14 13 13 ILE ILE A . n 
A 1 15 GLU 15 14 14 GLU GLU A . n 
A 1 16 GLU 16 15 15 GLU GLU A . n 
A 1 17 ALA 17 16 16 ALA ALA A . n 
A 1 18 GLU 18 17 17 GLU GLU A . n 
A 1 19 LYS 19 18 18 LYS LYS A . n 
A 1 20 LEU 20 19 19 LEU LEU A . n 
A 1 21 LEU 21 20 20 LEU LEU A . n 
A 1 22 GLU 22 21 21 GLU GLU A . n 
A 1 23 GLU 23 22 22 GLU GLU A . n 
A 1 24 TYR 24 23 23 TYR TYR A . n 
A 1 25 ARG 25 24 24 ARG ARG A . n 
A 1 26 GLU 26 25 25 GLU GLU A . n 
A 1 27 ARG 27 26 26 ARG ARG A . n 
A 1 28 LEU 28 27 27 LEU LEU A . n 
A 1 29 GLY 29 28 28 GLY GLY A . n 
A 1 30 GLY 30 29 29 GLY GLY A . n 
A 1 31 GLY 31 30 30 GLY GLY A . n 
A 1 32 LEU 32 31 31 LEU LEU A . n 
A 1 33 GLU 33 32 32 GLU GLU A . n 
A 1 34 GLY 34 33 33 GLY GLY A . n 
A 1 35 ARG 35 34 34 ARG ARG A . n 
A 1 36 VAL 36 35 35 VAL VAL A . n 
A 1 37 ILE 37 36 36 ILE ILE A . n 
A 1 38 ALA 38 37 37 ALA ALA A . n 
A 1 39 ASP 39 38 38 ASP ASP A . n 
A 1 40 PRO 40 39 39 PRO PRO A . n 
A 1 41 LYS 41 40 40 LYS LYS A . n 
A 1 42 ALA 42 41 41 ALA ALA A . n 
A 1 43 ASP 43 42 42 ASP ASP A . n 
A 1 44 PRO 44 43 43 PRO PRO A . n 
A 1 45 ASN 45 44 44 ASN ASN A . n 
A 1 46 THR 46 45 45 THR THR A . n 
A 1 47 GLY 47 46 46 GLY GLY A . n 
A 1 48 ASN 48 47 47 ASN ASN A . n 
A 1 49 VAL 49 48 48 VAL VAL A . n 
A 1 50 HIS 50 49 49 HIS HIS A . n 
A 1 51 LEU 51 50 50 LEU LEU A . n 
A 1 52 LYS 52 51 51 LYS LYS A . n 
A 1 53 THR 53 52 52 THR THR A . n 
A 1 54 GLU 54 53 53 GLU GLU A . n 
A 1 55 ASP 55 54 54 ASP ASP A . n 
A 1 56 GLY 56 55 55 GLY GLY A . n 
A 1 57 PHE 57 56 56 PHE PHE A . n 
A 1 58 GLU 58 57 57 GLU GLU A . n 
A 1 59 VAL 59 58 58 VAL VAL A . n 
A 1 60 ASP 60 59 59 ASP ASP A . n 
A 1 61 SER 61 60 60 SER SER A . n 
A 1 62 THR 62 61 61 THR THR A . n 
A 1 63 GLY 63 62 62 GLY GLY A . n 
A 1 64 LYS 64 63 63 LYS LYS A . n 
A 1 65 ASP 65 64 64 ASP ASP A . n 
A 1 66 ILE 66 65 65 ILE ILE A . n 
A 1 67 LYS 67 66 66 LYS LYS A . n 
A 1 68 THR 68 67 67 THR THR A . n 
A 1 69 SER 69 68 68 SER SER A . n 
A 1 70 LEU 70 69 69 LEU LEU A . n 
A 1 71 ASP 71 70 70 ASP ASP A . n 
A 1 72 ALA 72 71 71 ALA ALA A . n 
A 1 73 ALA 73 72 72 ALA ALA A . n 
A 1 74 LEU 74 73 73 LEU LEU A . n 
A 1 75 ALA 75 74 74 ALA ALA A . n 
A 1 76 ALA 76 75 75 ALA ALA A . n 
A 1 77 LEU 77 76 76 LEU LEU A . n 
A 1 78 GLU 78 77 77 GLU GLU A . n 
A 1 79 TRP 79 78 78 TRP TRP A . n 
A 1 80 LEU 80 79 79 LEU LEU A . n 
A 1 81 GLU 81 80 80 GLU GLU A . n 
A 1 82 HIS 82 81 81 HIS HIS A . n 
A 1 83 HIS 83 82 82 HIS HIS A . n 
A 1 84 HIS 84 83 ?  ?   ?   A . n 
A 1 85 HIS 85 84 ?  ?   ?   A . n 
A 1 86 HIS 86 85 ?  ?   ?   A . n 
A 1 87 HIS 87 86 ?  ?   ?   A . n 
# 
loop_
_pdbx_nonpoly_scheme.asym_id 
_pdbx_nonpoly_scheme.entity_id 
_pdbx_nonpoly_scheme.mon_id 
_pdbx_nonpoly_scheme.ndb_seq_num 
_pdbx_nonpoly_scheme.pdb_seq_num 
_pdbx_nonpoly_scheme.auth_seq_num 
_pdbx_nonpoly_scheme.pdb_mon_id 
_pdbx_nonpoly_scheme.auth_mon_id 
_pdbx_nonpoly_scheme.pdb_strand_id 
_pdbx_nonpoly_scheme.pdb_ins_code 
B 2 HOH 1  101 3  HOH HOH A . 
B 2 HOH 2  102 39 HOH HOH A . 
B 2 HOH 3  103 19 HOH HOH A . 
B 2 HOH 4  104 38 HOH HOH A . 
B 2 HOH 5  105 31 HOH HOH A . 
B 2 HOH 6  106 1  HOH HOH A . 
B 2 HOH 7  107 18 HOH HOH A . 
B 2 HOH 8  108 41 HOH HOH A . 
B 2 HOH 9  109 5  HOH HOH A . 
B 2 HOH 10 110 51 HOH HOH A . 
B 2 HOH 11 111 9  HOH HOH A . 
B 2 HOH 12 112 27 HOH HOH A . 
B 2 HOH 13 113 29 HOH HOH A . 
B 2 HOH 14 114 7  HOH HOH A . 
B 2 HOH 15 115 15 HOH HOH A . 
B 2 HOH 16 116 32 HOH HOH A . 
B 2 HOH 17 117 6  HOH HOH A . 
B 2 HOH 18 118 49 HOH HOH A . 
B 2 HOH 19 119 16 HOH HOH A . 
B 2 HOH 20 120 20 HOH HOH A . 
B 2 HOH 21 121 35 HOH HOH A . 
B 2 HOH 22 122 28 HOH HOH A . 
B 2 HOH 23 123 17 HOH HOH A . 
B 2 HOH 24 124 2  HOH HOH A . 
B 2 HOH 25 125 8  HOH HOH A . 
B 2 HOH 26 126 25 HOH HOH A . 
B 2 HOH 27 127 45 HOH HOH A . 
B 2 HOH 28 128 10 HOH HOH A . 
B 2 HOH 29 129 42 HOH HOH A . 
B 2 HOH 30 130 21 HOH HOH A . 
B 2 HOH 31 131 11 HOH HOH A . 
B 2 HOH 32 132 34 HOH HOH A . 
B 2 HOH 33 133 4  HOH HOH A . 
B 2 HOH 34 134 36 HOH HOH A . 
B 2 HOH 35 135 12 HOH HOH A . 
B 2 HOH 36 136 23 HOH HOH A . 
B 2 HOH 37 137 47 HOH HOH A . 
B 2 HOH 38 138 43 HOH HOH A . 
B 2 HOH 39 139 46 HOH HOH A . 
B 2 HOH 40 140 50 HOH HOH A . 
B 2 HOH 41 141 13 HOH HOH A . 
B 2 HOH 42 142 14 HOH HOH A . 
B 2 HOH 43 143 44 HOH HOH A . 
B 2 HOH 44 144 53 HOH HOH A . 
B 2 HOH 45 145 48 HOH HOH A . 
B 2 HOH 46 146 22 HOH HOH A . 
B 2 HOH 47 147 33 HOH HOH A . 
B 2 HOH 48 148 26 HOH HOH A . 
B 2 HOH 49 149 30 HOH HOH A . 
B 2 HOH 50 150 54 HOH HOH A . 
B 2 HOH 51 151 40 HOH HOH A . 
B 2 HOH 52 152 24 HOH HOH A . 
# 
loop_
_pdbx_unobs_or_zero_occ_atoms.id 
_pdbx_unobs_or_zero_occ_atoms.PDB_model_num 
_pdbx_unobs_or_zero_occ_atoms.polymer_flag 
_pdbx_unobs_or_zero_occ_atoms.occupancy_flag 
_pdbx_unobs_or_zero_occ_atoms.auth_asym_id 
_pdbx_unobs_or_zero_occ_atoms.auth_comp_id 
_pdbx_unobs_or_zero_occ_atoms.auth_seq_id 
_pdbx_unobs_or_zero_occ_atoms.PDB_ins_code 
_pdbx_unobs_or_zero_occ_atoms.auth_atom_id 
_pdbx_unobs_or_zero_occ_atoms.label_alt_id 
_pdbx_unobs_or_zero_occ_atoms.label_asym_id 
_pdbx_unobs_or_zero_occ_atoms.label_comp_id 
_pdbx_unobs_or_zero_occ_atoms.label_seq_id 
_pdbx_unobs_or_zero_occ_atoms.label_atom_id 
1 1 Y 1 A LYS 1 ? CG ? A LYS 2 CG 
2 1 Y 1 A LYS 1 ? CD ? A LYS 2 CD 
3 1 Y 1 A LYS 1 ? CE ? A LYS 2 CE 
4 1 Y 1 A LYS 1 ? NZ ? A LYS 2 NZ 
# 
loop_
_software.citation_id 
_software.classification 
_software.compiler_name 
_software.compiler_version 
_software.contact_author 
_software.contact_author_email 
_software.date 
_software.description 
_software.dependencies 
_software.hardware 
_software.language 
_software.location 
_software.mods 
_software.name 
_software.os 
_software.os_version 
_software.type 
_software.version 
_software.pdbx_ordinal 
? refinement       ? ? ? ? ? ? ? ? ? ? ? PHENIX  ? ? ? '(1.20.1_4487: ???)' 1 
? 'data reduction' ? ? ? ? ? ? ? ? ? ? ? XDS     ? ? ? .                    2 
? 'data scaling'   ? ? ? ? ? ? ? ? ? ? ? Aimless ? ? ? .                    3 
? phasing          ? ? ? ? ? ? ? ? ? ? ? PHENIX  ? ? ? .                    4 
# 
_cell.angle_alpha                  90.00 
_cell.angle_alpha_esd              ? 
_cell.angle_beta                   90.00 
_cell.angle_beta_esd               ? 
_cell.angle_gamma                  90.00 
_cell.angle_gamma_esd              ? 
_cell.entry_id                     8KC1 
_cell.details                      ? 
_cell.formula_units_Z              ? 
_cell.length_a                     44.341 
_cell.length_a_esd                 ? 
_cell.length_b                     45.072 
_cell.length_b_esd                 ? 
_cell.length_c                     45.599 
_cell.length_c_esd                 ? 
_cell.volume                       ? 
_cell.volume_esd                   ? 
_cell.Z_PDB                        4 
_cell.reciprocal_angle_alpha       ? 
_cell.reciprocal_angle_beta        ? 
_cell.reciprocal_angle_gamma       ? 
_cell.reciprocal_angle_alpha_esd   ? 
_cell.reciprocal_angle_beta_esd    ? 
_cell.reciprocal_angle_gamma_esd   ? 
_cell.reciprocal_length_a          ? 
_cell.reciprocal_length_b          ? 
_cell.reciprocal_length_c          ? 
_cell.reciprocal_length_a_esd      ? 
_cell.reciprocal_length_b_esd      ? 
_cell.reciprocal_length_c_esd      ? 
_cell.pdbx_unique_axis             ? 
_cell.pdbx_esd_method              ? 
# 
_symmetry.entry_id                         8KC1 
_symmetry.cell_setting                     ? 
_symmetry.Int_Tables_number                17 
_symmetry.space_group_name_Hall            ? 
_symmetry.space_group_name_H-M             'P 2 2 21' 
_symmetry.pdbx_full_space_group_name_H-M   ? 
# 
_exptl.absorpt_coefficient_mu     ? 
_exptl.absorpt_correction_T_max   ? 
_exptl.absorpt_correction_T_min   ? 
_exptl.absorpt_correction_type    ? 
_exptl.absorpt_process_details    ? 
_exptl.entry_id                   8KC1 
_exptl.crystals_number            1 
_exptl.details                    ? 
_exptl.method                     'X-RAY DIFFRACTION' 
_exptl.method_details             ? 
# 
_exptl_crystal.colour                       ? 
_exptl_crystal.density_diffrn               ? 
_exptl_crystal.density_Matthews             2.37 
_exptl_crystal.density_method               ? 
_exptl_crystal.density_percent_sol          48.18 
_exptl_crystal.description                  ? 
_exptl_crystal.F_000                        ? 
_exptl_crystal.id                           1 
_exptl_crystal.preparation                  ? 
_exptl_crystal.size_max                     ? 
_exptl_crystal.size_mid                     ? 
_exptl_crystal.size_min                     ? 
_exptl_crystal.size_rad                     ? 
_exptl_crystal.colour_lustre                ? 
_exptl_crystal.colour_modifier              ? 
_exptl_crystal.colour_primary               ? 
_exptl_crystal.density_meas                 ? 
_exptl_crystal.density_meas_esd             ? 
_exptl_crystal.density_meas_gt              ? 
_exptl_crystal.density_meas_lt              ? 
_exptl_crystal.density_meas_temp            ? 
_exptl_crystal.density_meas_temp_esd        ? 
_exptl_crystal.density_meas_temp_gt         ? 
_exptl_crystal.density_meas_temp_lt         ? 
_exptl_crystal.pdbx_crystal_image_url       ? 
_exptl_crystal.pdbx_crystal_image_format    ? 
_exptl_crystal.pdbx_mosaicity               ? 
_exptl_crystal.pdbx_mosaicity_esd           ? 
_exptl_crystal.pdbx_mosaic_method           ? 
_exptl_crystal.pdbx_mosaic_block_size       ? 
_exptl_crystal.pdbx_mosaic_block_size_esd   ? 
# 
_exptl_crystal_grow.apparatus       ? 
_exptl_crystal_grow.atmosphere      ? 
_exptl_crystal_grow.crystal_id      1 
_exptl_crystal_grow.details         ? 
_exptl_crystal_grow.method          'VAPOR DIFFUSION' 
_exptl_crystal_grow.method_ref      ? 
_exptl_crystal_grow.pH              ? 
_exptl_crystal_grow.pressure        ? 
_exptl_crystal_grow.pressure_esd    ? 
_exptl_crystal_grow.seeding         ? 
_exptl_crystal_grow.seeding_ref     ? 
_exptl_crystal_grow.temp_details    ? 
_exptl_crystal_grow.temp_esd        ? 
_exptl_crystal_grow.time            ? 
_exptl_crystal_grow.pdbx_details    '0.2M Imidazole malate pH7.0 25% w/v PEG4000' 
_exptl_crystal_grow.pdbx_pH_range   ? 
_exptl_crystal_grow.temp            289 
# 
_diffrn.ambient_environment              ? 
_diffrn.ambient_temp                     100 
_diffrn.ambient_temp_details             ? 
_diffrn.ambient_temp_esd                 ? 
_diffrn.crystal_id                       1 
_diffrn.crystal_support                  ? 
_diffrn.crystal_treatment                ? 
_diffrn.details                          ? 
_diffrn.id                               1 
_diffrn.ambient_pressure                 ? 
_diffrn.ambient_pressure_esd             ? 
_diffrn.ambient_pressure_gt              ? 
_diffrn.ambient_pressure_lt              ? 
_diffrn.ambient_temp_gt                  ? 
_diffrn.ambient_temp_lt                  ? 
_diffrn.pdbx_serial_crystal_experiment   N 
# 
_diffrn_detector.details                      ? 
_diffrn_detector.detector                     PIXEL 
_diffrn_detector.diffrn_id                    1 
_diffrn_detector.type                         'DECTRIS PILATUS3 6M' 
_diffrn_detector.area_resol_mean              ? 
_diffrn_detector.dtime                        ? 
_diffrn_detector.pdbx_frames_total            ? 
_diffrn_detector.pdbx_collection_time_total   ? 
_diffrn_detector.pdbx_collection_date         2023-03-18 
_diffrn_detector.pdbx_frequency               ? 
_diffrn_detector.id                           ? 
_diffrn_detector.number_of_axes               ? 
# 
_diffrn_radiation.collimation                      ? 
_diffrn_radiation.diffrn_id                        1 
_diffrn_radiation.filter_edge                      ? 
_diffrn_radiation.inhomogeneity                    ? 
_diffrn_radiation.monochromator                    ? 
_diffrn_radiation.polarisn_norm                    ? 
_diffrn_radiation.polarisn_ratio                   ? 
_diffrn_radiation.probe                            ? 
_diffrn_radiation.type                             ? 
_diffrn_radiation.xray_symbol                      ? 
_diffrn_radiation.wavelength_id                    1 
_diffrn_radiation.pdbx_monochromatic_or_laue_m_l   M 
_diffrn_radiation.pdbx_wavelength_list             ? 
_diffrn_radiation.pdbx_wavelength                  ? 
_diffrn_radiation.pdbx_diffrn_protocol             'SINGLE WAVELENGTH' 
_diffrn_radiation.pdbx_analyzer                    ? 
_diffrn_radiation.pdbx_scattering_type             x-ray 
# 
_diffrn_radiation_wavelength.id           1 
_diffrn_radiation_wavelength.wavelength   0.9791 
_diffrn_radiation_wavelength.wt           1.0 
# 
_diffrn_source.current                     ? 
_diffrn_source.details                     ? 
_diffrn_source.diffrn_id                   1 
_diffrn_source.power                       ? 
_diffrn_source.size                        ? 
_diffrn_source.source                      SYNCHROTRON 
_diffrn_source.target                      ? 
_diffrn_source.type                        'SSRF BEAMLINE BL18U1' 
_diffrn_source.voltage                     ? 
_diffrn_source.take-off_angle              ? 
_diffrn_source.pdbx_wavelength_list        0.9791 
_diffrn_source.pdbx_wavelength             ? 
_diffrn_source.pdbx_synchrotron_beamline   BL18U1 
_diffrn_source.pdbx_synchrotron_site       SSRF 
# 
_reflns.B_iso_Wilson_estimate                          33.26 
_reflns.entry_id                                       8KC1 
_reflns.data_reduction_details                         ? 
_reflns.data_reduction_method                          ? 
_reflns.d_resolution_high                              1.80 
_reflns.d_resolution_low                               45.60 
_reflns.details                                        ? 
_reflns.limit_h_max                                    ? 
_reflns.limit_h_min                                    ? 
_reflns.limit_k_max                                    ? 
_reflns.limit_k_min                                    ? 
_reflns.limit_l_max                                    ? 
_reflns.limit_l_min                                    ? 
_reflns.number_all                                     ? 
_reflns.number_obs                                     8756 
_reflns.observed_criterion                             ? 
_reflns.observed_criterion_F_max                       ? 
_reflns.observed_criterion_F_min                       ? 
_reflns.observed_criterion_I_max                       ? 
_reflns.observed_criterion_I_min                       ? 
_reflns.observed_criterion_sigma_F                     ? 
_reflns.observed_criterion_sigma_I                     ? 
_reflns.percent_possible_obs                           97.9 
_reflns.R_free_details                                 ? 
_reflns.Rmerge_F_all                                   ? 
_reflns.Rmerge_F_obs                                   ? 
_reflns.Friedel_coverage                               ? 
_reflns.number_gt                                      ? 
_reflns.threshold_expression                           ? 
_reflns.pdbx_redundancy                                10.1 
_reflns.pdbx_netI_over_av_sigmaI                       ? 
_reflns.pdbx_netI_over_sigmaI                          19.1 
_reflns.pdbx_res_netI_over_av_sigmaI_2                 ? 
_reflns.pdbx_res_netI_over_sigmaI_2                    ? 
_reflns.pdbx_chi_squared                               ? 
_reflns.pdbx_scaling_rejects                           ? 
_reflns.pdbx_d_res_high_opt                            ? 
_reflns.pdbx_d_res_low_opt                             ? 
_reflns.pdbx_d_res_opt_method                          ? 
_reflns.phase_calculation_details                      ? 
_reflns.pdbx_Rrim_I_all                                ? 
_reflns.pdbx_Rpim_I_all                                ? 
_reflns.pdbx_d_opt                                     ? 
_reflns.pdbx_number_measured_all                       ? 
_reflns.pdbx_diffrn_id                                 1 
_reflns.pdbx_ordinal                                   1 
_reflns.pdbx_CC_half                                   0.996 
_reflns.pdbx_CC_star                                   ? 
_reflns.pdbx_R_split                                   ? 
_reflns.pdbx_Rmerge_I_obs                              ? 
_reflns.pdbx_Rmerge_I_all                              ? 
_reflns.pdbx_Rsym_value                                ? 
_reflns.pdbx_CC_split_method                           ? 
_reflns.pdbx_aniso_diffraction_limit_axis_1_ortho[1]   ? 
_reflns.pdbx_aniso_diffraction_limit_axis_1_ortho[2]   ? 
_reflns.pdbx_aniso_diffraction_limit_axis_1_ortho[3]   ? 
_reflns.pdbx_aniso_diffraction_limit_axis_2_ortho[1]   ? 
_reflns.pdbx_aniso_diffraction_limit_axis_2_ortho[2]   ? 
_reflns.pdbx_aniso_diffraction_limit_axis_2_ortho[3]   ? 
_reflns.pdbx_aniso_diffraction_limit_axis_3_ortho[1]   ? 
_reflns.pdbx_aniso_diffraction_limit_axis_3_ortho[2]   ? 
_reflns.pdbx_aniso_diffraction_limit_axis_3_ortho[3]   ? 
_reflns.pdbx_aniso_diffraction_limit_1                 ? 
_reflns.pdbx_aniso_diffraction_limit_2                 ? 
_reflns.pdbx_aniso_diffraction_limit_3                 ? 
_reflns.pdbx_aniso_B_tensor_eigenvector_1_ortho[1]     ? 
_reflns.pdbx_aniso_B_tensor_eigenvector_1_ortho[2]     ? 
_reflns.pdbx_aniso_B_tensor_eigenvector_1_ortho[3]     ? 
_reflns.pdbx_aniso_B_tensor_eigenvector_2_ortho[1]     ? 
_reflns.pdbx_aniso_B_tensor_eigenvector_2_ortho[2]     ? 
_reflns.pdbx_aniso_B_tensor_eigenvector_2_ortho[3]     ? 
_reflns.pdbx_aniso_B_tensor_eigenvector_3_ortho[1]     ? 
_reflns.pdbx_aniso_B_tensor_eigenvector_3_ortho[2]     ? 
_reflns.pdbx_aniso_B_tensor_eigenvector_3_ortho[3]     ? 
_reflns.pdbx_aniso_B_tensor_eigenvalue_1               ? 
_reflns.pdbx_aniso_B_tensor_eigenvalue_2               ? 
_reflns.pdbx_aniso_B_tensor_eigenvalue_3               ? 
_reflns.pdbx_orthogonalization_convention              ? 
_reflns.pdbx_percent_possible_ellipsoidal              ? 
_reflns.pdbx_percent_possible_spherical                ? 
_reflns.pdbx_percent_possible_ellipsoidal_anomalous    ? 
_reflns.pdbx_percent_possible_spherical_anomalous      ? 
_reflns.pdbx_redundancy_anomalous                      ? 
_reflns.pdbx_CC_half_anomalous                         ? 
_reflns.pdbx_absDiff_over_sigma_anomalous              ? 
_reflns.pdbx_percent_possible_anomalous                ? 
_reflns.pdbx_observed_signal_threshold                 ? 
_reflns.pdbx_signal_type                               ? 
_reflns.pdbx_signal_details                            ? 
_reflns.pdbx_signal_software_id                        ? 
# 
_reflns_shell.d_res_high                                    1.80 
_reflns_shell.d_res_low                                     1.84 
_reflns_shell.meanI_over_sigI_all                           ? 
_reflns_shell.meanI_over_sigI_obs                           ? 
_reflns_shell.number_measured_all                           ? 
_reflns_shell.number_measured_obs                           ? 
_reflns_shell.number_possible                               ? 
_reflns_shell.number_unique_all                             ? 
_reflns_shell.number_unique_obs                             501 
_reflns_shell.percent_possible_obs                          ? 
_reflns_shell.Rmerge_F_all                                  ? 
_reflns_shell.Rmerge_F_obs                                  ? 
_reflns_shell.meanI_over_sigI_gt                            ? 
_reflns_shell.meanI_over_uI_all                             ? 
_reflns_shell.meanI_over_uI_gt                              ? 
_reflns_shell.number_measured_gt                            ? 
_reflns_shell.number_unique_gt                              ? 
_reflns_shell.percent_possible_gt                           ? 
_reflns_shell.Rmerge_F_gt                                   ? 
_reflns_shell.Rmerge_I_gt                                   ? 
_reflns_shell.pdbx_redundancy                               ? 
_reflns_shell.pdbx_chi_squared                              ? 
_reflns_shell.pdbx_netI_over_sigmaI_all                     ? 
_reflns_shell.pdbx_netI_over_sigmaI_obs                     ? 
_reflns_shell.pdbx_Rrim_I_all                               ? 
_reflns_shell.pdbx_Rpim_I_all                               ? 
_reflns_shell.pdbx_rejects                                  ? 
_reflns_shell.pdbx_ordinal                                  1 
_reflns_shell.pdbx_diffrn_id                                1 
_reflns_shell.pdbx_CC_half                                  0.838 
_reflns_shell.pdbx_CC_star                                  ? 
_reflns_shell.pdbx_R_split                                  ? 
_reflns_shell.percent_possible_all                          ? 
_reflns_shell.Rmerge_I_all                                  ? 
_reflns_shell.Rmerge_I_obs                                  ? 
_reflns_shell.pdbx_Rsym_value                               ? 
_reflns_shell.pdbx_percent_possible_ellipsoidal             ? 
_reflns_shell.pdbx_percent_possible_spherical               ? 
_reflns_shell.pdbx_percent_possible_ellipsoidal_anomalous   ? 
_reflns_shell.pdbx_percent_possible_spherical_anomalous     ? 
_reflns_shell.pdbx_redundancy_anomalous                     ? 
_reflns_shell.pdbx_CC_half_anomalous                        ? 
_reflns_shell.pdbx_absDiff_over_sigma_anomalous             ? 
_reflns_shell.pdbx_percent_possible_anomalous               ? 
# 
_refine.aniso_B[1][1]                            ? 
_refine.aniso_B[1][2]                            ? 
_refine.aniso_B[1][3]                            ? 
_refine.aniso_B[2][2]                            ? 
_refine.aniso_B[2][3]                            ? 
_refine.aniso_B[3][3]                            ? 
_refine.B_iso_max                                ? 
_refine.B_iso_mean                               ? 
_refine.B_iso_min                                ? 
_refine.correlation_coeff_Fo_to_Fc               ? 
_refine.correlation_coeff_Fo_to_Fc_free          ? 
_refine.details                                  ? 
_refine.diff_density_max                         ? 
_refine.diff_density_max_esd                     ? 
_refine.diff_density_min                         ? 
_refine.diff_density_min_esd                     ? 
_refine.diff_density_rms                         ? 
_refine.diff_density_rms_esd                     ? 
_refine.entry_id                                 8KC1 
_refine.pdbx_refine_id                           'X-RAY DIFFRACTION' 
_refine.ls_abs_structure_details                 ? 
_refine.ls_abs_structure_Flack                   ? 
_refine.ls_abs_structure_Flack_esd               ? 
_refine.ls_abs_structure_Rogers                  ? 
_refine.ls_abs_structure_Rogers_esd              ? 
_refine.ls_d_res_high                            1.80 
_refine.ls_d_res_low                             32.06 
_refine.ls_extinction_coef                       ? 
_refine.ls_extinction_coef_esd                   ? 
_refine.ls_extinction_expression                 ? 
_refine.ls_extinction_method                     ? 
_refine.ls_goodness_of_fit_all                   ? 
_refine.ls_goodness_of_fit_all_esd               ? 
_refine.ls_goodness_of_fit_obs                   ? 
_refine.ls_goodness_of_fit_obs_esd               ? 
_refine.ls_hydrogen_treatment                    ? 
_refine.ls_matrix_type                           ? 
_refine.ls_number_constraints                    ? 
_refine.ls_number_parameters                     ? 
_refine.ls_number_reflns_all                     ? 
_refine.ls_number_reflns_obs                     8730 
_refine.ls_number_reflns_R_free                  441 
_refine.ls_number_reflns_R_work                  ? 
_refine.ls_number_restraints                     ? 
_refine.ls_percent_reflns_obs                    97.83 
_refine.ls_percent_reflns_R_free                 5.05 
_refine.ls_R_factor_all                          ? 
_refine.ls_R_factor_obs                          0.2302 
_refine.ls_R_factor_R_free                       0.2491 
_refine.ls_R_factor_R_free_error                 ? 
_refine.ls_R_factor_R_free_error_details         ? 
_refine.ls_R_factor_R_work                       0.2292 
_refine.ls_R_Fsqd_factor_obs                     ? 
_refine.ls_R_I_factor_obs                        ? 
_refine.ls_redundancy_reflns_all                 ? 
_refine.ls_redundancy_reflns_obs                 ? 
_refine.ls_restrained_S_all                      ? 
_refine.ls_restrained_S_obs                      ? 
_refine.ls_shift_over_esd_max                    ? 
_refine.ls_shift_over_esd_mean                   ? 
_refine.ls_structure_factor_coef                 ? 
_refine.ls_weighting_details                     ? 
_refine.ls_weighting_scheme                      ? 
_refine.ls_wR_factor_all                         ? 
_refine.ls_wR_factor_obs                         ? 
_refine.ls_wR_factor_R_free                      ? 
_refine.ls_wR_factor_R_work                      ? 
_refine.occupancy_max                            ? 
_refine.occupancy_min                            ? 
_refine.solvent_model_details                    'FLAT BULK SOLVENT MODEL' 
_refine.solvent_model_param_bsol                 ? 
_refine.solvent_model_param_ksol                 ? 
_refine.pdbx_R_complete                          ? 
_refine.ls_R_factor_gt                           ? 
_refine.ls_goodness_of_fit_gt                    ? 
_refine.ls_goodness_of_fit_ref                   ? 
_refine.ls_shift_over_su_max                     ? 
_refine.ls_shift_over_su_max_lt                  ? 
_refine.ls_shift_over_su_mean                    ? 
_refine.ls_shift_over_su_mean_lt                 ? 
_refine.pdbx_ls_sigma_I                          ? 
_refine.pdbx_ls_sigma_F                          1.34 
_refine.pdbx_ls_sigma_Fsqd                       ? 
_refine.pdbx_data_cutoff_high_absF               ? 
_refine.pdbx_data_cutoff_high_rms_absF           ? 
_refine.pdbx_data_cutoff_low_absF                ? 
_refine.pdbx_isotropic_thermal_model             ? 
_refine.pdbx_ls_cross_valid_method               'FREE R-VALUE' 
_refine.pdbx_method_to_determine_struct          'MOLECULAR REPLACEMENT' 
_refine.pdbx_starting_model                      ? 
_refine.pdbx_stereochemistry_target_values       ML 
_refine.pdbx_R_Free_selection_details            ? 
_refine.pdbx_stereochem_target_val_spec_case     ? 
_refine.pdbx_overall_ESU_R                       ? 
_refine.pdbx_overall_ESU_R_Free                  ? 
_refine.pdbx_solvent_vdw_probe_radii             1.10 
_refine.pdbx_solvent_ion_probe_radii             ? 
_refine.pdbx_solvent_shrinkage_radii             0.90 
_refine.pdbx_real_space_R                        ? 
_refine.pdbx_density_correlation                 ? 
_refine.pdbx_pd_number_of_powder_patterns        ? 
_refine.pdbx_pd_number_of_points                 ? 
_refine.pdbx_pd_meas_number_of_points            ? 
_refine.pdbx_pd_proc_ls_prof_R_factor            ? 
_refine.pdbx_pd_proc_ls_prof_wR_factor           ? 
_refine.pdbx_pd_Marquardt_correlation_coeff      ? 
_refine.pdbx_pd_Fsqrd_R_factor                   ? 
_refine.pdbx_pd_ls_matrix_band_width             ? 
_refine.pdbx_overall_phase_error                 35.92 
_refine.pdbx_overall_SU_R_free_Cruickshank_DPI   ? 
_refine.pdbx_overall_SU_R_free_Blow_DPI          ? 
_refine.pdbx_overall_SU_R_Blow_DPI               ? 
_refine.pdbx_TLS_residual_ADP_flag               ? 
_refine.pdbx_diffrn_id                           1 
_refine.overall_SU_B                             ? 
_refine.overall_SU_ML                            0.20 
_refine.overall_SU_R_Cruickshank_DPI             ? 
_refine.overall_SU_R_free                        ? 
_refine.overall_FOM_free_R_set                   ? 
_refine.overall_FOM_work_R_set                   ? 
_refine.pdbx_average_fsc_overall                 ? 
_refine.pdbx_average_fsc_work                    ? 
_refine.pdbx_average_fsc_free                    ? 
# 
_refine_hist.pdbx_refine_id                   'X-RAY DIFFRACTION' 
_refine_hist.cycle_id                         LAST 
_refine_hist.details                          ? 
_refine_hist.d_res_high                       1.80 
_refine_hist.d_res_low                        32.06 
_refine_hist.number_atoms_solvent             52 
_refine_hist.number_atoms_total               684 
_refine_hist.number_reflns_all                ? 
_refine_hist.number_reflns_obs                ? 
_refine_hist.number_reflns_R_free             ? 
_refine_hist.number_reflns_R_work             ? 
_refine_hist.R_factor_all                     ? 
_refine_hist.R_factor_obs                     ? 
_refine_hist.R_factor_R_free                  ? 
_refine_hist.R_factor_R_work                  ? 
_refine_hist.pdbx_number_residues_total       ? 
_refine_hist.pdbx_B_iso_mean_ligand           ? 
_refine_hist.pdbx_B_iso_mean_solvent          ? 
_refine_hist.pdbx_number_atoms_protein        632 
_refine_hist.pdbx_number_atoms_nucleic_acid   0 
_refine_hist.pdbx_number_atoms_ligand         0 
_refine_hist.pdbx_number_atoms_lipid          ? 
_refine_hist.pdbx_number_atoms_carb           ? 
_refine_hist.pdbx_pseudo_atom_details         ? 
# 
loop_
_refine_ls_restr.pdbx_refine_id 
_refine_ls_restr.criterion 
_refine_ls_restr.dev_ideal 
_refine_ls_restr.dev_ideal_target 
_refine_ls_restr.number 
_refine_ls_restr.rejects 
_refine_ls_restr.type 
_refine_ls_restr.weight 
_refine_ls_restr.pdbx_restraint_function 
'X-RAY DIFFRACTION' ? 0.013 ? 642 ? f_bond_d           ? ? 
'X-RAY DIFFRACTION' ? 1.403 ? 869 ? f_angle_d          ? ? 
'X-RAY DIFFRACTION' ? 5.568 ? 86  ? f_dihedral_angle_d ? ? 
'X-RAY DIFFRACTION' ? 0.088 ? 99  ? f_chiral_restr     ? ? 
'X-RAY DIFFRACTION' ? 0.007 ? 115 ? f_plane_restr      ? ? 
# 
loop_
_refine_ls_shell.pdbx_refine_id 
_refine_ls_shell.d_res_high 
_refine_ls_shell.d_res_low 
_refine_ls_shell.number_reflns_all 
_refine_ls_shell.number_reflns_obs 
_refine_ls_shell.number_reflns_R_free 
_refine_ls_shell.number_reflns_R_work 
_refine_ls_shell.percent_reflns_obs 
_refine_ls_shell.percent_reflns_R_free 
_refine_ls_shell.R_factor_all 
_refine_ls_shell.R_factor_obs 
_refine_ls_shell.R_factor_R_free_error 
_refine_ls_shell.R_factor_R_work 
_refine_ls_shell.redundancy_reflns_all 
_refine_ls_shell.redundancy_reflns_obs 
_refine_ls_shell.wR_factor_all 
_refine_ls_shell.wR_factor_obs 
_refine_ls_shell.wR_factor_R_free 
_refine_ls_shell.wR_factor_R_work 
_refine_ls_shell.pdbx_R_complete 
_refine_ls_shell.pdbx_total_number_of_bins_used 
_refine_ls_shell.pdbx_phase_error 
_refine_ls_shell.pdbx_fsc_work 
_refine_ls_shell.pdbx_fsc_free 
_refine_ls_shell.R_factor_R_free 
'X-RAY DIFFRACTION' 1.80 2.06  . . 148 2574 94.00  . . . . 0.2906 . . . . . . . . . . . 0.3350 
'X-RAY DIFFRACTION' 2.06 2.60  . . 155 2771 100.00 . . . . 0.3022 . . . . . . . . . . . 0.3377 
'X-RAY DIFFRACTION' 2.60 32.06 . . 138 2944 100.00 . . . . 0.2026 . . . . . . . . . . . 0.2106 
# 
_struct.entry_id                     8KC1 
_struct.title                        'De novo design protein -NX5' 
_struct.pdbx_model_details           ? 
_struct.pdbx_formula_weight          ? 
_struct.pdbx_formula_weight_method   ? 
_struct.pdbx_model_type_details      ? 
_struct.pdbx_CASP_flag               N 
# 
_struct_keywords.entry_id        8KC1 
_struct_keywords.text            'De novo design protein, DE NOVO PROTEIN' 
_struct_keywords.pdbx_keywords   'DE NOVO PROTEIN' 
# 
loop_
_struct_asym.id 
_struct_asym.pdbx_blank_PDB_chainid_flag 
_struct_asym.pdbx_modified 
_struct_asym.entity_id 
_struct_asym.details 
A N N 1 ? 
B N N 2 ? 
# 
_struct_ref.id                         1 
_struct_ref.db_name                    PDB 
_struct_ref.db_code                    8KC1 
_struct_ref.pdbx_db_accession          8KC1 
_struct_ref.pdbx_db_isoform            ? 
_struct_ref.entity_id                  1 
_struct_ref.pdbx_seq_one_letter_code   ? 
_struct_ref.pdbx_align_begin           1 
# 
_struct_ref_seq.align_id                      1 
_struct_ref_seq.ref_id                        1 
_struct_ref_seq.pdbx_PDB_id_code              8KC1 
_struct_ref_seq.pdbx_strand_id                A 
_struct_ref_seq.seq_align_beg                 1 
_struct_ref_seq.pdbx_seq_align_beg_ins_code   ? 
_struct_ref_seq.seq_align_end                 87 
_struct_ref_seq.pdbx_seq_align_end_ins_code   ? 
_struct_ref_seq.pdbx_db_accession             8KC1 
_struct_ref_seq.db_align_beg                  0 
_struct_ref_seq.pdbx_db_align_beg_ins_code    ? 
_struct_ref_seq.db_align_end                  86 
_struct_ref_seq.pdbx_db_align_end_ins_code    ? 
_struct_ref_seq.pdbx_auth_seq_align_beg       0 
_struct_ref_seq.pdbx_auth_seq_align_end       86 
# 
_pdbx_struct_assembly.id                   1 
_pdbx_struct_assembly.details              author_and_software_defined_assembly 
_pdbx_struct_assembly.method_details       PISA 
_pdbx_struct_assembly.oligomeric_details   dimeric 
_pdbx_struct_assembly.oligomeric_count     2 
# 
loop_
_pdbx_struct_assembly_prop.biol_id 
_pdbx_struct_assembly_prop.type 
_pdbx_struct_assembly_prop.value 
_pdbx_struct_assembly_prop.details 
1 'ABSA (A^2)' 1530 ? 
1 MORE         -11  ? 
1 'SSA (A^2)'  8470 ? 
# 
_pdbx_struct_assembly_gen.assembly_id       1 
_pdbx_struct_assembly_gen.oper_expression   1,2 
_pdbx_struct_assembly_gen.asym_id_list      A,B 
# 
_pdbx_struct_assembly_auth_evidence.id                     1 
_pdbx_struct_assembly_auth_evidence.assembly_id            1 
_pdbx_struct_assembly_auth_evidence.experimental_support   'gel filtration' 
_pdbx_struct_assembly_auth_evidence.details                ? 
# 
loop_
_pdbx_struct_oper_list.id 
_pdbx_struct_oper_list.type 
_pdbx_struct_oper_list.name 
_pdbx_struct_oper_list.symmetry_operation 
_pdbx_struct_oper_list.matrix[1][1] 
_pdbx_struct_oper_list.matrix[1][2] 
_pdbx_struct_oper_list.matrix[1][3] 
_pdbx_struct_oper_list.vector[1] 
_pdbx_struct_oper_list.matrix[2][1] 
_pdbx_struct_oper_list.matrix[2][2] 
_pdbx_struct_oper_list.matrix[2][3] 
_pdbx_struct_oper_list.vector[2] 
_pdbx_struct_oper_list.matrix[3][1] 
_pdbx_struct_oper_list.matrix[3][2] 
_pdbx_struct_oper_list.matrix[3][3] 
_pdbx_struct_oper_list.vector[3] 
1 'identity operation'         1_555 x,y,z         1.0000000000  0.0000000000  0.0000000000  0.0000000000  0.0000000000  1.0000000000  0.0000000000 0.0000000000  0.0000000000  0.0000000000 1.0000000000 0.0000000000  
2 'crystal symmetry operation' 3_655 -x+1,y,-z+1/2 -0.9592633211 -0.1473177958 -0.2410629540 14.8383470471 -0.1473177958 -0.4672483483 0.8717662806 13.2370346943 -0.2410629540 0.8717662806 0.4265116694 -5.5818854487 
# 
loop_
_struct_conf.conf_type_id 
_struct_conf.id 
_struct_conf.pdbx_PDB_helix_id 
_struct_conf.beg_label_comp_id 
_struct_conf.beg_label_asym_id 
_struct_conf.beg_label_seq_id 
_struct_conf.pdbx_beg_PDB_ins_code 
_struct_conf.end_label_comp_id 
_struct_conf.end_label_asym_id 
_struct_conf.end_label_seq_id 
_struct_conf.pdbx_end_PDB_ins_code 
_struct_conf.beg_auth_comp_id 
_struct_conf.beg_auth_asym_id 
_struct_conf.beg_auth_seq_id 
_struct_conf.end_auth_comp_id 
_struct_conf.end_auth_asym_id 
_struct_conf.end_auth_seq_id 
_struct_conf.pdbx_PDB_helix_class 
_struct_conf.details 
_struct_conf.pdbx_PDB_helix_length 
HELX_P HELX_P1 AA1 HIS A 10 ? SER A 12 ? HIS A 9  SER A 11 5 ? 3  
HELX_P HELX_P2 AA2 LYS A 13 ? GLY A 29 ? LYS A 12 GLY A 28 1 ? 17 
HELX_P HELX_P3 AA3 ASP A 65 ? HIS A 83 ? ASP A 64 HIS A 82 1 ? 19 
# 
_struct_conf_type.id          HELX_P 
_struct_conf_type.criteria    ? 
_struct_conf_type.reference   ? 
# 
_struct_sheet.id               AA1 
_struct_sheet.type             ? 
_struct_sheet.number_strands   4 
_struct_sheet.details          ? 
# 
loop_
_struct_sheet_order.sheet_id 
_struct_sheet_order.range_id_1 
_struct_sheet_order.range_id_2 
_struct_sheet_order.offset 
_struct_sheet_order.sense 
AA1 1 2 ? parallel      
AA1 2 3 ? anti-parallel 
AA1 3 4 ? anti-parallel 
# 
loop_
_struct_sheet_range.sheet_id 
_struct_sheet_range.id 
_struct_sheet_range.beg_label_comp_id 
_struct_sheet_range.beg_label_asym_id 
_struct_sheet_range.beg_label_seq_id 
_struct_sheet_range.pdbx_beg_PDB_ins_code 
_struct_sheet_range.end_label_comp_id 
_struct_sheet_range.end_label_asym_id 
_struct_sheet_range.end_label_seq_id 
_struct_sheet_range.pdbx_end_PDB_ins_code 
_struct_sheet_range.beg_auth_comp_id 
_struct_sheet_range.beg_auth_asym_id 
_struct_sheet_range.beg_auth_seq_id 
_struct_sheet_range.end_auth_comp_id 
_struct_sheet_range.end_auth_asym_id 
_struct_sheet_range.end_auth_seq_id 
AA1 1 LEU A 32 ? ALA A 38 ? LEU A 31 ALA A 37 
AA1 2 VAL A 3  ? THR A 9  ? VAL A 2  THR A 8  
AA1 3 GLY A 47 ? THR A 53 ? GLY A 46 THR A 52 
AA1 4 GLU A 58 ? GLY A 63 ? GLU A 57 GLY A 62 
# 
loop_
_pdbx_struct_sheet_hbond.sheet_id 
_pdbx_struct_sheet_hbond.range_id_1 
_pdbx_struct_sheet_hbond.range_id_2 
_pdbx_struct_sheet_hbond.range_1_label_atom_id 
_pdbx_struct_sheet_hbond.range_1_label_comp_id 
_pdbx_struct_sheet_hbond.range_1_label_asym_id 
_pdbx_struct_sheet_hbond.range_1_label_seq_id 
_pdbx_struct_sheet_hbond.range_1_PDB_ins_code 
_pdbx_struct_sheet_hbond.range_1_auth_atom_id 
_pdbx_struct_sheet_hbond.range_1_auth_comp_id 
_pdbx_struct_sheet_hbond.range_1_auth_asym_id 
_pdbx_struct_sheet_hbond.range_1_auth_seq_id 
_pdbx_struct_sheet_hbond.range_2_label_atom_id 
_pdbx_struct_sheet_hbond.range_2_label_comp_id 
_pdbx_struct_sheet_hbond.range_2_label_asym_id 
_pdbx_struct_sheet_hbond.range_2_label_seq_id 
_pdbx_struct_sheet_hbond.range_2_PDB_ins_code 
_pdbx_struct_sheet_hbond.range_2_auth_atom_id 
_pdbx_struct_sheet_hbond.range_2_auth_comp_id 
_pdbx_struct_sheet_hbond.range_2_auth_asym_id 
_pdbx_struct_sheet_hbond.range_2_auth_seq_id 
AA1 1 2 O ILE A 37 ? O ILE A 36 N ALA A 7  ? N ALA A 6  
AA1 2 3 N VAL A 4  ? N VAL A 3  O LYS A 52 ? O LYS A 51 
AA1 3 4 N LEU A 51 ? N LEU A 50 O VAL A 59 ? O VAL A 58 
# 
_pdbx_entry_details.entry_id                   8KC1 
_pdbx_entry_details.compound_details           ? 
_pdbx_entry_details.source_details             ? 
_pdbx_entry_details.nonpolymer_details         ? 
_pdbx_entry_details.sequence_details           ? 
_pdbx_entry_details.has_ligand_of_interest     ? 
_pdbx_entry_details.has_protein_modification   N 
# 
_pdbx_validate_close_contact.id               1 
_pdbx_validate_close_contact.PDB_model_num    1 
_pdbx_validate_close_contact.auth_atom_id_1   O 
_pdbx_validate_close_contact.auth_asym_id_1   A 
_pdbx_validate_close_contact.auth_comp_id_1   HOH 
_pdbx_validate_close_contact.auth_seq_id_1    127 
_pdbx_validate_close_contact.PDB_ins_code_1   ? 
_pdbx_validate_close_contact.label_alt_id_1   ? 
_pdbx_validate_close_contact.auth_atom_id_2   O 
_pdbx_validate_close_contact.auth_asym_id_2   A 
_pdbx_validate_close_contact.auth_comp_id_2   HOH 
_pdbx_validate_close_contact.auth_seq_id_2    139 
_pdbx_validate_close_contact.PDB_ins_code_2   ? 
_pdbx_validate_close_contact.label_alt_id_2   ? 
_pdbx_validate_close_contact.dist             2.12 
# 
_pdbx_struct_special_symmetry.id              1 
_pdbx_struct_special_symmetry.PDB_model_num   1 
_pdbx_struct_special_symmetry.auth_asym_id    A 
_pdbx_struct_special_symmetry.auth_comp_id    HOH 
_pdbx_struct_special_symmetry.auth_seq_id     136 
_pdbx_struct_special_symmetry.PDB_ins_code    ? 
_pdbx_struct_special_symmetry.label_asym_id   B 
_pdbx_struct_special_symmetry.label_comp_id   HOH 
_pdbx_struct_special_symmetry.label_seq_id    . 
# 
loop_
_pdbx_refine_tls.id 
_pdbx_refine_tls.pdbx_refine_id 
_pdbx_refine_tls.details 
_pdbx_refine_tls.method 
_pdbx_refine_tls.origin_x 
_pdbx_refine_tls.origin_y 
_pdbx_refine_tls.origin_z 
_pdbx_refine_tls.T[1][1] 
_pdbx_refine_tls.T[1][1]_esd 
_pdbx_refine_tls.T[1][2] 
_pdbx_refine_tls.T[1][2]_esd 
_pdbx_refine_tls.T[1][3] 
_pdbx_refine_tls.T[1][3]_esd 
_pdbx_refine_tls.T[2][2] 
_pdbx_refine_tls.T[2][2]_esd 
_pdbx_refine_tls.T[2][3] 
_pdbx_refine_tls.T[2][3]_esd 
_pdbx_refine_tls.T[3][3] 
_pdbx_refine_tls.T[3][3]_esd 
_pdbx_refine_tls.L[1][1] 
_pdbx_refine_tls.L[1][1]_esd 
_pdbx_refine_tls.L[1][2] 
_pdbx_refine_tls.L[1][2]_esd 
_pdbx_refine_tls.L[1][3] 
_pdbx_refine_tls.L[1][3]_esd 
_pdbx_refine_tls.L[2][2] 
_pdbx_refine_tls.L[2][2]_esd 
_pdbx_refine_tls.L[2][3] 
_pdbx_refine_tls.L[2][3]_esd 
_pdbx_refine_tls.L[3][3] 
_pdbx_refine_tls.L[3][3]_esd 
_pdbx_refine_tls.S[1][1] 
_pdbx_refine_tls.S[1][1]_esd 
_pdbx_refine_tls.S[1][2] 
_pdbx_refine_tls.S[1][2]_esd 
_pdbx_refine_tls.S[1][3] 
_pdbx_refine_tls.S[1][3]_esd 
_pdbx_refine_tls.S[2][1] 
_pdbx_refine_tls.S[2][1]_esd 
_pdbx_refine_tls.S[2][2] 
_pdbx_refine_tls.S[2][2]_esd 
_pdbx_refine_tls.S[2][3] 
_pdbx_refine_tls.S[2][3]_esd 
_pdbx_refine_tls.S[3][1] 
_pdbx_refine_tls.S[3][1]_esd 
_pdbx_refine_tls.S[3][2] 
_pdbx_refine_tls.S[3][2]_esd 
_pdbx_refine_tls.S[3][3] 
_pdbx_refine_tls.S[3][3]_esd 
1 'X-RAY DIFFRACTION' ? refined -1.2434 -2.1397 -3.3547 0.3412 ? 0.0778  ? 0.1364 ? 0.2745 ? 0.0523  ? 0.5728 ? 8.8321 ? -8.1226 ? -0.8541 ? 9.8197 ? 2.4265 ? 1.2103 ? 0.2618  ? 0.0703  ? 0.7695 ? -0.0780 ? -0.1723 ? 0.5164 ? -0.3875 ? -0.3967 ? -0.2017 ? 
2 'X-RAY DIFFRACTION' ? refined -1.9599 -6.3012 1.4642  0.3535 ? -0.0018 ? 0.1520 ? 0.2235 ? -0.0156 ? 0.5726 ? 5.3937 ? -2.1030 ? 2.6367  ? 6.4789 ? 1.9968 ? 3.5432 ? -0.1348 ? 0.0342  ? 1.1243 ? 0.5520  ? -0.2676 ? 0.7826 ? 0.2557  ? -0.2059 ? 0.3200  ? 
3 'X-RAY DIFFRACTION' ? refined 2.3884  6.8994  -0.3402 0.2924 ? -0.0303 ? 0.0105 ? 0.2253 ? 0.0175  ? 0.4725 ? 6.1947 ? 0.7393  ? -0.1702 ? 4.7044 ? 0.7741 ? 7.8314 ? -0.2887 ? -0.1873 ? 0.2235 ? 0.1795  ? -0.2971 ? 0.3635 ? -0.4559 ? 0.0695  ? 0.5834  ? 
# 
loop_
_pdbx_refine_tls_group.id 
_pdbx_refine_tls_group.pdbx_refine_id 
_pdbx_refine_tls_group.refine_tls_id 
_pdbx_refine_tls_group.beg_label_asym_id 
_pdbx_refine_tls_group.beg_label_seq_id 
_pdbx_refine_tls_group.beg_auth_asym_id 
_pdbx_refine_tls_group.beg_auth_seq_id 
_pdbx_refine_tls_group.beg_PDB_ins_code 
_pdbx_refine_tls_group.end_label_asym_id 
_pdbx_refine_tls_group.end_label_seq_id 
_pdbx_refine_tls_group.end_auth_asym_id 
_pdbx_refine_tls_group.end_auth_seq_id 
_pdbx_refine_tls_group.end_PDB_ins_code 
_pdbx_refine_tls_group.selection 
_pdbx_refine_tls_group.selection_details 
1 'X-RAY DIFFRACTION' 1 ? ? ? ? ? ? ? ? ? ? ? 
;chain 'A' and (resid 0 through 9 )
;
2 'X-RAY DIFFRACTION' 2 ? ? ? ? ? ? ? ? ? ? ? 
;chain 'A' and (resid 10 through 45 )
;
3 'X-RAY DIFFRACTION' 3 ? ? ? ? ? ? ? ? ? ? ? 
;chain 'A' and (resid 46 through 82 )
;
# 
_pdbx_distant_solvent_atoms.id                                1 
_pdbx_distant_solvent_atoms.PDB_model_num                     1 
_pdbx_distant_solvent_atoms.auth_atom_id                      O 
_pdbx_distant_solvent_atoms.label_alt_id                      ? 
_pdbx_distant_solvent_atoms.auth_asym_id                      A 
_pdbx_distant_solvent_atoms.auth_comp_id                      HOH 
_pdbx_distant_solvent_atoms.auth_seq_id                       152 
_pdbx_distant_solvent_atoms.PDB_ins_code                      ? 
_pdbx_distant_solvent_atoms.neighbor_macromolecule_distance   6.05 
_pdbx_distant_solvent_atoms.neighbor_ligand_distance          . 
# 
loop_
_pdbx_unobs_or_zero_occ_residues.id 
_pdbx_unobs_or_zero_occ_residues.PDB_model_num 
_pdbx_unobs_or_zero_occ_residues.polymer_flag 
_pdbx_unobs_or_zero_occ_residues.occupancy_flag 
_pdbx_unobs_or_zero_occ_residues.auth_asym_id 
_pdbx_unobs_or_zero_occ_residues.auth_comp_id 
_pdbx_unobs_or_zero_occ_residues.auth_seq_id 
_pdbx_unobs_or_zero_occ_residues.PDB_ins_code 
_pdbx_unobs_or_zero_occ_residues.label_asym_id 
_pdbx_unobs_or_zero_occ_residues.label_comp_id 
_pdbx_unobs_or_zero_occ_residues.label_seq_id 
1 1 Y 1 A HIS 83 ? A HIS 84 
2 1 Y 1 A HIS 84 ? A HIS 85 
3 1 Y 1 A HIS 85 ? A HIS 86 
4 1 Y 1 A HIS 86 ? A HIS 87 
# 
loop_
_chem_comp_atom.comp_id 
_chem_comp_atom.atom_id 
_chem_comp_atom.type_symbol 
_chem_comp_atom.pdbx_aromatic_flag 
_chem_comp_atom.pdbx_stereo_config 
_chem_comp_atom.pdbx_ordinal 
ALA N    N N N 1   
ALA CA   C N S 2   
ALA C    C N N 3   
ALA O    O N N 4   
ALA CB   C N N 5   
ALA OXT  O N N 6   
ALA H    H N N 7   
ALA H2   H N N 8   
ALA HA   H N N 9   
ALA HB1  H N N 10  
ALA HB2  H N N 11  
ALA HB3  H N N 12  
ALA HXT  H N N 13  
ARG N    N N N 14  
ARG CA   C N S 15  
ARG C    C N N 16  
ARG O    O N N 17  
ARG CB   C N N 18  
ARG CG   C N N 19  
ARG CD   C N N 20  
ARG NE   N N N 21  
ARG CZ   C N N 22  
ARG NH1  N N N 23  
ARG NH2  N N N 24  
ARG OXT  O N N 25  
ARG H    H N N 26  
ARG H2   H N N 27  
ARG HA   H N N 28  
ARG HB2  H N N 29  
ARG HB3  H N N 30  
ARG HG2  H N N 31  
ARG HG3  H N N 32  
ARG HD2  H N N 33  
ARG HD3  H N N 34  
ARG HE   H N N 35  
ARG HH11 H N N 36  
ARG HH12 H N N 37  
ARG HH21 H N N 38  
ARG HH22 H N N 39  
ARG HXT  H N N 40  
ASN N    N N N 41  
ASN CA   C N S 42  
ASN C    C N N 43  
ASN O    O N N 44  
ASN CB   C N N 45  
ASN CG   C N N 46  
ASN OD1  O N N 47  
ASN ND2  N N N 48  
ASN OXT  O N N 49  
ASN H    H N N 50  
ASN H2   H N N 51  
ASN HA   H N N 52  
ASN HB2  H N N 53  
ASN HB3  H N N 54  
ASN HD21 H N N 55  
ASN HD22 H N N 56  
ASN HXT  H N N 57  
ASP N    N N N 58  
ASP CA   C N S 59  
ASP C    C N N 60  
ASP O    O N N 61  
ASP CB   C N N 62  
ASP CG   C N N 63  
ASP OD1  O N N 64  
ASP OD2  O N N 65  
ASP OXT  O N N 66  
ASP H    H N N 67  
ASP H2   H N N 68  
ASP HA   H N N 69  
ASP HB2  H N N 70  
ASP HB3  H N N 71  
ASP HD2  H N N 72  
ASP HXT  H N N 73  
GLU N    N N N 74  
GLU CA   C N S 75  
GLU C    C N N 76  
GLU O    O N N 77  
GLU CB   C N N 78  
GLU CG   C N N 79  
GLU CD   C N N 80  
GLU OE1  O N N 81  
GLU OE2  O N N 82  
GLU OXT  O N N 83  
GLU H    H N N 84  
GLU H2   H N N 85  
GLU HA   H N N 86  
GLU HB2  H N N 87  
GLU HB3  H N N 88  
GLU HG2  H N N 89  
GLU HG3  H N N 90  
GLU HE2  H N N 91  
GLU HXT  H N N 92  
GLY N    N N N 93  
GLY CA   C N N 94  
GLY C    C N N 95  
GLY O    O N N 96  
GLY OXT  O N N 97  
GLY H    H N N 98  
GLY H2   H N N 99  
GLY HA2  H N N 100 
GLY HA3  H N N 101 
GLY HXT  H N N 102 
HIS N    N N N 103 
HIS CA   C N S 104 
HIS C    C N N 105 
HIS O    O N N 106 
HIS CB   C N N 107 
HIS CG   C Y N 108 
HIS ND1  N Y N 109 
HIS CD2  C Y N 110 
HIS CE1  C Y N 111 
HIS NE2  N Y N 112 
HIS OXT  O N N 113 
HIS H    H N N 114 
HIS H2   H N N 115 
HIS HA   H N N 116 
HIS HB2  H N N 117 
HIS HB3  H N N 118 
HIS HD1  H N N 119 
HIS HD2  H N N 120 
HIS HE1  H N N 121 
HIS HE2  H N N 122 
HIS HXT  H N N 123 
HOH O    O N N 124 
HOH H1   H N N 125 
HOH H2   H N N 126 
ILE N    N N N 127 
ILE CA   C N S 128 
ILE C    C N N 129 
ILE O    O N N 130 
ILE CB   C N S 131 
ILE CG1  C N N 132 
ILE CG2  C N N 133 
ILE CD1  C N N 134 
ILE OXT  O N N 135 
ILE H    H N N 136 
ILE H2   H N N 137 
ILE HA   H N N 138 
ILE HB   H N N 139 
ILE HG12 H N N 140 
ILE HG13 H N N 141 
ILE HG21 H N N 142 
ILE HG22 H N N 143 
ILE HG23 H N N 144 
ILE HD11 H N N 145 
ILE HD12 H N N 146 
ILE HD13 H N N 147 
ILE HXT  H N N 148 
LEU N    N N N 149 
LEU CA   C N S 150 
LEU C    C N N 151 
LEU O    O N N 152 
LEU CB   C N N 153 
LEU CG   C N N 154 
LEU CD1  C N N 155 
LEU CD2  C N N 156 
LEU OXT  O N N 157 
LEU H    H N N 158 
LEU H2   H N N 159 
LEU HA   H N N 160 
LEU HB2  H N N 161 
LEU HB3  H N N 162 
LEU HG   H N N 163 
LEU HD11 H N N 164 
LEU HD12 H N N 165 
LEU HD13 H N N 166 
LEU HD21 H N N 167 
LEU HD22 H N N 168 
LEU HD23 H N N 169 
LEU HXT  H N N 170 
LYS N    N N N 171 
LYS CA   C N S 172 
LYS C    C N N 173 
LYS O    O N N 174 
LYS CB   C N N 175 
LYS CG   C N N 176 
LYS CD   C N N 177 
LYS CE   C N N 178 
LYS NZ   N N N 179 
LYS OXT  O N N 180 
LYS H    H N N 181 
LYS H2   H N N 182 
LYS HA   H N N 183 
LYS HB2  H N N 184 
LYS HB3  H N N 185 
LYS HG2  H N N 186 
LYS HG3  H N N 187 
LYS HD2  H N N 188 
LYS HD3  H N N 189 
LYS HE2  H N N 190 
LYS HE3  H N N 191 
LYS HZ1  H N N 192 
LYS HZ2  H N N 193 
LYS HZ3  H N N 194 
LYS HXT  H N N 195 
PHE N    N N N 196 
PHE CA   C N S 197 
PHE C    C N N 198 
PHE O    O N N 199 
PHE CB   C N N 200 
PHE CG   C Y N 201 
PHE CD1  C Y N 202 
PHE CD2  C Y N 203 
PHE CE1  C Y N 204 
PHE CE2  C Y N 205 
PHE CZ   C Y N 206 
PHE OXT  O N N 207 
PHE H    H N N 208 
PHE H2   H N N 209 
PHE HA   H N N 210 
PHE HB2  H N N 211 
PHE HB3  H N N 212 
PHE HD1  H N N 213 
PHE HD2  H N N 214 
PHE HE1  H N N 215 
PHE HE2  H N N 216 
PHE HZ   H N N 217 
PHE HXT  H N N 218 
PRO N    N N N 219 
PRO CA   C N S 220 
PRO C    C N N 221 
PRO O    O N N 222 
PRO CB   C N N 223 
PRO CG   C N N 224 
PRO CD   C N N 225 
PRO OXT  O N N 226 
PRO H    H N N 227 
PRO HA   H N N 228 
PRO HB2  H N N 229 
PRO HB3  H N N 230 
PRO HG2  H N N 231 
PRO HG3  H N N 232 
PRO HD2  H N N 233 
PRO HD3  H N N 234 
PRO HXT  H N N 235 
SER N    N N N 236 
SER CA   C N S 237 
SER C    C N N 238 
SER O    O N N 239 
SER CB   C N N 240 
SER OG   O N N 241 
SER OXT  O N N 242 
SER H    H N N 243 
SER H2   H N N 244 
SER HA   H N N 245 
SER HB2  H N N 246 
SER HB3  H N N 247 
SER HG   H N N 248 
SER HXT  H N N 249 
THR N    N N N 250 
THR CA   C N S 251 
THR C    C N N 252 
THR O    O N N 253 
THR CB   C N R 254 
THR OG1  O N N 255 
THR CG2  C N N 256 
THR OXT  O N N 257 
THR H    H N N 258 
THR H2   H N N 259 
THR HA   H N N 260 
THR HB   H N N 261 
THR HG1  H N N 262 
THR HG21 H N N 263 
THR HG22 H N N 264 
THR HG23 H N N 265 
THR HXT  H N N 266 
TRP N    N N N 267 
TRP CA   C N S 268 
TRP C    C N N 269 
TRP O    O N N 270 
TRP CB   C N N 271 
TRP CG   C Y N 272 
TRP CD1  C Y N 273 
TRP CD2  C Y N 274 
TRP NE1  N Y N 275 
TRP CE2  C Y N 276 
TRP CE3  C Y N 277 
TRP CZ2  C Y N 278 
TRP CZ3  C Y N 279 
TRP CH2  C Y N 280 
TRP OXT  O N N 281 
TRP H    H N N 282 
TRP H2   H N N 283 
TRP HA   H N N 284 
TRP HB2  H N N 285 
TRP HB3  H N N 286 
TRP HD1  H N N 287 
TRP HE1  H N N 288 
TRP HE3  H N N 289 
TRP HZ2  H N N 290 
TRP HZ3  H N N 291 
TRP HH2  H N N 292 
TRP HXT  H N N 293 
TYR N    N N N 294 
TYR CA   C N S 295 
TYR C    C N N 296 
TYR O    O N N 297 
TYR CB   C N N 298 
TYR CG   C Y N 299 
TYR CD1  C Y N 300 
TYR CD2  C Y N 301 
TYR CE1  C Y N 302 
TYR CE2  C Y N 303 
TYR CZ   C Y N 304 
TYR OH   O N N 305 
TYR OXT  O N N 306 
TYR H    H N N 307 
TYR H2   H N N 308 
TYR HA   H N N 309 
TYR HB2  H N N 310 
TYR HB3  H N N 311 
TYR HD1  H N N 312 
TYR HD2  H N N 313 
TYR HE1  H N N 314 
TYR HE2  H N N 315 
TYR HH   H N N 316 
TYR HXT  H N N 317 
VAL N    N N N 318 
VAL CA   C N S 319 
VAL C    C N N 320 
VAL O    O N N 321 
VAL CB   C N N 322 
VAL CG1  C N N 323 
VAL CG2  C N N 324 
VAL OXT  O N N 325 
VAL H    H N N 326 
VAL H2   H N N 327 
VAL HA   H N N 328 
VAL HB   H N N 329 
VAL HG11 H N N 330 
VAL HG12 H N N 331 
VAL HG13 H N N 332 
VAL HG21 H N N 333 
VAL HG22 H N N 334 
VAL HG23 H N N 335 
VAL HXT  H N N 336 
# 
loop_
_chem_comp_bond.comp_id 
_chem_comp_bond.atom_id_1 
_chem_comp_bond.atom_id_2 
_chem_comp_bond.value_order 
_chem_comp_bond.pdbx_aromatic_flag 
_chem_comp_bond.pdbx_stereo_config 
_chem_comp_bond.pdbx_ordinal 
ALA N   CA   sing N N 1   
ALA N   H    sing N N 2   
ALA N   H2   sing N N 3   
ALA CA  C    sing N N 4   
ALA CA  CB   sing N N 5   
ALA CA  HA   sing N N 6   
ALA C   O    doub N N 7   
ALA C   OXT  sing N N 8   
ALA CB  HB1  sing N N 9   
ALA CB  HB2  sing N N 10  
ALA CB  HB3  sing N N 11  
ALA OXT HXT  sing N N 12  
ARG N   CA   sing N N 13  
ARG N   H    sing N N 14  
ARG N   H2   sing N N 15  
ARG CA  C    sing N N 16  
ARG CA  CB   sing N N 17  
ARG CA  HA   sing N N 18  
ARG C   O    doub N N 19  
ARG C   OXT  sing N N 20  
ARG CB  CG   sing N N 21  
ARG CB  HB2  sing N N 22  
ARG CB  HB3  sing N N 23  
ARG CG  CD   sing N N 24  
ARG CG  HG2  sing N N 25  
ARG CG  HG3  sing N N 26  
ARG CD  NE   sing N N 27  
ARG CD  HD2  sing N N 28  
ARG CD  HD3  sing N N 29  
ARG NE  CZ   sing N N 30  
ARG NE  HE   sing N N 31  
ARG CZ  NH1  sing N N 32  
ARG CZ  NH2  doub N N 33  
ARG NH1 HH11 sing N N 34  
ARG NH1 HH12 sing N N 35  
ARG NH2 HH21 sing N N 36  
ARG NH2 HH22 sing N N 37  
ARG OXT HXT  sing N N 38  
ASN N   CA   sing N N 39  
ASN N   H    sing N N 40  
ASN N   H2   sing N N 41  
ASN CA  C    sing N N 42  
ASN CA  CB   sing N N 43  
ASN CA  HA   sing N N 44  
ASN C   O    doub N N 45  
ASN C   OXT  sing N N 46  
ASN CB  CG   sing N N 47  
ASN CB  HB2  sing N N 48  
ASN CB  HB3  sing N N 49  
ASN CG  OD1  doub N N 50  
ASN CG  ND2  sing N N 51  
ASN ND2 HD21 sing N N 52  
ASN ND2 HD22 sing N N 53  
ASN OXT HXT  sing N N 54  
ASP N   CA   sing N N 55  
ASP N   H    sing N N 56  
ASP N   H2   sing N N 57  
ASP CA  C    sing N N 58  
ASP CA  CB   sing N N 59  
ASP CA  HA   sing N N 60  
ASP C   O    doub N N 61  
ASP C   OXT  sing N N 62  
ASP CB  CG   sing N N 63  
ASP CB  HB2  sing N N 64  
ASP CB  HB3  sing N N 65  
ASP CG  OD1  doub N N 66  
ASP CG  OD2  sing N N 67  
ASP OD2 HD2  sing N N 68  
ASP OXT HXT  sing N N 69  
GLU N   CA   sing N N 70  
GLU N   H    sing N N 71  
GLU N   H2   sing N N 72  
GLU CA  C    sing N N 73  
GLU CA  CB   sing N N 74  
GLU CA  HA   sing N N 75  
GLU C   O    doub N N 76  
GLU C   OXT  sing N N 77  
GLU CB  CG   sing N N 78  
GLU CB  HB2  sing N N 79  
GLU CB  HB3  sing N N 80  
GLU CG  CD   sing N N 81  
GLU CG  HG2  sing N N 82  
GLU CG  HG3  sing N N 83  
GLU CD  OE1  doub N N 84  
GLU CD  OE2  sing N N 85  
GLU OE2 HE2  sing N N 86  
GLU OXT HXT  sing N N 87  
GLY N   CA   sing N N 88  
GLY N   H    sing N N 89  
GLY N   H2   sing N N 90  
GLY CA  C    sing N N 91  
GLY CA  HA2  sing N N 92  
GLY CA  HA3  sing N N 93  
GLY C   O    doub N N 94  
GLY C   OXT  sing N N 95  
GLY OXT HXT  sing N N 96  
HIS N   CA   sing N N 97  
HIS N   H    sing N N 98  
HIS N   H2   sing N N 99  
HIS CA  C    sing N N 100 
HIS CA  CB   sing N N 101 
HIS CA  HA   sing N N 102 
HIS C   O    doub N N 103 
HIS C   OXT  sing N N 104 
HIS CB  CG   sing N N 105 
HIS CB  HB2  sing N N 106 
HIS CB  HB3  sing N N 107 
HIS CG  ND1  sing Y N 108 
HIS CG  CD2  doub Y N 109 
HIS ND1 CE1  doub Y N 110 
HIS ND1 HD1  sing N N 111 
HIS CD2 NE2  sing Y N 112 
HIS CD2 HD2  sing N N 113 
HIS CE1 NE2  sing Y N 114 
HIS CE1 HE1  sing N N 115 
HIS NE2 HE2  sing N N 116 
HIS OXT HXT  sing N N 117 
HOH O   H1   sing N N 118 
HOH O   H2   sing N N 119 
ILE N   CA   sing N N 120 
ILE N   H    sing N N 121 
ILE N   H2   sing N N 122 
ILE CA  C    sing N N 123 
ILE CA  CB   sing N N 124 
ILE CA  HA   sing N N 125 
ILE C   O    doub N N 126 
ILE C   OXT  sing N N 127 
ILE CB  CG1  sing N N 128 
ILE CB  CG2  sing N N 129 
ILE CB  HB   sing N N 130 
ILE CG1 CD1  sing N N 131 
ILE CG1 HG12 sing N N 132 
ILE CG1 HG13 sing N N 133 
ILE CG2 HG21 sing N N 134 
ILE CG2 HG22 sing N N 135 
ILE CG2 HG23 sing N N 136 
ILE CD1 HD11 sing N N 137 
ILE CD1 HD12 sing N N 138 
ILE CD1 HD13 sing N N 139 
ILE OXT HXT  sing N N 140 
LEU N   CA   sing N N 141 
LEU N   H    sing N N 142 
LEU N   H2   sing N N 143 
LEU CA  C    sing N N 144 
LEU CA  CB   sing N N 145 
LEU CA  HA   sing N N 146 
LEU C   O    doub N N 147 
LEU C   OXT  sing N N 148 
LEU CB  CG   sing N N 149 
LEU CB  HB2  sing N N 150 
LEU CB  HB3  sing N N 151 
LEU CG  CD1  sing N N 152 
LEU CG  CD2  sing N N 153 
LEU CG  HG   sing N N 154 
LEU CD1 HD11 sing N N 155 
LEU CD1 HD12 sing N N 156 
LEU CD1 HD13 sing N N 157 
LEU CD2 HD21 sing N N 158 
LEU CD2 HD22 sing N N 159 
LEU CD2 HD23 sing N N 160 
LEU OXT HXT  sing N N 161 
LYS N   CA   sing N N 162 
LYS N   H    sing N N 163 
LYS N   H2   sing N N 164 
LYS CA  C    sing N N 165 
LYS CA  CB   sing N N 166 
LYS CA  HA   sing N N 167 
LYS C   O    doub N N 168 
LYS C   OXT  sing N N 169 
LYS CB  CG   sing N N 170 
LYS CB  HB2  sing N N 171 
LYS CB  HB3  sing N N 172 
LYS CG  CD   sing N N 173 
LYS CG  HG2  sing N N 174 
LYS CG  HG3  sing N N 175 
LYS CD  CE   sing N N 176 
LYS CD  HD2  sing N N 177 
LYS CD  HD3  sing N N 178 
LYS CE  NZ   sing N N 179 
LYS CE  HE2  sing N N 180 
LYS CE  HE3  sing N N 181 
LYS NZ  HZ1  sing N N 182 
LYS NZ  HZ2  sing N N 183 
LYS NZ  HZ3  sing N N 184 
LYS OXT HXT  sing N N 185 
PHE N   CA   sing N N 186 
PHE N   H    sing N N 187 
PHE N   H2   sing N N 188 
PHE CA  C    sing N N 189 
PHE CA  CB   sing N N 190 
PHE CA  HA   sing N N 191 
PHE C   O    doub N N 192 
PHE C   OXT  sing N N 193 
PHE CB  CG   sing N N 194 
PHE CB  HB2  sing N N 195 
PHE CB  HB3  sing N N 196 
PHE CG  CD1  doub Y N 197 
PHE CG  CD2  sing Y N 198 
PHE CD1 CE1  sing Y N 199 
PHE CD1 HD1  sing N N 200 
PHE CD2 CE2  doub Y N 201 
PHE CD2 HD2  sing N N 202 
PHE CE1 CZ   doub Y N 203 
PHE CE1 HE1  sing N N 204 
PHE CE2 CZ   sing Y N 205 
PHE CE2 HE2  sing N N 206 
PHE CZ  HZ   sing N N 207 
PHE OXT HXT  sing N N 208 
PRO N   CA   sing N N 209 
PRO N   CD   sing N N 210 
PRO N   H    sing N N 211 
PRO CA  C    sing N N 212 
PRO CA  CB   sing N N 213 
PRO CA  HA   sing N N 214 
PRO C   O    doub N N 215 
PRO C   OXT  sing N N 216 
PRO CB  CG   sing N N 217 
PRO CB  HB2  sing N N 218 
PRO CB  HB3  sing N N 219 
PRO CG  CD   sing N N 220 
PRO CG  HG2  sing N N 221 
PRO CG  HG3  sing N N 222 
PRO CD  HD2  sing N N 223 
PRO CD  HD3  sing N N 224 
PRO OXT HXT  sing N N 225 
SER N   CA   sing N N 226 
SER N   H    sing N N 227 
SER N   H2   sing N N 228 
SER CA  C    sing N N 229 
SER CA  CB   sing N N 230 
SER CA  HA   sing N N 231 
SER C   O    doub N N 232 
SER C   OXT  sing N N 233 
SER CB  OG   sing N N 234 
SER CB  HB2  sing N N 235 
SER CB  HB3  sing N N 236 
SER OG  HG   sing N N 237 
SER OXT HXT  sing N N 238 
THR N   CA   sing N N 239 
THR N   H    sing N N 240 
THR N   H2   sing N N 241 
THR CA  C    sing N N 242 
THR CA  CB   sing N N 243 
THR CA  HA   sing N N 244 
THR C   O    doub N N 245 
THR C   OXT  sing N N 246 
THR CB  OG1  sing N N 247 
THR CB  CG2  sing N N 248 
THR CB  HB   sing N N 249 
THR OG1 HG1  sing N N 250 
THR CG2 HG21 sing N N 251 
THR CG2 HG22 sing N N 252 
THR CG2 HG23 sing N N 253 
THR OXT HXT  sing N N 254 
TRP N   CA   sing N N 255 
TRP N   H    sing N N 256 
TRP N   H2   sing N N 257 
TRP CA  C    sing N N 258 
TRP CA  CB   sing N N 259 
TRP CA  HA   sing N N 260 
TRP C   O    doub N N 261 
TRP C   OXT  sing N N 262 
TRP CB  CG   sing N N 263 
TRP CB  HB2  sing N N 264 
TRP CB  HB3  sing N N 265 
TRP CG  CD1  doub Y N 266 
TRP CG  CD2  sing Y N 267 
TRP CD1 NE1  sing Y N 268 
TRP CD1 HD1  sing N N 269 
TRP CD2 CE2  doub Y N 270 
TRP CD2 CE3  sing Y N 271 
TRP NE1 CE2  sing Y N 272 
TRP NE1 HE1  sing N N 273 
TRP CE2 CZ2  sing Y N 274 
TRP CE3 CZ3  doub Y N 275 
TRP CE3 HE3  sing N N 276 
TRP CZ2 CH2  doub Y N 277 
TRP CZ2 HZ2  sing N N 278 
TRP CZ3 CH2  sing Y N 279 
TRP CZ3 HZ3  sing N N 280 
TRP CH2 HH2  sing N N 281 
TRP OXT HXT  sing N N 282 
TYR N   CA   sing N N 283 
TYR N   H    sing N N 284 
TYR N   H2   sing N N 285 
TYR CA  C    sing N N 286 
TYR CA  CB   sing N N 287 
TYR CA  HA   sing N N 288 
TYR C   O    doub N N 289 
TYR C   OXT  sing N N 290 
TYR CB  CG   sing N N 291 
TYR CB  HB2  sing N N 292 
TYR CB  HB3  sing N N 293 
TYR CG  CD1  doub Y N 294 
TYR CG  CD2  sing Y N 295 
TYR CD1 CE1  sing Y N 296 
TYR CD1 HD1  sing N N 297 
TYR CD2 CE2  doub Y N 298 
TYR CD2 HD2  sing N N 299 
TYR CE1 CZ   doub Y N 300 
TYR CE1 HE1  sing N N 301 
TYR CE2 CZ   sing Y N 302 
TYR CE2 HE2  sing N N 303 
TYR CZ  OH   sing N N 304 
TYR OH  HH   sing N N 305 
TYR OXT HXT  sing N N 306 
VAL N   CA   sing N N 307 
VAL N   H    sing N N 308 
VAL N   H2   sing N N 309 
VAL CA  C    sing N N 310 
VAL CA  CB   sing N N 311 
VAL CA  HA   sing N N 312 
VAL C   O    doub N N 313 
VAL C   OXT  sing N N 314 
VAL CB  CG1  sing N N 315 
VAL CB  CG2  sing N N 316 
VAL CB  HB   sing N N 317 
VAL CG1 HG11 sing N N 318 
VAL CG1 HG12 sing N N 319 
VAL CG1 HG13 sing N N 320 
VAL CG2 HG21 sing N N 321 
VAL CG2 HG22 sing N N 322 
VAL CG2 HG23 sing N N 323 
VAL OXT HXT  sing N N 324 
# 
_pdbx_audit_support.funding_organization   'Not funded' 
_pdbx_audit_support.country                ? 
_pdbx_audit_support.grant_number           ? 
_pdbx_audit_support.ordinal                1 
# 
_pdbx_initial_refinement_model.id               1 
_pdbx_initial_refinement_model.entity_id_list   ? 
_pdbx_initial_refinement_model.type             other 
_pdbx_initial_refinement_model.source_name      Other 
_pdbx_initial_refinement_model.accession_code   ? 
_pdbx_initial_refinement_model.details          'design model' 
# 
_atom_sites.entry_id                    8KC1 
_atom_sites.Cartn_transf_matrix[1][1]   ? 
_atom_sites.Cartn_transf_matrix[1][2]   ? 
_atom_sites.Cartn_transf_matrix[1][3]   ? 
_atom_sites.Cartn_transf_matrix[2][1]   ? 
_atom_sites.Cartn_transf_matrix[2][2]   ? 
_atom_sites.Cartn_transf_matrix[2][3]   ? 
_atom_sites.Cartn_transf_matrix[3][1]   ? 
_atom_sites.Cartn_transf_matrix[3][2]   ? 
_atom_sites.Cartn_transf_matrix[3][3]   ? 
_atom_sites.Cartn_transf_vector[1]      ? 
_atom_sites.Cartn_transf_vector[2]      ? 
_atom_sites.Cartn_transf_vector[3]      ? 
_atom_sites.Cartn_transform_axes        ? 
_atom_sites.fract_transf_matrix[1][1]   -0.00089102 
_atom_sites.fract_transf_matrix[1][2]   0.01916082 
_atom_sites.fract_transf_matrix[1][3]   -0.01186009 
_atom_sites.fract_transf_matrix[2][1]   -0.00316648 
_atom_sites.fract_transf_matrix[2][2]   0.01145107 
_atom_sites.fract_transf_matrix[2][3]   0.01873791 
_atom_sites.fract_transf_matrix[3][1]   0.02168821 
_atom_sites.fract_transf_matrix[3][2]   0.00237771 
_atom_sites.fract_transf_matrix[3][3]   0.00221198 
_atom_sites.fract_transf_vector[1]      0.346683 
_atom_sites.fract_transf_vector[2]      0.234401 
_atom_sites.fract_transf_vector[3]      0.079525 
_atom_sites.solution_primary            ? 
_atom_sites.solution_secondary          ? 
_atom_sites.solution_hydrogens          ? 
_atom_sites.special_details             ? 
# 
loop_
_atom_type.symbol 
C 
N 
O 
# 
loop_
_atom_site.group_PDB 
_atom_site.id 
_atom_site.type_symbol 
_atom_site.label_atom_id 
_atom_site.label_alt_id 
_atom_site.label_comp_id 
_atom_site.label_asym_id 
_atom_site.label_entity_id 
_atom_site.label_seq_id 
_atom_site.pdbx_PDB_ins_code 
_atom_site.Cartn_x 
_atom_site.Cartn_y 
_atom_site.Cartn_z 
_atom_site.occupancy 
_atom_site.B_iso_or_equiv 
_atom_site.pdbx_formal_charge 
_atom_site.auth_seq_id 
_atom_site.auth_comp_id 
_atom_site.auth_asym_id 
_atom_site.auth_atom_id 
_atom_site.pdbx_PDB_model_num 
ATOM   1   N N   . GLY A 1 1  ? -10.716 11.375  -1.629  1.00 84.48 ? 0   GLY A N   1 
ATOM   2   C CA  . GLY A 1 1  ? -10.695 10.981  -3.025  1.00 67.89 ? 0   GLY A CA  1 
ATOM   3   C C   . GLY A 1 1  ? -10.346 9.513   -3.201  1.00 66.99 ? 0   GLY A C   1 
ATOM   4   O O   . GLY A 1 1  ? -10.065 8.805   -2.234  1.00 65.90 ? 0   GLY A O   1 
ATOM   5   N N   . LYS A 1 2  ? -10.352 9.051   -4.447  1.00 67.78 ? 1   LYS A N   1 
ATOM   6   C CA  . LYS A 1 2  ? -9.956  7.682   -4.746  1.00 61.13 ? 1   LYS A CA  1 
ATOM   7   C C   . LYS A 1 2  ? -8.435  7.558   -4.681  1.00 58.69 ? 1   LYS A C   1 
ATOM   8   O O   . LYS A 1 2  ? -7.706  8.373   -5.262  1.00 57.78 ? 1   LYS A O   1 
ATOM   9   C CB  . LYS A 1 2  ? -10.464 7.270   -6.128  1.00 67.57 ? 1   LYS A CB  1 
ATOM   10  N N   . VAL A 1 3  ? -7.964  6.546   -3.962  1.00 49.02 ? 2   VAL A N   1 
ATOM   11  C CA  . VAL A 1 3  ? -6.562  6.166   -3.953  1.00 47.25 ? 2   VAL A CA  1 
ATOM   12  C C   . VAL A 1 3  ? -6.490  4.696   -4.328  1.00 47.59 ? 2   VAL A C   1 
ATOM   13  O O   . VAL A 1 3  ? -7.153  3.864   -3.693  1.00 52.97 ? 2   VAL A O   1 
ATOM   14  C CB  . VAL A 1 3  ? -5.914  6.417   -2.589  1.00 46.59 ? 2   VAL A CB  1 
ATOM   15  C CG1 . VAL A 1 3  ? -4.399  6.136   -2.678  1.00 47.44 ? 2   VAL A CG1 1 
ATOM   16  C CG2 . VAL A 1 3  ? -6.199  7.839   -2.126  1.00 60.73 ? 2   VAL A CG2 1 
ATOM   17  N N   . VAL A 1 4  ? -5.714  4.378   -5.360  1.00 44.86 ? 3   VAL A N   1 
ATOM   18  C CA  . VAL A 1 4  ? -5.549  2.997   -5.800  1.00 43.10 ? 3   VAL A CA  1 
ATOM   19  C C   . VAL A 1 4  ? -4.273  2.534   -5.164  1.00 47.72 ? 3   VAL A C   1 
ATOM   20  O O   . VAL A 1 4  ? -3.216  3.115   -5.431  1.00 42.18 ? 3   VAL A O   1 
ATOM   21  C CB  . VAL A 1 4  ? -5.450  2.877   -7.323  1.00 44.88 ? 3   VAL A CB  1 
ATOM   22  C CG1 . VAL A 1 4  ? -4.756  1.566   -7.699  1.00 46.97 ? 3   VAL A CG1 1 
ATOM   23  C CG2 . VAL A 1 4  ? -6.821  3.062   -7.965  1.00 54.89 ? 3   VAL A CG2 1 
ATOM   24  N N   . LEU A 1 5  ? -4.376  1.496   -4.338  1.00 38.67 ? 4   LEU A N   1 
ATOM   25  C CA  . LEU A 1 5  ? -3.210  0.992   -3.596  1.00 36.68 ? 4   LEU A CA  1 
ATOM   26  C C   . LEU A 1 5  ? -2.888  -0.440  -4.022  1.00 45.37 ? 4   LEU A C   1 
ATOM   27  O O   . LEU A 1 5  ? -3.826  -1.207  -4.230  1.00 45.07 ? 4   LEU A O   1 
ATOM   28  C CB  . LEU A 1 5  ? -3.580  1.050   -2.122  1.00 42.72 ? 4   LEU A CB  1 
ATOM   29  C CG  . LEU A 1 5  ? -2.513  0.587   -1.148  1.00 53.71 ? 4   LEU A CG  1 
ATOM   30  C CD1 . LEU A 1 5  ? -1.453  1.657   -1.040  1.00 49.35 ? 4   LEU A CD1 1 
ATOM   31  C CD2 . LEU A 1 5  ? -3.137  0.317   0.206   1.00 46.92 ? 4   LEU A CD2 1 
ATOM   32  N N   . ASP A 1 6  ? -1.607  -0.753  -4.207  1.00 40.63 ? 5   ASP A N   1 
ATOM   33  C CA  . ASP A 1 6  ? -1.163  -2.104  -4.517  1.00 33.69 ? 5   ASP A CA  1 
ATOM   34  C C   . ASP A 1 6  ? -0.197  -2.518  -3.430  1.00 42.37 ? 5   ASP A C   1 
ATOM   35  O O   . ASP A 1 6  ? 0.814   -1.837  -3.206  1.00 35.30 ? 5   ASP A O   1 
ATOM   36  C CB  . ASP A 1 6  ? -0.451  -2.133  -5.862  1.00 42.93 ? 5   ASP A CB  1 
ATOM   37  C CG  . ASP A 1 6  ? -1.354  -1.699  -6.972  1.00 54.18 ? 5   ASP A CG  1 
ATOM   38  O OD1 . ASP A 1 6  ? -2.562  -2.027  -6.893  1.00 58.20 ? 5   ASP A OD1 1 
ATOM   39  O OD2 . ASP A 1 6  ? -0.876  -0.978  -7.883  1.00 60.45 ? 5   ASP A OD2 1 
ATOM   40  N N   . ALA A 1 7  ? -0.482  -3.622  -2.768  1.00 36.03 ? 6   ALA A N   1 
ATOM   41  C CA  . ALA A 1 7  ? 0.509   -4.238  -1.899  1.00 36.93 ? 6   ALA A CA  1 
ATOM   42  C C   . ALA A 1 7  ? 1.141   -5.394  -2.664  1.00 37.64 ? 6   ALA A C   1 
ATOM   43  O O   . ALA A 1 7  ? 0.466   -6.375  -2.976  1.00 34.86 ? 6   ALA A O   1 
ATOM   44  C CB  . ALA A 1 7  ? -0.103  -4.677  -0.584  1.00 38.87 ? 6   ALA A CB  1 
ATOM   45  N N   . VAL A 1 8  ? 2.426   -5.282  -2.966  1.00 30.15 ? 7   VAL A N   1 
ATOM   46  C CA  . VAL A 1 8  ? 3.149   -6.278  -3.738  1.00 31.28 ? 7   VAL A CA  1 
ATOM   47  C C   . VAL A 1 8  ? 3.945   -7.154  -2.769  1.00 31.59 ? 7   VAL A C   1 
ATOM   48  O O   . VAL A 1 8  ? 4.882   -6.676  -2.132  1.00 28.34 ? 7   VAL A O   1 
ATOM   49  C CB  . VAL A 1 8  ? 4.058   -5.602  -4.756  1.00 31.64 ? 7   VAL A CB  1 
ATOM   50  C CG1 . VAL A 1 8  ? 4.798   -6.610  -5.553  1.00 38.46 ? 7   VAL A CG1 1 
ATOM   51  C CG2 . VAL A 1 8  ? 3.200   -4.664  -5.637  1.00 37.47 ? 7   VAL A CG2 1 
ATOM   52  N N   . THR A 1 9  ? 3.647   -8.439  -2.698  1.00 33.36 ? 8   THR A N   1 
ATOM   53  C CA  . THR A 1 9  ? 4.141   -9.233  -1.592  1.00 27.21 ? 8   THR A CA  1 
ATOM   54  C C   . THR A 1 9  ? 4.550   -10.599 -2.124  1.00 33.04 ? 8   THR A C   1 
ATOM   55  O O   . THR A 1 9  ? 3.976   -11.116 -3.092  1.00 32.55 ? 8   THR A O   1 
ATOM   56  C CB  . THR A 1 9  ? 3.114   -9.318  -0.451  1.00 35.68 ? 8   THR A CB  1 
ATOM   57  O OG1 . THR A 1 9  ? 3.656   -10.091 0.608   1.00 43.28 ? 8   THR A OG1 1 
ATOM   58  C CG2 . THR A 1 9  ? 1.839   -10.015 -0.853  1.00 34.06 ? 8   THR A CG2 1 
ATOM   59  N N   . HIS A 1 10 ? 5.552   -11.186 -1.486  1.00 34.30 ? 9   HIS A N   1 
ATOM   60  C CA  . HIS A 1 10 ? 5.784   -12.608 -1.694  1.00 31.55 ? 9   HIS A CA  1 
ATOM   61  C C   . HIS A 1 10 ? 4.502   -13.417 -1.405  1.00 27.93 ? 9   HIS A C   1 
ATOM   62  O O   . HIS A 1 10 ? 3.689   -13.047 -0.549  1.00 30.40 ? 9   HIS A O   1 
ATOM   63  C CB  . HIS A 1 10 ? 6.965   -13.060 -0.812  1.00 35.85 ? 9   HIS A CB  1 
ATOM   64  C CG  . HIS A 1 10 ? 7.361   -14.483 -1.048  1.00 39.96 ? 9   HIS A CG  1 
ATOM   65  N ND1 . HIS A 1 10 ? 6.763   -15.535 -0.385  1.00 35.41 ? 9   HIS A ND1 1 
ATOM   66  C CD2 . HIS A 1 10 ? 8.282   -15.030 -1.878  1.00 40.59 ? 9   HIS A CD2 1 
ATOM   67  C CE1 . HIS A 1 10 ? 7.284   -16.671 -0.810  1.00 32.55 ? 9   HIS A CE1 1 
ATOM   68  N NE2 . HIS A 1 10 ? 8.205   -16.393 -1.720  1.00 33.77 ? 9   HIS A NE2 1 
ATOM   69  N N   . PRO A 1 11 ? 4.252   -14.516 -2.133  1.00 28.66 ? 10  PRO A N   1 
ATOM   70  C CA  . PRO A 1 11 ? 2.973   -15.229 -1.932  1.00 29.55 ? 10  PRO A CA  1 
ATOM   71  C C   . PRO A 1 11 ? 2.801   -15.786 -0.537  1.00 40.75 ? 10  PRO A C   1 
ATOM   72  O O   . PRO A 1 11 ? 1.653   -15.986 -0.121  1.00 39.36 ? 10  PRO A O   1 
ATOM   73  C CB  . PRO A 1 11 ? 3.003   -16.335 -2.998  1.00 30.92 ? 10  PRO A CB  1 
ATOM   74  C CG  . PRO A 1 11 ? 3.948   -15.830 -4.070  1.00 36.45 ? 10  PRO A CG  1 
ATOM   75  C CD  . PRO A 1 11 ? 4.982   -15.036 -3.306  1.00 30.29 ? 10  PRO A CD  1 
ATOM   76  N N   . SER A 1 12 ? 3.888   -15.971 0.235   1.00 36.28 ? 11  SER A N   1 
ATOM   77  C CA  . SER A 1 12 ? 3.738   -16.403 1.625   1.00 36.57 ? 11  SER A CA  1 
ATOM   78  C C   . SER A 1 12 ? 3.051   -15.368 2.505   1.00 38.76 ? 11  SER A C   1 
ATOM   79  O O   . SER A 1 12 ? 2.522   -15.717 3.557   1.00 38.02 ? 11  SER A O   1 
ATOM   80  C CB  . SER A 1 12 ? 5.115   -16.775 2.223   1.00 39.99 ? 11  SER A CB  1 
ATOM   81  O OG  . SER A 1 12 ? 6.011   -15.661 2.310   1.00 42.86 ? 11  SER A OG  1 
ATOM   82  N N   . LYS A 1 13 ? 3.026   -14.096 2.115   1.00 33.77 ? 12  LYS A N   1 
ATOM   83  C CA  . LYS A 1 13 ? 2.539   -13.061 3.000   1.00 35.25 ? 12  LYS A CA  1 
ATOM   84  C C   . LYS A 1 13 ? 1.247   -12.453 2.467   1.00 35.96 ? 12  LYS A C   1 
ATOM   85  O O   . LYS A 1 13 ? 0.857   -11.383 2.922   1.00 39.97 ? 12  LYS A O   1 
ATOM   86  C CB  . LYS A 1 13 ? 3.604   -11.967 3.179   1.00 35.69 ? 12  LYS A CB  1 
ATOM   87  C CG  . LYS A 1 13 ? 5.032   -12.518 3.564   1.00 44.48 ? 12  LYS A CG  1 
ATOM   88  C CD  . LYS A 1 13 ? 5.813   -11.457 4.326   1.00 48.64 ? 12  LYS A CD  1 
ATOM   89  C CE  . LYS A 1 13 ? 6.027   -10.202 3.443   1.00 56.44 ? 12  LYS A CE  1 
ATOM   90  N NZ  . LYS A 1 13 ? 6.858   -9.057  4.050   1.00 47.48 ? 12  LYS A NZ  1 
ATOM   91  N N   . ILE A 1 14 ? 0.563   -13.155 1.571   1.00 36.45 ? 13  ILE A N   1 
ATOM   92  C CA  . ILE A 1 14 ? -0.723  -12.671 0.996   1.00 38.60 ? 13  ILE A CA  1 
ATOM   93  C C   . ILE A 1 14 ? -1.749  -12.475 2.114   1.00 42.19 ? 13  ILE A C   1 
ATOM   94  O O   . ILE A 1 14 ? -2.440  -11.454 2.101   1.00 37.99 ? 13  ILE A O   1 
ATOM   95  C CB  . ILE A 1 14 ? -1.240  -13.641 -0.079  1.00 42.71 ? 13  ILE A CB  1 
ATOM   96  C CG1 . ILE A 1 14 ? -0.430  -13.559 -1.371  1.00 41.75 ? 13  ILE A CG1 1 
ATOM   97  C CG2 . ILE A 1 14 ? -2.725  -13.455 -0.352  1.00 50.75 ? 13  ILE A CG2 1 
ATOM   98  C CD1 . ILE A 1 14 ? -0.791  -14.647 -2.344  1.00 40.83 ? 13  ILE A CD1 1 
ATOM   99  N N   . GLU A 1 15 ? -1.840  -13.437 3.032   1.00 39.39 ? 14  GLU A N   1 
ATOM   100 C CA  . GLU A 1 15 ? -2.800  -13.294 4.132   1.00 43.88 ? 14  GLU A CA  1 
ATOM   101 C C   . GLU A 1 15 ? -2.529  -12.043 4.940   1.00 43.02 ? 14  GLU A C   1 
ATOM   102 O O   . GLU A 1 15 ? -3.444  -11.262 5.215   1.00 45.87 ? 14  GLU A O   1 
ATOM   103 C CB  . GLU A 1 15 ? -2.758  -14.523 5.050   1.00 53.60 ? 14  GLU A CB  1 
ATOM   104 C CG  . GLU A 1 15 ? -4.073  -14.877 5.691   1.00 53.19 ? 14  GLU A CG  1 
ATOM   105 C CD  . GLU A 1 15 ? -4.981  -15.587 4.720   1.00 75.92 ? 14  GLU A CD  1 
ATOM   106 O OE1 . GLU A 1 15 ? -4.526  -15.891 3.584   1.00 67.71 ? 14  GLU A OE1 1 
ATOM   107 O OE2 . GLU A 1 15 ? -6.134  -15.873 5.112   1.00 86.92 ? 14  GLU A OE2 1 
ATOM   108 N N   . GLU A 1 16 ? -1.293  -11.901 5.417   1.00 41.08 ? 15  GLU A N   1 
ATOM   109 C CA  . GLU A 1 16 ? -0.853  -10.686 6.085   1.00 40.69 ? 15  GLU A CA  1 
ATOM   110 C C   . GLU A 1 16 ? -1.289  -9.452  5.318   1.00 38.56 ? 15  GLU A C   1 
ATOM   111 O O   . GLU A 1 16 ? -1.910  -8.560  5.884   1.00 43.38 ? 15  GLU A O   1 
ATOM   112 C CB  . GLU A 1 16 ? 0.666   -10.691 6.221   1.00 47.10 ? 15  GLU A CB  1 
ATOM   113 C CG  . GLU A 1 16 ? 1.307   -9.451  6.853   1.00 51.46 ? 15  GLU A CG  1 
ATOM   114 C CD  . GLU A 1 16 ? 2.819   -9.584  6.941   1.00 53.88 ? 15  GLU A CD  1 
ATOM   115 O OE1 . GLU A 1 16 ? 3.320   -10.734 6.973   1.00 57.43 ? 15  GLU A OE1 1 
ATOM   116 O OE2 . GLU A 1 16 ? 3.511   -8.554  6.945   1.00 60.10 ? 15  GLU A OE2 1 
ATOM   117 N N   . ALA A 1 17 ? -0.988  -9.389  4.019   1.00 44.47 ? 16  ALA A N   1 
ATOM   118 C CA  . ALA A 1 17 ? -1.293  -8.169  3.269   1.00 34.14 ? 16  ALA A CA  1 
ATOM   119 C C   . ALA A 1 17 ? -2.796  -7.932  3.173   1.00 37.06 ? 16  ALA A C   1 
ATOM   120 O O   . ALA A 1 17 ? -3.255  -6.808  3.345   1.00 37.20 ? 16  ALA A O   1 
ATOM   121 C CB  . ALA A 1 17 ? -0.667  -8.234  1.877   1.00 38.42 ? 16  ALA A CB  1 
ATOM   122 N N   . GLU A 1 18 ? -3.598  -8.986  2.988   1.00 40.28 ? 17  GLU A N   1 
ATOM   123 C CA  . GLU A 1 18 ? -5.044  -8.806  2.905   1.00 35.13 ? 17  GLU A CA  1 
ATOM   124 C C   . GLU A 1 18 ? -5.629  -8.292  4.224   1.00 38.36 ? 17  GLU A C   1 
ATOM   125 O O   . GLU A 1 18 ? -6.512  -7.419  4.226   1.00 44.21 ? 17  GLU A O   1 
ATOM   126 C CB  . GLU A 1 18 ? -5.689  -10.143 2.498   1.00 42.53 ? 17  GLU A CB  1 
ATOM   127 C CG  . GLU A 1 18 ? -7.215  -10.149 2.421   1.00 43.27 ? 17  GLU A CG  1 
ATOM   128 C CD  . GLU A 1 18 ? -7.747  -9.279  1.289   1.00 44.98 ? 17  GLU A CD  1 
ATOM   129 O OE1 . GLU A 1 18 ? -7.057  -9.157  0.240   1.00 43.06 ? 17  GLU A OE1 1 
ATOM   130 O OE2 . GLU A 1 18 ? -8.845  -8.704  1.460   1.00 45.75 ? 17  GLU A OE2 1 
ATOM   131 N N   . LYS A 1 19 ? -5.145  -8.802  5.349   1.00 45.29 ? 18  LYS A N   1 
ATOM   132 C CA  . LYS A 1 19 ? -5.700  -8.419  6.674   1.00 48.13 ? 18  LYS A CA  1 
ATOM   133 C C   . LYS A 1 19 ? -5.309  -6.971  6.949   1.00 48.72 ? 18  LYS A C   1 
ATOM   134 O O   . LYS A 1 19 ? -6.106  -6.238  7.533   1.00 46.25 ? 18  LYS A O   1 
ATOM   135 C CB  . LYS A 1 19 ? -5.173  -9.335  7.779   1.00 51.14 ? 18  LYS A CB  1 
ATOM   136 C CG  . LYS A 1 19 ? -5.606  -10.794 7.703   1.00 59.67 ? 18  LYS A CG  1 
ATOM   137 C CD  . LYS A 1 19 ? -6.895  -11.029 6.944   1.00 66.14 ? 18  LYS A CD  1 
ATOM   138 C CE  . LYS A 1 19 ? -7.020  -12.433 6.396   1.00 60.76 ? 18  LYS A CE  1 
ATOM   139 N NZ  . LYS A 1 19 ? -6.523  -12.527 5.005   1.00 55.62 ? 18  LYS A NZ  1 
ATOM   140 N N   . LEU A 1 20 ? -4.108  -6.595  6.537   1.00 47.40 ? 19  LEU A N   1 
ATOM   141 C CA  . LEU A 1 20 ? -3.700  -5.194  6.663   1.00 46.63 ? 19  LEU A CA  1 
ATOM   142 C C   . LEU A 1 20 ? -4.547  -4.278  5.781   1.00 43.54 ? 19  LEU A C   1 
ATOM   143 O O   . LEU A 1 20 ? -5.032  -3.236  6.247   1.00 50.47 ? 19  LEU A O   1 
ATOM   144 C CB  . LEU A 1 20 ? -2.209  -5.065  6.341   1.00 42.13 ? 19  LEU A CB  1 
ATOM   145 C CG  . LEU A 1 20 ? -1.648  -3.702  6.648   1.00 45.01 ? 19  LEU A CG  1 
ATOM   146 C CD1 . LEU A 1 20 ? -1.337  -3.641  8.128   1.00 49.60 ? 19  LEU A CD1 1 
ATOM   147 C CD2 . LEU A 1 20 ? -0.381  -3.562  5.818   1.00 49.42 ? 19  LEU A CD2 1 
ATOM   148 N N   . LEU A 1 21 ? -4.720  -4.633  4.503   1.00 46.56 ? 20  LEU A N   1 
ATOM   149 C CA  . LEU A 1 21 ? -5.605  -3.856  3.635   1.00 40.43 ? 20  LEU A CA  1 
ATOM   150 C C   . LEU A 1 21 ? -7.003  -3.736  4.225   1.00 52.83 ? 20  LEU A C   1 
ATOM   151 O O   . LEU A 1 21 ? -7.677  -2.725  4.020   1.00 54.04 ? 20  LEU A O   1 
ATOM   152 C CB  . LEU A 1 21 ? -5.685  -4.514  2.259   1.00 42.06 ? 20  LEU A CB  1 
ATOM   153 C CG  . LEU A 1 21 ? -4.564  -4.409  1.244   1.00 43.70 ? 20  LEU A CG  1 
ATOM   154 C CD1 . LEU A 1 21 ? -5.133  -4.799  -0.072  1.00 44.99 ? 20  LEU A CD1 1 
ATOM   155 C CD2 . LEU A 1 21 ? -4.081  -3.050  1.189   1.00 46.12 ? 20  LEU A CD2 1 
ATOM   156 N N   . GLU A 1 22 ? -7.472  -4.773  4.939   1.00 51.82 ? 21  GLU A N   1 
ATOM   157 C CA  . GLU A 1 22 ? -8.793  -4.722  5.556   1.00 48.44 ? 21  GLU A CA  1 
ATOM   158 C C   . GLU A 1 22 ? -8.877  -3.658  6.645   1.00 52.80 ? 21  GLU A C   1 
ATOM   159 O O   . GLU A 1 22 ? -9.869  -2.922  6.733   1.00 56.46 ? 21  GLU A O   1 
ATOM   160 C CB  . GLU A 1 22 ? -9.144  -6.096  6.142   1.00 53.86 ? 21  GLU A CB  1 
ATOM   161 C CG  . GLU A 1 22 ? -10.061 -6.901  5.281   1.00 62.39 ? 21  GLU A CG  1 
ATOM   162 C CD  . GLU A 1 22 ? -11.241 -6.090  4.751   1.00 63.42 ? 21  GLU A CD  1 
ATOM   163 O OE1 . GLU A 1 22 ? -11.830 -5.294  5.516   1.00 72.43 ? 21  GLU A OE1 1 
ATOM   164 O OE2 . GLU A 1 22 ? -11.588 -6.247  3.558   1.00 64.90 ? 21  GLU A OE2 1 
ATOM   165 N N   . GLU A 1 23 ? -7.883  -3.603  7.535   1.00 49.93 ? 22  GLU A N   1 
ATOM   166 C CA  . GLU A 1 23 ? -7.873  -2.540  8.538   1.00 59.50 ? 22  GLU A CA  1 
ATOM   167 C C   . GLU A 1 23 ? -7.807  -1.160  7.903   1.00 54.78 ? 22  GLU A C   1 
ATOM   168 O O   . GLU A 1 23 ? -8.489  -0.240  8.366   1.00 64.31 ? 22  GLU A O   1 
ATOM   169 C CB  . GLU A 1 23 ? -6.732  -2.703  9.553   1.00 65.20 ? 22  GLU A CB  1 
ATOM   170 C CG  . GLU A 1 23 ? -6.690  -4.025  10.322  1.00 71.84 ? 22  GLU A CG  1 
ATOM   171 C CD  . GLU A 1 23 ? -5.334  -4.245  10.984  1.00 82.67 ? 22  GLU A CD  1 
ATOM   172 O OE1 . GLU A 1 23 ? -5.220  -5.184  11.817  1.00 87.98 ? 22  GLU A OE1 1 
ATOM   173 O OE2 . GLU A 1 23 ? -4.379  -3.501  10.626  1.00 81.12 ? 22  GLU A OE2 1 
ATOM   174 N N   . TYR A 1 24 ? -7.000  -0.978  6.857   1.00 50.15 ? 23  TYR A N   1 
ATOM   175 C CA  . TYR A 1 24 ? -6.952  0.361   6.280   1.00 51.65 ? 23  TYR A CA  1 
ATOM   176 C C   . TYR A 1 24 ? -8.206  0.662   5.481   1.00 53.08 ? 23  TYR A C   1 
ATOM   177 O O   . TYR A 1 24 ? -8.617  1.817   5.407   1.00 58.39 ? 23  TYR A O   1 
ATOM   178 C CB  . TYR A 1 24 ? -5.709  0.529   5.428   1.00 45.86 ? 23  TYR A CB  1 
ATOM   179 C CG  . TYR A 1 24 ? -4.465  0.734   6.277   1.00 45.52 ? 23  TYR A CG  1 
ATOM   180 C CD1 . TYR A 1 24 ? -3.926  -0.328  6.995   1.00 44.22 ? 23  TYR A CD1 1 
ATOM   181 C CD2 . TYR A 1 24 ? -3.829  1.962   6.349   1.00 49.06 ? 23  TYR A CD2 1 
ATOM   182 C CE1 . TYR A 1 24 ? -2.812  -0.160  7.777   1.00 50.37 ? 23  TYR A CE1 1 
ATOM   183 C CE2 . TYR A 1 24 ? -2.683  2.142   7.141   1.00 47.00 ? 23  TYR A CE2 1 
ATOM   184 C CZ  . TYR A 1 24 ? -2.196  1.073   7.841   1.00 50.01 ? 23  TYR A CZ  1 
ATOM   185 O OH  . TYR A 1 24 ? -1.086  1.213   8.626   1.00 48.75 ? 23  TYR A OH  1 
ATOM   186 N N   . ARG A 1 25 ? -8.857  -0.345  4.908   1.00 49.36 ? 24  ARG A N   1 
ATOM   187 C CA  . ARG A 1 25 ? -10.137 -0.066  4.240   1.00 53.20 ? 24  ARG A CA  1 
ATOM   188 C C   . ARG A 1 25 ? -11.172 0.474   5.219   1.00 63.23 ? 24  ARG A C   1 
ATOM   189 O O   . ARG A 1 25 ? -11.910 1.426   4.912   1.00 64.96 ? 24  ARG A O   1 
ATOM   190 C CB  . ARG A 1 25 ? -10.659 -1.347  3.585   1.00 52.40 ? 24  ARG A CB  1 
ATOM   191 C CG  . ARG A 1 25 ? -10.065 -1.656  2.204   1.00 47.42 ? 24  ARG A CG  1 
ATOM   192 C CD  . ARG A 1 25 ? -10.623 -2.987  1.675   1.00 50.65 ? 24  ARG A CD  1 
ATOM   193 N NE  . ARG A 1 25 ? -9.821  -3.518  0.571   1.00 53.14 ? 24  ARG A NE  1 
ATOM   194 C CZ  . ARG A 1 25 ? -9.355  -4.759  0.490   1.00 48.54 ? 24  ARG A CZ  1 
ATOM   195 N NH1 . ARG A 1 25 ? -9.536  -5.632  1.467   1.00 52.06 ? 24  ARG A NH1 1 
ATOM   196 N NH2 . ARG A 1 25 ? -8.652  -5.128  -0.583  1.00 45.23 ? 24  ARG A NH2 1 
ATOM   197 N N   . GLU A 1 26 ? -11.283 -0.136  6.402   1.00 61.90 ? 25  GLU A N   1 
ATOM   198 C CA  . GLU A 1 26 ? -12.364 0.276   7.294   1.00 63.32 ? 25  GLU A CA  1 
ATOM   199 C C   . GLU A 1 26 ? -12.026 1.526   8.077   1.00 64.31 ? 25  GLU A C   1 
ATOM   200 O O   . GLU A 1 26 ? -12.936 2.139   8.638   1.00 68.32 ? 25  GLU A O   1 
ATOM   201 C CB  . GLU A 1 26 ? -12.748 -0.822  8.294   1.00 77.02 ? 25  GLU A CB  1 
ATOM   202 C CG  . GLU A 1 26 ? -11.787 -0.995  9.462   1.00 80.84 ? 25  GLU A CG  1 
ATOM   203 C CD  . GLU A 1 26 ? -11.870 -2.367  10.109  1.00 84.73 ? 25  GLU A CD  1 
ATOM   204 O OE1 . GLU A 1 26 ? -12.331 -2.420  11.275  1.00 97.92 ? 25  GLU A OE1 1 
ATOM   205 O OE2 . GLU A 1 26 ? -11.460 -3.372  9.482   1.00 93.31 ? 25  GLU A OE2 1 
ATOM   206 N N   . ARG A 1 27 ? -10.738 1.872   8.178   1.00 63.49 ? 26  ARG A N   1 
ATOM   207 C CA  . ARG A 1 27 ? -10.346 3.179   8.698   1.00 66.40 ? 26  ARG A CA  1 
ATOM   208 C C   . ARG A 1 27 ? -10.486 4.274   7.636   1.00 63.95 ? 26  ARG A C   1 
ATOM   209 O O   . ARG A 1 27 ? -11.093 5.318   7.899   1.00 67.71 ? 26  ARG A O   1 
ATOM   210 C CB  . ARG A 1 27 ? -8.908  3.135   9.237   1.00 61.52 ? 26  ARG A CB  1 
ATOM   211 C CG  . ARG A 1 27 ? -8.695  3.821   10.599  1.00 65.06 ? 26  ARG A CG  1 
ATOM   212 C CD  . ARG A 1 27 ? -7.789  3.027   11.531  1.00 64.03 ? 26  ARG A CD  1 
ATOM   213 N NE  . ARG A 1 27 ? -6.586  2.530   10.868  1.00 65.86 ? 26  ARG A NE  1 
ATOM   214 C CZ  . ARG A 1 27 ? -6.105  1.311   11.067  1.00 63.86 ? 26  ARG A CZ  1 
ATOM   215 N NH1 . ARG A 1 27 ? -6.717  0.449   11.872  1.00 68.64 ? 26  ARG A NH1 1 
ATOM   216 N NH2 . ARG A 1 27 ? -5.007  0.931   10.419  1.00 59.76 ? 26  ARG A NH2 1 
ATOM   217 N N   . LEU A 1 28 ? -9.945  4.060   6.431   1.00 60.88 ? 27  LEU A N   1 
ATOM   218 C CA  . LEU A 1 28 ? -9.916  5.101   5.408   1.00 65.04 ? 27  LEU A CA  1 
ATOM   219 C C   . LEU A 1 28 ? -11.182 5.160   4.546   1.00 66.14 ? 27  LEU A C   1 
ATOM   220 O O   . LEU A 1 28 ? -11.270 6.029   3.667   1.00 71.62 ? 27  LEU A O   1 
ATOM   221 C CB  . LEU A 1 28 ? -8.713  4.878   4.522   1.00 63.82 ? 27  LEU A CB  1 
ATOM   222 C CG  . LEU A 1 28 ? -7.344  4.999   5.211   1.00 66.06 ? 27  LEU A CG  1 
ATOM   223 C CD1 . LEU A 1 28 ? -6.388  5.557   4.217   1.00 62.97 ? 27  LEU A CD1 1 
ATOM   224 C CD2 . LEU A 1 28 ? -7.400  5.910   6.452   1.00 64.85 ? 27  LEU A CD2 1 
ATOM   225 N N   . GLY A 1 29 ? -12.142 4.248   4.740   1.00 67.59 ? 28  GLY A N   1 
ATOM   226 C CA  . GLY A 1 29 ? -13.407 4.298   4.018   1.00 70.89 ? 28  GLY A CA  1 
ATOM   227 C C   . GLY A 1 29 ? -13.340 3.716   2.618   1.00 74.18 ? 28  GLY A C   1 
ATOM   228 O O   . GLY A 1 29 ? -12.378 3.053   2.216   1.00 75.89 ? 28  GLY A O   1 
ATOM   229 N N   . GLY A 1 30 ? -14.399 3.994   1.853   1.00 71.96 ? 29  GLY A N   1 
ATOM   230 C CA  . GLY A 1 30 ? -14.582 3.405   0.540   1.00 72.69 ? 29  GLY A CA  1 
ATOM   231 C C   . GLY A 1 30 ? -13.788 4.030   -0.589  1.00 74.84 ? 29  GLY A C   1 
ATOM   232 O O   . GLY A 1 30 ? -13.864 3.533   -1.718  1.00 73.63 ? 29  GLY A O   1 
ATOM   233 N N   . GLY A 1 31 ? -13.041 5.105   -0.328  1.00 70.90 ? 30  GLY A N   1 
ATOM   234 C CA  . GLY A 1 31 ? -12.176 5.652   -1.361  1.00 67.91 ? 30  GLY A CA  1 
ATOM   235 C C   . GLY A 1 31 ? -10.973 4.778   -1.649  1.00 69.00 ? 30  GLY A C   1 
ATOM   236 O O   . GLY A 1 31 ? -10.482 4.742   -2.785  1.00 65.77 ? 30  GLY A O   1 
ATOM   237 N N   . LEU A 1 32 ? -10.500 4.052   -0.634  1.00 65.39 ? 31  LEU A N   1 
ATOM   238 C CA  . LEU A 1 32 ? -9.323  3.201   -0.733  1.00 53.44 ? 31  LEU A CA  1 
ATOM   239 C C   . LEU A 1 32 ? -9.623  1.954   -1.545  1.00 57.93 ? 31  LEU A C   1 
ATOM   240 O O   . LEU A 1 32 ? -10.427 1.091   -1.139  1.00 54.97 ? 31  LEU A O   1 
ATOM   241 C CB  . LEU A 1 32 ? -8.844  2.820   0.665   1.00 56.83 ? 31  LEU A CB  1 
ATOM   242 C CG  . LEU A 1 32 ? -7.598  1.956   0.710   1.00 52.46 ? 31  LEU A CG  1 
ATOM   243 C CD1 . LEU A 1 32 ? -6.492  2.778   0.129   1.00 47.81 ? 31  LEU A CD1 1 
ATOM   244 C CD2 . LEU A 1 32 ? -7.284  1.566   2.143   1.00 50.70 ? 31  LEU A CD2 1 
ATOM   245 N N   . GLU A 1 33 ? -8.969  1.823   -2.678  1.00 51.39 ? 32  GLU A N   1 
ATOM   246 C CA  . GLU A 1 33 ? -9.148  0.618   -3.472  1.00 47.77 ? 32  GLU A CA  1 
ATOM   247 C C   . GLU A 1 33 ? -7.790  -0.079  -3.494  1.00 48.86 ? 32  GLU A C   1 
ATOM   248 O O   . GLU A 1 33 ? -6.850  0.340   -4.182  1.00 48.56 ? 32  GLU A O   1 
ATOM   249 C CB  . GLU A 1 33 ? -9.721  0.961   -4.836  1.00 58.55 ? 32  GLU A CB  1 
ATOM   250 C CG  . GLU A 1 33 ? -9.235  0.162   -6.003  1.00 57.06 ? 32  GLU A CG  1 
ATOM   251 C CD  . GLU A 1 33 ? -9.575  0.888   -7.286  1.00 65.27 ? 32  GLU A CD  1 
ATOM   252 O OE1 . GLU A 1 33 ? -10.393 1.847   -7.203  1.00 79.33 ? 32  GLU A OE1 1 
ATOM   253 O OE2 . GLU A 1 33 ? -9.046  0.509   -8.360  1.00 73.54 ? 32  GLU A OE2 1 
ATOM   254 N N   . GLY A 1 34 ? -7.663  -1.097  -2.652  1.00 45.65 ? 33  GLY A N   1 
ATOM   255 C CA  . GLY A 1 34 ? -6.404  -1.774  -2.452  1.00 40.93 ? 33  GLY A CA  1 
ATOM   256 C C   . GLY A 1 34 ? -6.477  -3.173  -3.026  1.00 40.25 ? 33  GLY A C   1 
ATOM   257 O O   . GLY A 1 34 ? -7.537  -3.800  -3.024  1.00 41.76 ? 33  GLY A O   1 
ATOM   258 N N   . ARG A 1 35 ? -5.358  -3.644  -3.552  1.00 41.28 ? 34  ARG A N   1 
ATOM   259 C CA  . ARG A 1 35 ? -5.280  -5.037  -3.964  1.00 40.60 ? 34  ARG A CA  1 
ATOM   260 C C   . ARG A 1 35 ? -3.902  -5.609  -3.642  1.00 35.96 ? 34  ARG A C   1 
ATOM   261 O O   . ARG A 1 35 ? -2.898  -4.891  -3.544  1.00 35.28 ? 34  ARG A O   1 
ATOM   262 C CB  . ARG A 1 35 ? -5.596  -5.208  -5.458  1.00 40.38 ? 34  ARG A CB  1 
ATOM   263 C CG  . ARG A 1 35 ? -4.587  -4.524  -6.351  1.00 46.97 ? 34  ARG A CG  1 
ATOM   264 C CD  . ARG A 1 35 ? -4.759  -4.931  -7.800  1.00 51.96 ? 34  ARG A CD  1 
ATOM   265 N NE  . ARG A 1 35 ? -5.455  -3.885  -8.541  1.00 65.26 ? 34  ARG A NE  1 
ATOM   266 C CZ  . ARG A 1 35 ? -5.139  -3.495  -9.769  1.00 57.13 ? 34  ARG A CZ  1 
ATOM   267 N NH1 . ARG A 1 35 ? -4.148  -4.064  -10.432 1.00 64.89 ? 34  ARG A NH1 1 
ATOM   268 N NH2 . ARG A 1 35 ? -5.875  -2.555  -10.362 1.00 63.81 ? 34  ARG A NH2 1 
ATOM   269 N N   . VAL A 1 36 ? -3.883  -6.926  -3.469  1.00 34.35 ? 35  VAL A N   1 
ATOM   270 C CA  . VAL A 1 36 ? -2.674  -7.680  -3.180  1.00 33.59 ? 35  VAL A CA  1 
ATOM   271 C C   . VAL A 1 36 ? -2.137  -8.270  -4.477  1.00 32.41 ? 35  VAL A C   1 
ATOM   272 O O   . VAL A 1 36 ? -2.869  -8.953  -5.217  1.00 32.05 ? 35  VAL A O   1 
ATOM   273 C CB  . VAL A 1 36 ? -2.963  -8.787  -2.150  1.00 33.22 ? 35  VAL A CB  1 
ATOM   274 C CG1 . VAL A 1 36 ? -1.763  -9.596  -1.881  1.00 34.14 ? 35  VAL A CG1 1 
ATOM   275 C CG2 . VAL A 1 36 ? -3.556  -8.163  -0.859  1.00 35.33 ? 35  VAL A CG2 1 
ATOM   276 N N   . ILE A 1 37 ? -0.880  -7.967  -4.782  1.00 28.87 ? 36  ILE A N   1 
ATOM   277 C CA  . ILE A 1 37 ? -0.169  -8.581  -5.895  1.00 28.98 ? 36  ILE A CA  1 
ATOM   278 C C   . ILE A 1 37 ? 0.752   -9.671  -5.345  1.00 29.07 ? 36  ILE A C   1 
ATOM   279 O O   . ILE A 1 37 ? 1.656   -9.393  -4.542  1.00 31.14 ? 36  ILE A O   1 
ATOM   280 C CB  . ILE A 1 37 ? 0.604   -7.517  -6.702  1.00 30.51 ? 36  ILE A CB  1 
ATOM   281 C CG1 . ILE A 1 37 ? -0.362  -6.707  -7.526  1.00 32.58 ? 36  ILE A CG1 1 
ATOM   282 C CG2 . ILE A 1 37 ? 1.601   -8.203  -7.595  1.00 36.32 ? 36  ILE A CG2 1 
ATOM   283 C CD1 . ILE A 1 37 ? -1.145  -5.655  -6.780  1.00 36.51 ? 36  ILE A CD1 1 
ATOM   284 N N   . ALA A 1 38 ? 0.573   -10.908 -5.833  1.00 29.77 ? 37  ALA A N   1 
ATOM   285 C CA  . ALA A 1 38 ? 1.380   -12.060 -5.427  1.00 29.63 ? 37  ALA A CA  1 
ATOM   286 C C   . ALA A 1 38 ? 2.560   -12.251 -6.387  1.00 30.00 ? 37  ALA A C   1 
ATOM   287 O O   . ALA A 1 38 ? 2.382   -12.630 -7.557  1.00 35.35 ? 37  ALA A O   1 
ATOM   288 C CB  . ALA A 1 38 ? 0.487   -13.302 -5.360  1.00 27.59 ? 37  ALA A CB  1 
ATOM   289 N N   . ASP A 1 39 ? 3.766   -11.944 -5.902  1.00 35.52 ? 38  ASP A N   1 
ATOM   290 C CA  . ASP A 1 39 ? 4.982   -11.858 -6.714  1.00 31.37 ? 38  ASP A CA  1 
ATOM   291 C C   . ASP A 1 39 ? 6.009   -12.828 -6.186  1.00 36.07 ? 38  ASP A C   1 
ATOM   292 O O   . ASP A 1 39 ? 6.676   -12.527 -5.184  1.00 33.99 ? 38  ASP A O   1 
ATOM   293 C CB  . ASP A 1 39 ? 5.554   -10.434 -6.697  1.00 36.49 ? 38  ASP A CB  1 
ATOM   294 C CG  . ASP A 1 39 ? 6.724   -10.266 -7.650  1.00 44.26 ? 38  ASP A CG  1 
ATOM   295 O OD1 . ASP A 1 39 ? 7.167   -11.290 -8.233  1.00 43.49 ? 38  ASP A OD1 1 
ATOM   296 O OD2 . ASP A 1 39 ? 7.172   -9.111  -7.881  1.00 46.72 ? 38  ASP A OD2 1 
ATOM   297 N N   . PRO A 1 40 ? 6.194   -13.994 -6.807  1.00 31.61 ? 39  PRO A N   1 
ATOM   298 C CA  . PRO A 1 40 ? 7.177   -14.945 -6.277  1.00 38.42 ? 39  PRO A CA  1 
ATOM   299 C C   . PRO A 1 40 ? 8.611   -14.439 -6.343  1.00 41.49 ? 39  PRO A C   1 
ATOM   300 O O   . PRO A 1 40 ? 9.471   -14.985 -5.631  1.00 45.27 ? 39  PRO A O   1 
ATOM   301 C CB  . PRO A 1 40 ? 6.969   -16.197 -7.135  1.00 40.05 ? 39  PRO A CB  1 
ATOM   302 C CG  . PRO A 1 40 ? 5.905   -15.873 -8.131  1.00 38.90 ? 39  PRO A CG  1 
ATOM   303 C CD  . PRO A 1 40 ? 5.470   -14.459 -7.998  1.00 38.54 ? 39  PRO A CD  1 
ATOM   304 N N   . LYS A 1 41 ? 8.904   -13.432 -7.157  1.00 36.66 ? 40  LYS A N   1 
ATOM   305 C CA  . LYS A 1 41 ? 10.235  -12.837 -7.145  1.00 43.22 ? 40  LYS A CA  1 
ATOM   306 C C   . LYS A 1 41 ? 10.432  -11.868 -5.987  1.00 44.40 ? 40  LYS A C   1 
ATOM   307 O O   . LYS A 1 41 ? 11.563  -11.434 -5.768  1.00 40.29 ? 40  LYS A O   1 
ATOM   308 C CB  . LYS A 1 41 ? 10.516  -12.121 -8.466  1.00 44.95 ? 40  LYS A CB  1 
ATOM   309 C CG  . LYS A 1 41 ? 10.708  -13.067 -9.642  1.00 48.33 ? 40  LYS A CG  1 
ATOM   310 C CD  . LYS A 1 41 ? 11.163  -12.321 -10.893 1.00 54.35 ? 40  LYS A CD  1 
ATOM   311 C CE  . LYS A 1 41 ? 11.806  -13.295 -11.875 1.00 65.77 ? 40  LYS A CE  1 
ATOM   312 N NZ  . LYS A 1 41 ? 12.311  -12.621 -13.120 1.00 71.17 ? 40  LYS A NZ  1 
ATOM   313 N N   . ALA A 1 42 ? 9.385   -11.529 -5.229  1.00 41.04 ? 41  ALA A N   1 
ATOM   314 C CA  . ALA A 1 42 ? 9.511   -10.558 -4.140  1.00 42.83 ? 41  ALA A CA  1 
ATOM   315 C C   . ALA A 1 42 ? 10.200  -11.184 -2.949  1.00 45.83 ? 41  ALA A C   1 
ATOM   316 O O   . ALA A 1 42 ? 10.008  -12.365 -2.669  1.00 37.17 ? 41  ALA A O   1 
ATOM   317 C CB  . ALA A 1 42 ? 8.145   -10.025 -3.694  1.00 39.03 ? 41  ALA A CB  1 
ATOM   318 N N   . ASP A 1 43 ? 11.001  -10.397 -2.256  1.00 40.27 ? 42  ASP A N   1 
ATOM   319 C CA  . ASP A 1 43 ? 11.678  -10.884 -1.037  1.00 40.35 ? 42  ASP A CA  1 
ATOM   320 C C   . ASP A 1 43 ? 10.675  -10.972 0.111   1.00 40.71 ? 42  ASP A C   1 
ATOM   321 O O   . ASP A 1 43 ? 10.095  -9.945  0.478   1.00 39.47 ? 42  ASP A O   1 
ATOM   322 C CB  . ASP A 1 43 ? 12.811  -9.921  -0.657  1.00 46.66 ? 42  ASP A CB  1 
ATOM   323 C CG  . ASP A 1 43 ? 13.645  -10.404 0.543   1.00 47.98 ? 42  ASP A CG  1 
ATOM   324 O OD1 . ASP A 1 43 ? 13.293  -11.420 1.200   1.00 47.26 ? 42  ASP A OD1 1 
ATOM   325 O OD2 . ASP A 1 43 ? 14.655  -9.718  0.841   1.00 57.39 ? 42  ASP A OD2 1 
ATOM   326 N N   . PRO A 1 44 ? 10.464  -12.127 0.749   1.00 37.54 ? 43  PRO A N   1 
ATOM   327 C CA  . PRO A 1 44 ? 9.534   -12.141 1.891   1.00 32.07 ? 43  PRO A CA  1 
ATOM   328 C C   . PRO A 1 44 ? 9.945   -11.228 3.014   1.00 33.73 ? 43  PRO A C   1 
ATOM   329 O O   . PRO A 1 44 ? 9.113   -10.941 3.887   1.00 40.12 ? 43  PRO A O   1 
ATOM   330 C CB  . PRO A 1 44 ? 9.521   -13.617 2.324   1.00 36.25 ? 43  PRO A CB  1 
ATOM   331 C CG  . PRO A 1 44 ? 10.666  -14.189 1.708   1.00 43.06 ? 43  PRO A CG  1 
ATOM   332 C CD  . PRO A 1 44 ? 10.988  -13.469 0.460   1.00 39.00 ? 43  PRO A CD  1 
ATOM   333 N N   . ASN A 1 45 ? 11.197  -10.741 3.024   1.00 35.03 ? 44  ASN A N   1 
ATOM   334 C CA  . ASN A 1 45 ? 11.716  -9.878  4.076   1.00 37.41 ? 44  ASN A CA  1 
ATOM   335 C C   . ASN A 1 45 ? 11.448  -8.389  3.829   1.00 44.85 ? 44  ASN A C   1 
ATOM   336 O O   . ASN A 1 45 ? 12.010  -7.542  4.538   1.00 47.85 ? 44  ASN A O   1 
ATOM   337 C CB  . ASN A 1 45 ? 13.229  -10.055 4.223   1.00 42.54 ? 44  ASN A CB  1 
ATOM   338 C CG  . ASN A 1 45 ? 13.599  -11.334 4.931   1.00 45.77 ? 44  ASN A CG  1 
ATOM   339 O OD1 . ASN A 1 45 ? 12.940  -11.717 5.888   1.00 41.44 ? 44  ASN A OD1 1 
ATOM   340 N ND2 . ASN A 1 45 ? 14.678  -11.963 4.504   1.00 43.17 ? 44  ASN A ND2 1 
ATOM   341 N N   . THR A 1 46 ? 10.693  -8.034  2.799   1.00 42.39 ? 45  THR A N   1 
ATOM   342 C CA  . THR A 1 46 ? 10.437  -6.622  2.554   1.00 40.55 ? 45  THR A CA  1 
ATOM   343 C C   . THR A 1 46 ? 8.961   -6.444  2.254   1.00 36.85 ? 45  THR A C   1 
ATOM   344 O O   . THR A 1 46 ? 8.254   -7.389  1.870   1.00 37.60 ? 45  THR A O   1 
ATOM   345 C CB  . THR A 1 46 ? 11.228  -6.070  1.382   1.00 42.72 ? 45  THR A CB  1 
ATOM   346 O OG1 . THR A 1 46 ? 10.958  -6.889  0.239   1.00 52.22 ? 45  THR A OG1 1 
ATOM   347 C CG2 . THR A 1 46 ? 12.743  -6.120  1.696   1.00 46.52 ? 45  THR A CG2 1 
ATOM   348 N N   . GLY A 1 47 ? 8.499   -5.216  2.454   1.00 42.62 ? 46  GLY A N   1 
ATOM   349 C CA  . GLY A 1 47 ? 7.169   -4.798  2.057   1.00 37.72 ? 46  GLY A CA  1 
ATOM   350 C C   . GLY A 1 47 ? 7.254   -3.847  0.888   1.00 36.44 ? 46  GLY A C   1 
ATOM   351 O O   . GLY A 1 47 ? 8.229   -3.097  0.748   1.00 39.60 ? 46  GLY A O   1 
ATOM   352 N N   . ASN A 1 48 ? 6.245   -3.869  0.037   1.00 33.88 ? 47  ASN A N   1 
ATOM   353 C CA  . ASN A 1 48 ? 6.237   -2.860  -1.019  1.00 31.30 ? 47  ASN A CA  1 
ATOM   354 C C   . ASN A 1 48 ? 4.809   -2.445  -1.304  1.00 35.92 ? 47  ASN A C   1 
ATOM   355 O O   . ASN A 1 48 ? 3.917   -3.289  -1.394  1.00 36.76 ? 47  ASN A O   1 
ATOM   356 C CB  . ASN A 1 48 ? 6.879   -3.385  -2.289  1.00 39.53 ? 47  ASN A CB  1 
ATOM   357 C CG  . ASN A 1 48 ? 6.752   -2.396  -3.433  1.00 40.92 ? 47  ASN A CG  1 
ATOM   358 O OD1 . ASN A 1 48 ? 5.972   -2.619  -4.350  1.00 49.52 ? 47  ASN A OD1 1 
ATOM   359 N ND2 . ASN A 1 48 ? 7.464   -1.291  -3.358  1.00 44.09 ? 47  ASN A ND2 1 
ATOM   360 N N   . VAL A 1 49 ? 4.625   -1.128  -1.391  1.00 32.40 ? 48  VAL A N   1 
ATOM   361 C CA  . VAL A 1 49 ? 3.279   -0.549  -1.605  1.00 27.30 ? 48  VAL A CA  1 
ATOM   362 C C   . VAL A 1 49 ? 3.397   0.524   -2.679  1.00 33.65 ? 48  VAL A C   1 
ATOM   363 O O   . VAL A 1 49 ? 4.410   1.227   -2.705  1.00 35.12 ? 48  VAL A O   1 
ATOM   364 C CB  . VAL A 1 49 ? 2.771   0.034   -0.278  1.00 34.37 ? 48  VAL A CB  1 
ATOM   365 C CG1 . VAL A 1 49 ? 2.025   1.342   -0.427  1.00 41.81 ? 48  VAL A CG1 1 
ATOM   366 C CG2 . VAL A 1 49 ? 1.954   -0.975  0.513   1.00 34.66 ? 48  VAL A CG2 1 
ATOM   367 N N   . HIS A 1 50 ? 2.406   0.600   -3.543  1.00 34.65 ? 49  HIS A N   1 
ATOM   368 C CA  . HIS A 1 50 ? 2.363   1.631   -4.562  1.00 33.55 ? 49  HIS A CA  1 
ATOM   369 C C   . HIS A 1 50 ? 0.999   2.261   -4.476  1.00 32.55 ? 49  HIS A C   1 
ATOM   370 O O   . HIS A 1 50 ? -0.012  1.554   -4.385  1.00 35.56 ? 49  HIS A O   1 
ATOM   371 C CB  . HIS A 1 50 ? 2.572   1.061   -5.957  1.00 32.25 ? 49  HIS A CB  1 
ATOM   372 C CG  . HIS A 1 50 ? 2.613   2.115   -7.015  1.00 40.52 ? 49  HIS A CG  1 
ATOM   373 N ND1 . HIS A 1 50 ? 3.793   2.581   -7.548  1.00 54.48 ? 49  HIS A ND1 1 
ATOM   374 C CD2 . HIS A 1 50 ? 1.620   2.788   -7.643  1.00 43.52 ? 49  HIS A CD2 1 
ATOM   375 C CE1 . HIS A 1 50 ? 3.531   3.515   -8.447  1.00 47.49 ? 49  HIS A CE1 1 
ATOM   376 N NE2 . HIS A 1 50 ? 2.218   3.651   -8.533  1.00 45.19 ? 49  HIS A NE2 1 
ATOM   377 N N   . LEU A 1 51 ? 0.950   3.570   -4.480  1.00 33.87 ? 50  LEU A N   1 
ATOM   378 C CA  . LEU A 1 51 ? -0.361  4.176   -4.503  1.00 32.88 ? 50  LEU A CA  1 
ATOM   379 C C   . LEU A 1 51 ? -0.423  5.253   -5.561  1.00 37.76 ? 50  LEU A C   1 
ATOM   380 O O   . LEU A 1 51 ? 0.585   5.839   -5.943  1.00 32.09 ? 50  LEU A O   1 
ATOM   381 C CB  . LEU A 1 51 ? -0.755  4.678   -3.114  1.00 39.37 ? 50  LEU A CB  1 
ATOM   382 C CG  . LEU A 1 51 ? 0.120   5.563   -2.257  1.00 39.88 ? 50  LEU A CG  1 
ATOM   383 C CD1 . LEU A 1 51 ? 0.348   6.866   -2.965  1.00 59.90 ? 50  LEU A CD1 1 
ATOM   384 C CD2 . LEU A 1 51 ? -0.368  5.735   -0.820  1.00 38.73 ? 50  LEU A CD2 1 
ATOM   385 N N   . LYS A 1 52 ? -1.636  5.495   -6.033  1.00 37.90 ? 51  LYS A N   1 
ATOM   386 C CA  . LYS A 1 52 ? -1.859  6.418   -7.119  1.00 34.42 ? 51  LYS A CA  1 
ATOM   387 C C   . LYS A 1 52 ? -3.197  7.061   -6.870  1.00 39.84 ? 51  LYS A C   1 
ATOM   388 O O   . LYS A 1 52 ? -4.171  6.366   -6.555  1.00 36.00 ? 51  LYS A O   1 
ATOM   389 C CB  . LYS A 1 52 ? -1.826  5.718   -8.489  1.00 33.36 ? 51  LYS A CB  1 
ATOM   390 C CG  . LYS A 1 52 ? -2.126  6.689   -9.638  1.00 46.61 ? 51  LYS A CG  1 
ATOM   391 C CD  . LYS A 1 52 ? -1.559  6.276   -10.983 1.00 48.12 ? 51  LYS A CD  1 
ATOM   392 C CE  . LYS A 1 52 ? -2.076  7.211   -12.099 1.00 51.10 ? 51  LYS A CE  1 
ATOM   393 N NZ  . LYS A 1 52 ? -1.124  7.313   -13.232 1.00 70.99 ? 51  LYS A NZ  1 
ATOM   394 N N   . THR A 1 53 ? -3.247  8.375   -6.975  1.00 36.79 ? 52  THR A N   1 
ATOM   395 C CA  . THR A 1 53 ? -4.532  9.044   -6.884  1.00 44.62 ? 52  THR A CA  1 
ATOM   396 C C   . THR A 1 53 ? -4.977  9.447   -8.274  1.00 46.54 ? 52  THR A C   1 
ATOM   397 O O   . THR A 1 53 ? -4.183  9.488   -9.220  1.00 44.67 ? 52  THR A O   1 
ATOM   398 C CB  . THR A 1 53 ? -4.469  10.292  -6.012  1.00 50.16 ? 52  THR A CB  1 
ATOM   399 O OG1 . THR A 1 53 ? -3.668  11.280  -6.678  1.00 49.37 ? 52  THR A OG1 1 
ATOM   400 C CG2 . THR A 1 53 ? -3.785  9.965   -4.702  1.00 48.98 ? 52  THR A CG2 1 
ATOM   401 N N   . GLU A 1 54 ? -6.264  9.762   -8.388  1.00 53.97 ? 53  GLU A N   1 
ATOM   402 C CA  . GLU A 1 54 ? -6.758  10.261  -9.663  1.00 56.67 ? 53  GLU A CA  1 
ATOM   403 C C   . GLU A 1 54 ? -6.266  11.666  -9.960  1.00 58.82 ? 53  GLU A C   1 
ATOM   404 O O   . GLU A 1 54 ? -6.364  12.109  -11.114 1.00 64.97 ? 53  GLU A O   1 
ATOM   405 C CB  . GLU A 1 54 ? -8.291  10.182  -9.690  1.00 56.02 ? 53  GLU A CB  1 
ATOM   406 C CG  . GLU A 1 54 ? -8.926  10.539  -8.350  1.00 73.84 ? 53  GLU A CG  1 
ATOM   407 C CD  . GLU A 1 54 ? -10.404 10.122  -8.262  1.00 93.60 ? 53  GLU A CD  1 
ATOM   408 O OE1 . GLU A 1 54 ? -11.120 10.647  -7.368  1.00 82.76 ? 53  GLU A OE1 1 
ATOM   409 O OE2 . GLU A 1 54 ? -10.844 9.288   -9.095  1.00 86.95 ? 53  GLU A OE2 1 
ATOM   410 N N   . ASP A 1 55 ? -5.740  12.357  -8.951  1.00 49.38 ? 54  ASP A N   1 
ATOM   411 C CA  . ASP A 1 55 ? -5.083  13.653  -9.083  1.00 59.43 ? 54  ASP A CA  1 
ATOM   412 C C   . ASP A 1 55 ? -3.687  13.561  -9.693  1.00 57.61 ? 54  ASP A C   1 
ATOM   413 O O   . ASP A 1 55 ? -3.089  14.600  -9.995  1.00 61.66 ? 54  ASP A O   1 
ATOM   414 C CB  . ASP A 1 55 ? -4.942  14.287  -7.700  1.00 63.75 ? 54  ASP A CB  1 
ATOM   415 C CG  . ASP A 1 55 ? -6.006  15.298  -7.406  1.00 64.79 ? 54  ASP A CG  1 
ATOM   416 O OD1 . ASP A 1 55 ? -6.535  15.923  -8.355  1.00 75.46 ? 54  ASP A OD1 1 
ATOM   417 O OD2 . ASP A 1 55 ? -6.296  15.487  -6.199  1.00 75.82 ? 54  ASP A OD2 1 
ATOM   418 N N   . GLY A 1 56 ? -3.129  12.363  -9.816  1.00 48.80 ? 55  GLY A N   1 
ATOM   419 C CA  . GLY A 1 56 ? -1.841  12.168  -10.432 1.00 51.81 ? 55  GLY A CA  1 
ATOM   420 C C   . GLY A 1 56 ? -0.709  11.983  -9.452  1.00 50.22 ? 55  GLY A C   1 
ATOM   421 O O   . GLY A 1 56 ? 0.447   11.798  -9.878  1.00 49.01 ? 55  GLY A O   1 
ATOM   422 N N   . PHE A 1 57 ? -0.979  12.052  -8.157  1.00 39.08 ? 56  PHE A N   1 
ATOM   423 C CA  . PHE A 1 57 ? 0.090   11.746  -7.207  1.00 35.34 ? 56  PHE A CA  1 
ATOM   424 C C   . PHE A 1 57 ? 0.354   10.247  -7.196  1.00 38.64 ? 56  PHE A C   1 
ATOM   425 O O   . PHE A 1 57 ? -0.585  9.439   -7.173  1.00 35.92 ? 56  PHE A O   1 
ATOM   426 C CB  . PHE A 1 57 ? -0.276  12.216  -5.797  1.00 40.90 ? 56  PHE A CB  1 
ATOM   427 C CG  . PHE A 1 57 ? -0.489  13.706  -5.678  1.00 43.74 ? 56  PHE A CG  1 
ATOM   428 C CD1 . PHE A 1 57 ? 0.473   14.593  -6.126  1.00 40.27 ? 56  PHE A CD1 1 
ATOM   429 C CD2 . PHE A 1 57 ? -1.646  14.213  -5.116  1.00 45.65 ? 56  PHE A CD2 1 
ATOM   430 C CE1 . PHE A 1 57 ? 0.287   15.964  -6.014  1.00 47.12 ? 56  PHE A CE1 1 
ATOM   431 C CE2 . PHE A 1 57 ? -1.830  15.558  -5.007  1.00 52.42 ? 56  PHE A CE2 1 
ATOM   432 C CZ  . PHE A 1 57 ? -0.859  16.442  -5.459  1.00 55.39 ? 56  PHE A CZ  1 
ATOM   433 N N   . GLU A 1 58 ? 1.634   9.884   -7.162  1.00 38.95 ? 57  GLU A N   1 
ATOM   434 C CA  . GLU A 1 58 ? 2.052   8.495   -7.079  1.00 31.28 ? 57  GLU A CA  1 
ATOM   435 C C   . GLU A 1 58 ? 3.214   8.342   -6.094  1.00 29.17 ? 57  GLU A C   1 
ATOM   436 O O   . GLU A 1 58 ? 4.164   9.133   -6.066  1.00 31.35 ? 57  GLU A O   1 
ATOM   437 C CB  . GLU A 1 58 ? 2.479   8.024   -8.458  1.00 36.51 ? 57  GLU A CB  1 
ATOM   438 C CG  . GLU A 1 58 ? 1.392   7.475   -9.264  1.00 48.54 ? 57  GLU A CG  1 
ATOM   439 C CD  . GLU A 1 58 ? 1.907   6.821   -10.527 1.00 56.65 ? 57  GLU A CD  1 
ATOM   440 O OE1 . GLU A 1 58 ? 2.393   5.675   -10.421 1.00 51.85 ? 57  GLU A OE1 1 
ATOM   441 O OE2 . GLU A 1 58 ? 1.819   7.429   -11.617 1.00 71.00 ? 57  GLU A OE2 1 
ATOM   442 N N   . VAL A 1 59 ? 3.176   7.274   -5.313  1.00 30.00 ? 58  VAL A N   1 
ATOM   443 C CA  . VAL A 1 59 ? 4.253   6.925   -4.388  1.00 33.34 ? 58  VAL A CA  1 
ATOM   444 C C   . VAL A 1 59 ? 4.486   5.423   -4.457  1.00 29.46 ? 58  VAL A C   1 
ATOM   445 O O   . VAL A 1 59 ? 3.525   4.637   -4.417  1.00 31.55 ? 58  VAL A O   1 
ATOM   446 C CB  . VAL A 1 59 ? 3.919   7.281   -2.929  1.00 34.40 ? 58  VAL A CB  1 
ATOM   447 C CG1 . VAL A 1 59 ? 5.138   6.994   -2.039  1.00 38.60 ? 58  VAL A CG1 1 
ATOM   448 C CG2 . VAL A 1 59 ? 3.473   8.704   -2.835  1.00 39.82 ? 58  VAL A CG2 1 
ATOM   449 N N   . ASP A 1 60 ? 5.744   5.035   -4.537  1.00 30.07 ? 59  ASP A N   1 
ATOM   450 C CA  . ASP A 1 60 ? 6.149   3.654   -4.372  1.00 27.20 ? 59  ASP A CA  1 
ATOM   451 C C   . ASP A 1 60 ? 7.061   3.598   -3.152  1.00 28.93 ? 59  ASP A C   1 
ATOM   452 O O   . ASP A 1 60 ? 7.942   4.418   -2.995  1.00 30.33 ? 59  ASP A O   1 
ATOM   453 C CB  . ASP A 1 60 ? 6.853   3.149   -5.629  1.00 36.81 ? 59  ASP A CB  1 
ATOM   454 C CG  . ASP A 1 60 ? 6.884   1.600   -5.737  1.00 42.04 ? 59  ASP A CG  1 
ATOM   455 O OD1 . ASP A 1 60 ? 7.784   0.943   -5.170  1.00 49.33 ? 59  ASP A OD1 1 
ATOM   456 O OD2 . ASP A 1 60 ? 6.001   1.034   -6.401  1.00 41.99 ? 59  ASP A OD2 1 
ATOM   457 N N   . SER A 1 61 ? 6.856   2.631   -2.275  1.00 33.93 ? 60  SER A N   1 
ATOM   458 C CA  . SER A 1 61 ? 7.525   2.656   -0.992  1.00 32.32 ? 60  SER A CA  1 
ATOM   459 C C   . SER A 1 61 ? 7.902   1.221   -0.663  1.00 32.57 ? 60  SER A C   1 
ATOM   460 O O   . SER A 1 61 ? 7.006   0.368   -0.620  1.00 32.81 ? 60  SER A O   1 
ATOM   461 C CB  . SER A 1 61 ? 6.551   3.235   0.031   1.00 37.17 ? 60  SER A CB  1 
ATOM   462 O OG  . SER A 1 61 ? 6.924   3.001   1.381   1.00 39.22 ? 60  SER A OG  1 
ATOM   463 N N   . THR A 1 62 ? 9.196   0.989   -0.483  1.00 35.78 ? 61  THR A N   1 
ATOM   464 C CA  . THR A 1 62 ? 9.789   -0.312  -0.147  1.00 35.80 ? 61  THR A CA  1 
ATOM   465 C C   . THR A 1 62 ? 10.467  -0.211  1.214   1.00 37.55 ? 61  THR A C   1 
ATOM   466 O O   . THR A 1 62 ? 11.433  0.554   1.387   1.00 35.77 ? 61  THR A O   1 
ATOM   467 C CB  . THR A 1 62 ? 10.830  -0.730  -1.173  1.00 42.03 ? 61  THR A CB  1 
ATOM   468 O OG1 . THR A 1 62 ? 10.244  -0.739  -2.473  1.00 38.29 ? 61  THR A OG1 1 
ATOM   469 C CG2 . THR A 1 62 ? 11.322  -2.118  -0.879  1.00 41.61 ? 61  THR A CG2 1 
ATOM   470 N N   . GLY A 1 63 ? 10.008  -1.050  2.154   1.00 40.67 ? 62  GLY A N   1 
ATOM   471 C CA  . GLY A 1 63 ? 10.521  -1.064  3.505   1.00 41.06 ? 62  GLY A CA  1 
ATOM   472 C C   . GLY A 1 63 ? 10.759  -2.477  3.964   1.00 43.59 ? 62  GLY A C   1 
ATOM   473 O O   . GLY A 1 63 ? 10.953  -3.362  3.124   1.00 43.29 ? 62  GLY A O   1 
ATOM   474 N N   . LYS A 1 64 ? 10.790  -2.699  5.280   1.00 41.66 ? 63  LYS A N   1 
ATOM   475 C CA  . LYS A 1 64 ? 11.090  -4.016  5.815   1.00 45.40 ? 63  LYS A CA  1 
ATOM   476 C C   . LYS A 1 64 ? 9.837   -4.822  6.158   1.00 47.09 ? 63  LYS A C   1 
ATOM   477 O O   . LYS A 1 64 ? 9.956   -6.013  6.501   1.00 53.38 ? 63  LYS A O   1 
ATOM   478 C CB  . LYS A 1 64 ? 12.002  -3.905  7.046   1.00 51.07 ? 63  LYS A CB  1 
ATOM   479 C CG  . LYS A 1 64 ? 13.134  -2.924  6.876   1.00 62.25 ? 63  LYS A CG  1 
ATOM   480 C CD  . LYS A 1 64 ? 14.372  -3.650  6.469   1.00 61.63 ? 63  LYS A CD  1 
ATOM   481 C CE  . LYS A 1 64 ? 15.618  -2.829  6.721   1.00 69.57 ? 63  LYS A CE  1 
ATOM   482 N NZ  . LYS A 1 64 ? 16.536  -2.945  5.563   1.00 69.99 ? 63  LYS A NZ  1 
ATOM   483 N N   . ASP A 1 65 ? 8.647   -4.222  6.070   1.00 48.10 ? 64  ASP A N   1 
ATOM   484 C CA  . ASP A 1 65 ? 7.390   -4.945  6.249   1.00 53.33 ? 64  ASP A CA  1 
ATOM   485 C C   . ASP A 1 65 ? 6.304   -4.156  5.528   1.00 47.87 ? 64  ASP A C   1 
ATOM   486 O O   . ASP A 1 65 ? 6.521   -3.012  5.107   1.00 42.52 ? 64  ASP A O   1 
ATOM   487 C CB  . ASP A 1 65 ? 7.068   -5.147  7.742   1.00 50.45 ? 64  ASP A CB  1 
ATOM   488 C CG  . ASP A 1 65 ? 6.967   -3.819  8.500   1.00 60.09 ? 64  ASP A CG  1 
ATOM   489 O OD1 . ASP A 1 65 ? 8.011   -3.192  8.802   1.00 61.68 ? 64  ASP A OD1 1 
ATOM   490 O OD2 . ASP A 1 65 ? 5.823   -3.392  8.782   1.00 65.12 ? 64  ASP A OD2 1 
ATOM   491 N N   . ILE A 1 66 ? 5.123   -4.769  5.392   1.00 49.05 ? 65  ILE A N   1 
ATOM   492 C CA  . ILE A 1 66 ? 4.061   -4.129  4.607   1.00 42.24 ? 65  ILE A CA  1 
ATOM   493 C C   . ILE A 1 66 ? 3.475   -2.931  5.364   1.00 40.64 ? 65  ILE A C   1 
ATOM   494 O O   . ILE A 1 66 ? 3.243   -1.870  4.776   1.00 46.91 ? 65  ILE A O   1 
ATOM   495 C CB  . ILE A 1 66 ? 2.967   -5.149  4.233   1.00 53.76 ? 65  ILE A CB  1 
ATOM   496 C CG1 . ILE A 1 66 ? 3.558   -6.412  3.612   1.00 54.88 ? 65  ILE A CG1 1 
ATOM   497 C CG2 . ILE A 1 66 ? 2.137   -4.563  3.130   1.00 46.18 ? 65  ILE A CG2 1 
ATOM   498 C CD1 . ILE A 1 66 ? 2.783   -7.765  3.941   1.00 61.95 ? 65  ILE A CD1 1 
ATOM   499 N N   . LYS A 1 67 ? 3.277   -3.042  6.675   1.00 46.56 ? 66  LYS A N   1 
ATOM   500 C CA  . LYS A 1 67 ? 2.628   -1.940  7.434   1.00 38.06 ? 66  LYS A CA  1 
ATOM   501 C C   . LYS A 1 67 ? 3.503   -0.684  7.365   1.00 37.06 ? 66  LYS A C   1 
ATOM   502 O O   . LYS A 1 67 ? 2.960   0.392   7.115   1.00 41.09 ? 66  LYS A O   1 
ATOM   503 C CB  . LYS A 1 67 ? 2.361   -2.321  8.891   1.00 43.95 ? 66  LYS A CB  1 
ATOM   504 C CG  . LYS A 1 67 ? 1.971   -1.185  9.828   1.00 44.10 ? 66  LYS A CG  1 
ATOM   505 C CD  . LYS A 1 67 ? 0.564   -1.306  10.359  1.00 48.18 ? 66  LYS A CD  1 
ATOM   506 C CE  . LYS A 1 67 ? 0.166   -0.198  11.310  1.00 56.71 ? 66  LYS A CE  1 
ATOM   507 N NZ  . LYS A 1 67 ? 1.334   0.571   11.798  1.00 55.27 ? 66  LYS A NZ  1 
ATOM   508 N N   . THR A 1 68 ? 4.797   -0.832  7.624   1.00 37.15 ? 67  THR A N   1 
ATOM   509 C CA  . THR A 1 68 ? 5.653   0.373   7.593   1.00 36.11 ? 67  THR A CA  1 
ATOM   510 C C   . THR A 1 68 ? 5.709   0.990   6.209   1.00 40.83 ? 67  THR A C   1 
ATOM   511 O O   . THR A 1 68 ? 5.709   2.227   6.066   1.00 40.55 ? 67  THR A O   1 
ATOM   512 C CB  . THR A 1 68 ? 7.062   0.047   8.074   1.00 42.26 ? 67  THR A CB  1 
ATOM   513 O OG1 . THR A 1 68 ? 6.961   -0.558  9.367   1.00 46.16 ? 67  THR A OG1 1 
ATOM   514 C CG2 . THR A 1 68 ? 7.864   1.325   8.212   1.00 49.66 ? 67  THR A CG2 1 
ATOM   515 N N   . SER A 1 69 ? 5.821   0.152   5.179   1.00 40.17 ? 68  SER A N   1 
ATOM   516 C CA  . SER A 1 69 ? 5.803   0.647   3.809   1.00 38.41 ? 68  SER A CA  1 
ATOM   517 C C   . SER A 1 69 ? 4.557   1.486   3.569   1.00 41.82 ? 68  SER A C   1 
ATOM   518 O O   . SER A 1 69 ? 4.626   2.585   3.030   1.00 37.82 ? 68  SER A O   1 
ATOM   519 C CB  . SER A 1 69 ? 5.807   -0.522  2.834   1.00 38.30 ? 68  SER A CB  1 
ATOM   520 O OG  . SER A 1 69 ? 7.097   -1.055  2.659   1.00 49.75 ? 68  SER A OG  1 
ATOM   521 N N   . LEU A 1 70 ? 3.407   0.975   3.983   1.00 32.96 ? 69  LEU A N   1 
ATOM   522 C CA  . LEU A 1 70 ? 2.146   1.645   3.692   1.00 32.76 ? 69  LEU A CA  1 
ATOM   523 C C   . LEU A 1 70 ? 2.065   2.968   4.421   1.00 34.71 ? 69  LEU A C   1 
ATOM   524 O O   . LEU A 1 70 ? 1.670   3.993   3.843   1.00 38.44 ? 69  LEU A O   1 
ATOM   525 C CB  . LEU A 1 70 ? 0.974   0.727   4.099   1.00 39.30 ? 69  LEU A CB  1 
ATOM   526 C CG  . LEU A 1 70 ? -0.472  1.186   3.844   1.00 42.89 ? 69  LEU A CG  1 
ATOM   527 C CD1 . LEU A 1 70 ? -0.635  1.665   2.429   1.00 36.99 ? 69  LEU A CD1 1 
ATOM   528 C CD2 . LEU A 1 70 ? -1.486  0.108   4.180   1.00 37.39 ? 69  LEU A CD2 1 
ATOM   529 N N   . ASP A 1 71 ? 2.372   2.952   5.723   1.00 43.09 ? 70  ASP A N   1 
ATOM   530 C CA  . ASP A 1 71 ? 2.294   4.172   6.522   1.00 39.41 ? 70  ASP A CA  1 
ATOM   531 C C   . ASP A 1 71 ? 3.200   5.249   5.915   1.00 41.15 ? 70  ASP A C   1 
ATOM   532 O O   . ASP A 1 71 ? 2.799   6.411   5.807   1.00 38.91 ? 70  ASP A O   1 
ATOM   533 C CB  . ASP A 1 71 ? 2.710   3.898   7.988   1.00 40.78 ? 70  ASP A CB  1 
ATOM   534 C CG  . ASP A 1 71 ? 1.660   3.159   8.813   1.00 46.09 ? 70  ASP A CG  1 
ATOM   535 O OD1 . ASP A 1 71 ? 0.483   3.048   8.416   1.00 38.36 ? 70  ASP A OD1 1 
ATOM   536 O OD2 . ASP A 1 71 ? 2.044   2.660   9.904   1.00 47.38 ? 70  ASP A OD2 1 
ATOM   537 N N   . ALA A 1 72 ? 4.449   4.872   5.548   1.00 38.32 ? 71  ALA A N   1 
ATOM   538 C CA  . ALA A 1 72 ? 5.373   5.798   4.892   1.00 39.74 ? 71  ALA A CA  1 
ATOM   539 C C   . ALA A 1 72 ? 4.798   6.315   3.572   1.00 36.40 ? 71  ALA A C   1 
ATOM   540 O O   . ALA A 1 72 ? 4.893   7.521   3.277   1.00 42.50 ? 71  ALA A O   1 
ATOM   541 C CB  . ALA A 1 72 ? 6.708   5.098   4.673   1.00 36.53 ? 71  ALA A CB  1 
ATOM   542 N N   . ALA A 1 73 ? 4.160   5.430   2.797   1.00 42.17 ? 72  ALA A N   1 
ATOM   543 C CA  . ALA A 1 73 ? 3.568   5.827   1.517   1.00 32.99 ? 72  ALA A CA  1 
ATOM   544 C C   . ALA A 1 73 ? 2.447   6.839   1.710   1.00 40.29 ? 72  ALA A C   1 
ATOM   545 O O   . ALA A 1 73 ? 2.374   7.816   0.958   1.00 38.50 ? 72  ALA A O   1 
ATOM   546 C CB  . ALA A 1 73 ? 3.056   4.597   0.755   1.00 36.57 ? 72  ALA A CB  1 
ATOM   547 N N   . LEU A 1 74 ? 1.570   6.628   2.715   1.00 37.37 ? 73  LEU A N   1 
ATOM   548 C CA  . LEU A 1 74 ? 0.505   7.597   3.016   1.00 33.27 ? 73  LEU A CA  1 
ATOM   549 C C   . LEU A 1 74 ? 1.060   8.877   3.609   1.00 42.51 ? 73  LEU A C   1 
ATOM   550 O O   . LEU A 1 74 ? 0.468   9.959   3.436   1.00 40.63 ? 73  LEU A O   1 
ATOM   551 C CB  . LEU A 1 74 ? -0.486  7.009   3.989   1.00 32.20 ? 73  LEU A CB  1 
ATOM   552 C CG  . LEU A 1 74 ? -1.242  5.816   3.426   1.00 37.85 ? 73  LEU A CG  1 
ATOM   553 C CD1 . LEU A 1 74 ? -1.934  5.171   4.577   1.00 41.06 ? 73  LEU A CD1 1 
ATOM   554 C CD2 . LEU A 1 74 ? -2.267  6.382   2.515   1.00 40.85 ? 73  LEU A CD2 1 
ATOM   555 N N   . ALA A 1 75 ? 2.160   8.765   4.353   1.00 41.83 ? 74  ALA A N   1 
ATOM   556 C CA  . ALA A 1 75 ? 2.898   9.940   4.816   1.00 42.78 ? 74  ALA A CA  1 
ATOM   557 C C   . ALA A 1 75 ? 3.342   10.806  3.652   1.00 39.86 ? 74  ALA A C   1 
ATOM   558 O O   . ALA A 1 75 ? 3.119   12.030  3.637   1.00 48.63 ? 74  ALA A O   1 
ATOM   559 C CB  . ALA A 1 75 ? 4.117   9.503   5.625   1.00 47.25 ? 74  ALA A CB  1 
ATOM   560 N N   . ALA A 1 76 ? 3.989   10.189  2.663   1.00 41.44 ? 75  ALA A N   1 
ATOM   561 C CA  . ALA A 1 76 ? 4.406   10.946  1.487   1.00 41.99 ? 75  ALA A CA  1 
ATOM   562 C C   . ALA A 1 76 ? 3.212   11.518  0.737   1.00 38.10 ? 75  ALA A C   1 
ATOM   563 O O   . ALA A 1 76 ? 3.283   12.641  0.232   1.00 39.25 ? 75  ALA A O   1 
ATOM   564 C CB  . ALA A 1 76 ? 5.219   10.058  0.563   1.00 38.70 ? 75  ALA A CB  1 
ATOM   565 N N   . LEU A 1 77 ? 2.120   10.752  0.615   1.00 35.48 ? 76  LEU A N   1 
ATOM   566 C CA  . LEU A 1 77 ? 0.930   11.258  -0.092  1.00 39.73 ? 76  LEU A CA  1 
ATOM   567 C C   . LEU A 1 77 ? 0.337   12.457  0.623   1.00 42.86 ? 76  LEU A C   1 
ATOM   568 O O   . LEU A 1 77 ? -0.144  13.417  -0.011  1.00 44.21 ? 76  LEU A O   1 
ATOM   569 C CB  . LEU A 1 77 ? -0.129  10.148  -0.215  1.00 35.70 ? 76  LEU A CB  1 
ATOM   570 C CG  . LEU A 1 77 ? -1.465  10.482  -0.896  1.00 45.07 ? 76  LEU A CG  1 
ATOM   571 C CD1 . LEU A 1 77 ? -1.247  11.009  -2.273  1.00 44.68 ? 76  LEU A CD1 1 
ATOM   572 C CD2 . LEU A 1 77 ? -2.372  9.284   -0.965  1.00 41.24 ? 76  LEU A CD2 1 
ATOM   573 N N   . GLU A 1 78 ? 0.299   12.415  1.949   1.00 45.51 ? 77  GLU A N   1 
ATOM   574 C CA  . GLU A 1 78 ? -0.203  13.583  2.715   1.00 50.28 ? 77  GLU A CA  1 
ATOM   575 C C   . GLU A 1 78 ? 0.683   14.792  2.403   1.00 52.78 ? 77  GLU A C   1 
ATOM   576 O O   . GLU A 1 78 ? 0.141   15.900  2.293   1.00 54.32 ? 77  GLU A O   1 
ATOM   577 C CB  . GLU A 1 78 ? -0.295  13.302  4.213   1.00 55.06 ? 77  GLU A CB  1 
ATOM   578 C CG  . GLU A 1 78 ? -1.443  14.019  4.898   1.00 63.64 ? 77  GLU A CG  1 
ATOM   579 C CD  . GLU A 1 78 ? -2.850  13.790  4.363   1.00 74.73 ? 77  GLU A CD  1 
ATOM   580 O OE1 . GLU A 1 78 ? -3.719  14.624  4.653   1.00 76.03 ? 77  GLU A OE1 1 
ATOM   581 O OE2 . GLU A 1 78 ? -3.090  12.773  3.681   1.00 72.48 ? 77  GLU A OE2 1 
ATOM   582 N N   . TRP A 1 79 ? 1.986   14.572  2.261   1.00 46.53 ? 78  TRP A N   1 
ATOM   583 C CA  . TRP A 1 79 ? 2.869   15.731  2.006   1.00 45.50 ? 78  TRP A CA  1 
ATOM   584 C C   . TRP A 1 79 ? 2.500   16.316  0.650   1.00 47.18 ? 78  TRP A C   1 
ATOM   585 O O   . TRP A 1 79 ? 2.275   17.519  0.573   1.00 55.15 ? 78  TRP A O   1 
ATOM   586 C CB  . TRP A 1 79 ? 4.333   15.302  2.026   1.00 48.06 ? 78  TRP A CB  1 
ATOM   587 C CG  . TRP A 1 79 ? 5.305   16.439  2.073   1.00 48.23 ? 78  TRP A CG  1 
ATOM   588 C CD1 . TRP A 1 79 ? 5.641   17.286  1.058   1.00 49.78 ? 78  TRP A CD1 1 
ATOM   589 C CD2 . TRP A 1 79 ? 6.087   16.845  3.208   1.00 50.40 ? 78  TRP A CD2 1 
ATOM   590 N NE1 . TRP A 1 79 ? 6.568   18.195  1.486   1.00 52.91 ? 78  TRP A NE1 1 
ATOM   591 C CE2 . TRP A 1 79 ? 6.862   17.949  2.800   1.00 54.98 ? 78  TRP A CE2 1 
ATOM   592 C CE3 . TRP A 1 79 ? 6.207   16.384  4.522   1.00 56.18 ? 78  TRP A CE3 1 
ATOM   593 C CZ2 . TRP A 1 79 ? 7.742   18.596  3.663   1.00 60.19 ? 78  TRP A CZ2 1 
ATOM   594 C CZ3 . TRP A 1 79 ? 7.078   17.022  5.373   1.00 57.11 ? 78  TRP A CZ3 1 
ATOM   595 C CH2 . TRP A 1 79 ? 7.834   18.114  4.948   1.00 54.42 ? 78  TRP A CH2 1 
ATOM   596 N N   . LEU A 1 80 ? 2.414   15.476  -0.367  1.00 42.37 ? 79  LEU A N   1 
ATOM   597 C CA  . LEU A 1 80 ? 2.149   15.962  -1.737  1.00 46.02 ? 79  LEU A CA  1 
ATOM   598 C C   . LEU A 1 80 ? 0.789   16.653  -1.799  1.00 50.53 ? 79  LEU A C   1 
ATOM   599 O O   . LEU A 1 80 ? 0.681   17.662  -2.469  1.00 54.34 ? 79  LEU A O   1 
ATOM   600 C CB  . LEU A 1 80 ? 2.197   14.766  -2.686  1.00 38.76 ? 79  LEU A CB  1 
ATOM   601 C CG  . LEU A 1 80 ? 3.539   14.052  -2.810  1.00 38.71 ? 79  LEU A CG  1 
ATOM   602 C CD1 . LEU A 1 80 ? 3.376   12.749  -3.571  1.00 39.04 ? 79  LEU A CD1 1 
ATOM   603 C CD2 . LEU A 1 80 ? 4.560   14.941  -3.497  1.00 44.32 ? 79  LEU A CD2 1 
ATOM   604 N N   . GLU A 1 81 ? -0.205  16.136  -1.092  1.00 52.13 ? 80  GLU A N   1 
ATOM   605 C CA  . GLU A 1 81 ? -1.573  16.697  -1.206  1.00 53.84 ? 80  GLU A CA  1 
ATOM   606 C C   . GLU A 1 81 ? -1.659  18.095  -0.584  1.00 64.22 ? 80  GLU A C   1 
ATOM   607 O O   . GLU A 1 81 ? -2.674  18.761  -0.817  1.00 66.25 ? 80  GLU A O   1 
ATOM   608 C CB  . GLU A 1 81 ? -2.580  15.706  -0.624  1.00 57.83 ? 80  GLU A CB  1 
ATOM   609 C CG  . GLU A 1 81 ? -2.879  14.563  -1.570  1.00 49.67 ? 80  GLU A CG  1 
ATOM   610 C CD  . GLU A 1 81 ? -3.780  13.478  -1.017  1.00 54.81 ? 80  GLU A CD  1 
ATOM   611 O OE1 . GLU A 1 81 ? -3.715  13.216  0.196   1.00 63.63 ? 80  GLU A OE1 1 
ATOM   612 O OE2 . GLU A 1 81 ? -4.535  12.894  -1.807  1.00 60.31 ? 80  GLU A OE2 1 
ATOM   613 N N   . HIS A 1 82 ? -0.643  18.523  0.170   1.00 66.16 ? 81  HIS A N   1 
ATOM   614 C CA  . HIS A 1 82 ? -0.677  19.810  0.858   1.00 61.35 ? 81  HIS A CA  1 
ATOM   615 C C   . HIS A 1 82 ? 0.339   20.807  0.343   1.00 68.67 ? 81  HIS A C   1 
ATOM   616 O O   . HIS A 1 82 ? -0.008  21.981  0.148   1.00 76.43 ? 81  HIS A O   1 
ATOM   617 C CB  . HIS A 1 82 ? -0.499  19.588  2.354   1.00 69.27 ? 81  HIS A CB  1 
ATOM   618 C CG  . HIS A 1 82 ? -1.554  18.698  2.934   1.00 80.24 ? 81  HIS A CG  1 
ATOM   619 N ND1 . HIS A 1 82 ? -2.586  18.190  2.170   1.00 81.79 ? 81  HIS A ND1 1 
ATOM   620 C CD2 . HIS A 1 82 ? -1.725  18.195  4.180   1.00 88.27 ? 81  HIS A CD2 1 
ATOM   621 C CE1 . HIS A 1 82 ? -3.372  17.448  2.927   1.00 85.68 ? 81  HIS A CE1 1 
ATOM   622 N NE2 . HIS A 1 82 ? -2.863  17.421  4.149   1.00 94.11 ? 81  HIS A NE2 1 
ATOM   623 N N   . HIS A 1 83 ? 1.568   20.372  0.077   1.00 67.89 ? 82  HIS A N   1 
ATOM   624 C CA  . HIS A 1 83 ? 2.608   21.324  -0.283  1.00 68.26 ? 82  HIS A CA  1 
ATOM   625 C C   . HIS A 1 83 ? 2.661   21.659  -1.763  1.00 62.20 ? 82  HIS A C   1 
ATOM   626 O O   . HIS A 1 83 ? 2.920   22.820  -2.106  1.00 67.01 ? 82  HIS A O   1 
ATOM   627 C CB  . HIS A 1 83 ? 3.978   20.823  0.168   1.00 72.45 ? 82  HIS A CB  1 
ATOM   628 C CG  . HIS A 1 83 ? 4.091   20.577  1.644   1.00 70.60 ? 82  HIS A CG  1 
ATOM   629 N ND1 . HIS A 1 83 ? 3.280   19.687  2.318   1.00 62.50 ? 82  HIS A ND1 1 
ATOM   630 C CD2 . HIS A 1 83 ? 4.912   21.129  2.578   1.00 71.21 ? 82  HIS A CD2 1 
ATOM   631 C CE1 . HIS A 1 83 ? 3.614   19.678  3.597   1.00 70.10 ? 82  HIS A CE1 1 
ATOM   632 N NE2 . HIS A 1 83 ? 4.596   20.547  3.783   1.00 75.21 ? 82  HIS A NE2 1 
HETATM 633 O O   . HOH B 2 .  ? 5.276   -1.524  -6.188  1.00 41.39 ? 101 HOH A O   1 
HETATM 634 O O   . HOH B 2 .  ? -11.156 6.811   1.550   1.00 62.54 ? 102 HOH A O   1 
HETATM 635 O O   . HOH B 2 .  ? 4.386   2.737   10.753  1.00 44.59 ? 103 HOH A O   1 
HETATM 636 O O   . HOH B 2 .  ? 1.839   18.682  -4.450  1.00 54.27 ? 104 HOH A O   1 
HETATM 637 O O   . HOH B 2 .  ? 5.700   -7.549  6.225   1.00 44.02 ? 105 HOH A O   1 
HETATM 638 O O   . HOH B 2 .  ? 9.911   1.585   -3.977  1.00 37.99 ? 106 HOH A O   1 
HETATM 639 O O   . HOH B 2 .  ? 9.178   -17.273 -4.470  1.00 49.00 ? 107 HOH A O   1 
HETATM 640 O O   . HOH B 2 .  ? 16.366  -9.882  2.783   1.00 48.51 ? 108 HOH A O   1 
HETATM 641 O O   . HOH B 2 .  ? -10.367 -2.105  -1.556  1.00 44.85 ? 109 HOH A O   1 
HETATM 642 O O   . HOH B 2 .  ? -4.914  -16.027 0.939   1.00 61.84 ? 110 HOH A O   1 
HETATM 643 O O   . HOH B 2 .  ? 2.740   -11.274 -9.860  1.00 32.83 ? 111 HOH A O   1 
HETATM 644 O O   . HOH B 2 .  ? -5.827  4.103   8.798   1.00 45.13 ? 112 HOH A O   1 
HETATM 645 O O   . HOH B 2 .  ? 7.526   -7.144  -1.750  1.00 47.15 ? 113 HOH A O   1 
HETATM 646 O O   . HOH B 2 .  ? -5.489  -11.125 -0.786  1.00 41.51 ? 114 HOH A O   1 
HETATM 647 O O   . HOH B 2 .  ? 7.223   -9.782  0.143   1.00 41.47 ? 115 HOH A O   1 
HETATM 648 O O   . HOH B 2 .  ? -2.553  10.100  3.753   1.00 47.42 ? 116 HOH A O   1 
HETATM 649 O O   . HOH B 2 .  ? -11.349 -8.723  0.367   1.00 46.19 ? 117 HOH A O   1 
HETATM 650 O O   . HOH B 2 .  ? -10.339 -9.480  3.667   1.00 52.58 ? 118 HOH A O   1 
HETATM 651 O O   . HOH B 2 .  ? 9.032   -9.034  -9.966  1.00 47.83 ? 119 HOH A O   1 
HETATM 652 O O   . HOH B 2 .  ? -0.284  -15.829 3.184   1.00 44.60 ? 120 HOH A O   1 
HETATM 653 O O   . HOH B 2 .  ? 4.335   -5.977  0.575   1.00 48.56 ? 121 HOH A O   1 
HETATM 654 O O   . HOH B 2 .  ? 0.462   -14.162 5.592   1.00 50.45 ? 122 HOH A O   1 
HETATM 655 O O   . HOH B 2 .  ? -1.042  5.465   8.157   1.00 46.49 ? 123 HOH A O   1 
HETATM 656 O O   . HOH B 2 .  ? -8.072  -7.658  -1.995  1.00 39.02 ? 124 HOH A O   1 
HETATM 657 O O   . HOH B 2 .  ? -11.350 7.923   9.093   1.00 45.02 ? 125 HOH A O   1 
HETATM 658 O O   . HOH B 2 .  ? 3.324   -5.623  7.998   1.00 47.52 ? 126 HOH A O   1 
HETATM 659 O O   . HOH B 2 .  ? -1.553  1.856   -7.528  1.00 47.51 ? 127 HOH A O   1 
HETATM 660 O O   . HOH B 2 .  ? 11.907  -14.473 -3.445  1.00 47.19 ? 128 HOH A O   1 
HETATM 661 O O   . HOH B 2 .  ? -4.955  13.259  -4.790  1.00 57.01 ? 129 HOH A O   1 
HETATM 662 O O   . HOH B 2 .  ? -8.275  -7.304  9.257   1.00 53.13 ? 130 HOH A O   1 
HETATM 663 O O   . HOH B 2 .  ? 6.909   -12.473 -10.972 1.00 40.09 ? 131 HOH A O   1 
HETATM 664 O O   . HOH B 2 .  ? -9.525  -0.594  11.686  1.00 55.56 ? 132 HOH A O   1 
HETATM 665 O O   . HOH B 2 .  ? -9.754  -4.844  -4.870  1.00 48.84 ? 133 HOH A O   1 
HETATM 666 O O   . HOH B 2 .  ? 11.774  -7.602  -3.295  1.00 50.96 ? 134 HOH A O   1 
HETATM 667 O O   . HOH B 2 .  ? 4.435   -9.010  -9.731  1.00 38.87 ? 135 HOH A O   1 
HETATM 668 O O   . HOH B 2 .  ? 10.179  -19.031 -2.280  0.50 55.40 ? 136 HOH A O   1 
HETATM 669 O O   . HOH B 2 .  ? 7.003   -5.835  -8.633  1.00 47.31 ? 137 HOH A O   1 
HETATM 670 O O   . HOH B 2 .  ? 11.942  -16.599 -1.807  1.00 53.36 ? 138 HOH A O   1 
HETATM 671 O O   . HOH B 2 .  ? -1.844  2.267   -9.583  1.00 53.97 ? 139 HOH A O   1 
HETATM 672 O O   . HOH B 2 .  ? -3.930  12.249  7.730   1.00 46.97 ? 140 HOH A O   1 
HETATM 673 O O   . HOH B 2 .  ? -0.246  10.025  7.346   1.00 49.34 ? 141 HOH A O   1 
HETATM 674 O O   . HOH B 2 .  ? -5.658  -13.473 0.605   1.00 52.05 ? 142 HOH A O   1 
HETATM 675 O O   . HOH B 2 .  ? 4.774   -6.202  -9.252  1.00 47.49 ? 143 HOH A O   1 
HETATM 676 O O   . HOH B 2 .  ? 6.387   -18.509 -4.602  1.00 48.25 ? 144 HOH A O   1 
HETATM 677 O O   . HOH B 2 .  ? -2.796  9.985   6.612   1.00 49.43 ? 145 HOH A O   1 
HETATM 678 O O   . HOH B 2 .  ? -11.786 -5.391  -3.396  1.00 51.53 ? 146 HOH A O   1 
HETATM 679 O O   . HOH B 2 .  ? -4.487  8.732   4.623   1.00 60.24 ? 147 HOH A O   1 
HETATM 680 O O   . HOH B 2 .  ? -7.053  6.875   10.354  1.00 43.39 ? 148 HOH A O   1 
HETATM 681 O O   . HOH B 2 .  ? -9.126  -9.261  8.703   1.00 54.62 ? 149 HOH A O   1 
HETATM 682 O O   . HOH B 2 .  ? 9.053   -6.223  -3.938  1.00 50.96 ? 150 HOH A O   1 
HETATM 683 O O   . HOH B 2 .  ? -8.566  -11.734 10.138  1.00 56.53 ? 151 HOH A O   1 
HETATM 684 O O   . HOH B 2 .  ? -6.539  9.111   9.100   1.00 46.74 ? 152 HOH A O   1 
# 
loop_
_atom_site_anisotrop.id 
_atom_site_anisotrop.type_symbol 
_atom_site_anisotrop.pdbx_label_atom_id 
_atom_site_anisotrop.pdbx_label_alt_id 
_atom_site_anisotrop.pdbx_label_comp_id 
_atom_site_anisotrop.pdbx_label_asym_id 
_atom_site_anisotrop.pdbx_label_seq_id 
_atom_site_anisotrop.pdbx_PDB_ins_code 
_atom_site_anisotrop.U[1][1] 
_atom_site_anisotrop.U[2][2] 
_atom_site_anisotrop.U[3][3] 
_atom_site_anisotrop.U[1][2] 
_atom_site_anisotrop.U[1][3] 
_atom_site_anisotrop.U[2][3] 
_atom_site_anisotrop.pdbx_auth_seq_id 
_atom_site_anisotrop.pdbx_auth_comp_id 
_atom_site_anisotrop.pdbx_auth_asym_id 
_atom_site_anisotrop.pdbx_auth_atom_id 
1   N N   . GLY A 1  ? 0.9130 0.8103 1.4863 0.2072  0.1857  -0.0001 0  GLY A N   
2   C CA  . GLY A 1  ? 0.7158 0.6037 1.2600 0.2228  0.1783  0.0298  0  GLY A CA  
3   C C   . GLY A 1  ? 0.7079 0.6125 1.2247 0.2152  0.1728  0.0326  0  GLY A C   
4   O O   . GLY A 1  ? 0.6880 0.6079 1.2079 0.1955  0.1794  0.0158  0  GLY A O   
5   N N   . LYS A 2  ? 0.7304 0.6309 1.2140 0.2364  0.1591  0.0528  1  LYS A N   
6   C CA  . LYS A 2  ? 0.6490 0.5645 1.1090 0.2318  0.1498  0.0549  1  LYS A CA  
7   C C   . LYS A 2  ? 0.6331 0.5247 1.0723 0.2127  0.1675  0.0707  1  LYS A C   
8   O O   . LYS A 2  ? 0.6354 0.4963 1.0637 0.2184  0.1812  0.0942  1  LYS A O   
9   C CB  . LYS A 2  ? 0.7399 0.6608 1.1669 0.2703  0.1203  0.0626  1  LYS A CB  
10  N N   . VAL A 3  ? 0.5055 0.4117 0.9452 0.1904  0.1703  0.0578  2  VAL A N   
11  C CA  . VAL A 3  ? 0.4950 0.3846 0.9156 0.1745  0.1800  0.0668  2  VAL A CA  
12  C C   . VAL A 3  ? 0.5015 0.4102 0.8965 0.1754  0.1666  0.0690  2  VAL A C   
13  O O   . VAL A 3  ? 0.5542 0.4909 0.9674 0.1675  0.1620  0.0510  2  VAL A O   
14  C CB  . VAL A 3  ? 0.4804 0.3668 0.9232 0.1515  0.1911  0.0407  2  VAL A CB  
15  C CG1 . VAL A 3  ? 0.4997 0.3689 0.9338 0.1367  0.1964  0.0450  2  VAL A CG1 
16  C CG2 . VAL A 3  ? 0.6507 0.5265 1.1303 0.1537  0.1962  0.0290  2  VAL A CG2 
17  N N   . VAL A 4  ? 0.4841 0.3790 0.8413 0.1860  0.1629  0.0918  3  VAL A N   
18  C CA  . VAL A 4  ? 0.4639 0.3768 0.7969 0.1898  0.1452  0.0917  3  VAL A CA  
19  C C   . VAL A 4  ? 0.5279 0.4297 0.8556 0.1627  0.1604  0.0900  3  VAL A C   
20  O O   . VAL A 4  ? 0.4696 0.3455 0.7876 0.1575  0.1759  0.1048  3  VAL A O   
21  C CB  . VAL A 4  ? 0.5063 0.4126 0.7864 0.2258  0.1275  0.1127  3  VAL A CB  
22  C CG1 . VAL A 4  ? 0.5390 0.4562 0.7894 0.2247  0.1133  0.1135  3  VAL A CG1 
23  C CG2 . VAL A 4  ? 0.6262 0.5498 0.9097 0.2611  0.0975  0.1003  3  VAL A CG2 
24  N N   . LEU A 5  ? 0.4043 0.3284 0.7366 0.1427  0.1547  0.0705  4  LEU A N   
25  C CA  . LEU A 5  ? 0.3881 0.3044 0.7011 0.1179  0.1615  0.0612  4  LEU A CA  
26  C C   . LEU A 5  ? 0.5031 0.4360 0.7847 0.1106  0.1433  0.0643  4  LEU A C   
27  O O   . LEU A 5  ? 0.4860 0.4455 0.7810 0.1144  0.1276  0.0596  4  LEU A O   
28  C CB  . LEU A 5  ? 0.4581 0.3818 0.7831 0.1065  0.1727  0.0359  4  LEU A CB  
29  C CG  . LEU A 5  ? 0.6090 0.5308 0.9007 0.0920  0.1731  0.0203  4  LEU A CG  
30  C CD1 . LEU A 5  ? 0.5598 0.4562 0.8591 0.0887  0.1727  0.0131  4  LEU A CD1 
31  C CD2 . LEU A 5  ? 0.5224 0.4512 0.8093 0.0993  0.1871  0.0000  4  LEU A CD2 
32  N N   . ASP A 6  ? 0.4571 0.3752 0.7113 0.1003  0.1443  0.0686  5  ASP A N   
33  C CA  . ASP A 6  ? 0.3746 0.3067 0.5986 0.0918  0.1268  0.0685  5  ASP A CA  
34  C C   . ASP A 6  ? 0.4923 0.4165 0.7012 0.0691  0.1330  0.0517  5  ASP A C   
35  O O   . ASP A 6  ? 0.4079 0.3105 0.6227 0.0650  0.1426  0.0455  5  ASP A O   
36  C CB  . ASP A 6  ? 0.5051 0.4261 0.6998 0.1105  0.1207  0.0906  5  ASP A CB  
37  C CG  . ASP A 6  ? 0.6478 0.5728 0.8380 0.1489  0.1108  0.1056  5  ASP A CG  
38  O OD1 . ASP A 6  ? 0.6818 0.6325 0.8970 0.1552  0.0910  0.0896  5  ASP A OD1 
39  O OD2 . ASP A 6  ? 0.7430 0.6433 0.9104 0.1770  0.1261  0.1335  5  ASP A OD2 
40  N N   . ALA A 7  ? 0.4105 0.3508 0.6077 0.0588  0.1283  0.0429  6  ALA A N   
41  C CA  . ALA A 7  ? 0.4359 0.3674 0.5999 0.0473  0.1290  0.0291  6  ALA A CA  
42  C C   . ALA A 7  ? 0.4497 0.3880 0.5923 0.0389  0.1106  0.0368  6  ALA A C   
43  O O   . ALA A 7  ? 0.4044 0.3620 0.5579 0.0377  0.1009  0.0426  6  ALA A O   
44  C CB  . ALA A 7  ? 0.4626 0.3990 0.6153 0.0508  0.1449  0.0212  6  ALA A CB  
45  N N   . VAL A 8  ? 0.3653 0.2892 0.4909 0.0343  0.1056  0.0335  7  VAL A N   
46  C CA  . VAL A 8  ? 0.3856 0.3150 0.4878 0.0294  0.0888  0.0397  7  VAL A CA  
47  C C   . VAL A 8  ? 0.4007 0.3257 0.4738 0.0170  0.0831  0.0217  7  VAL A C   
48  O O   . VAL A 8  ? 0.3660 0.2753 0.4356 0.0156  0.0854  0.0019  7  VAL A O   
49  C CB  . VAL A 8  ? 0.3937 0.3088 0.4998 0.0372  0.0951  0.0530  7  VAL A CB  
50  C CG1 . VAL A 8  ? 0.4876 0.4098 0.5639 0.0376  0.0795  0.0592  7  VAL A CG1 
51  C CG2 . VAL A 8  ? 0.4629 0.3759 0.5846 0.0608  0.1051  0.0754  7  VAL A CG2 
52  N N   . THR A 9  ? 0.4233 0.3612 0.4830 0.0118  0.0732  0.0253  8  THR A N   
53  C CA  . THR A 9  ? 0.3600 0.2888 0.3850 0.0088  0.0752  0.0139  8  THR A CA  
54  C C   . THR A 9  ? 0.4345 0.3721 0.4489 -0.0006 0.0566  0.0187  8  THR A C   
55  O O   . THR A 9  ? 0.4119 0.3686 0.4561 -0.0019 0.0433  0.0282  8  THR A O   
56  C CB  . THR A 9  ? 0.4682 0.3953 0.4921 0.0193  0.1000  0.0191  8  THR A CB  
57  O OG1 . THR A 9  ? 0.5867 0.4990 0.5590 0.0289  0.1060  0.0135  8  THR A OG1 
58  C CG2 . THR A 9  ? 0.4242 0.3706 0.4991 0.0147  0.1078  0.0385  8  THR A CG2 
59  N N   . HIS A 10 ? 0.4681 0.3928 0.4421 -0.0019 0.0505  0.0063  9  HIS A N   
60  C CA  . HIS A 10 ? 0.4346 0.3648 0.3995 -0.0093 0.0372  0.0115  9  HIS A CA  
61  C C   . HIS A 10 ? 0.3732 0.3118 0.3759 -0.0090 0.0542  0.0305  9  HIS A C   
62  O O   . HIS A 10 ? 0.4048 0.3364 0.4138 0.0011  0.0841  0.0400  9  HIS A O   
63  C CB  . HIS A 10 ? 0.5140 0.4247 0.4234 -0.0039 0.0309  -0.0057 9  HIS A CB  
64  C CG  . HIS A 10 ? 0.5688 0.4819 0.4677 -0.0114 0.0161  -0.0009 9  HIS A CG  
65  N ND1 . HIS A 10 ? 0.5143 0.4198 0.4113 -0.0061 0.0335  0.0172  9  HIS A ND1 
66  C CD2 . HIS A 10 ? 0.5751 0.4961 0.4709 -0.0217 -0.0105 -0.0100 9  HIS A CD2 
67  C CE1 . HIS A 10 ? 0.4764 0.3852 0.3752 -0.0152 0.0141  0.0166  9  HIS A CE1 
68  N NE2 . HIS A 10 ? 0.4899 0.4099 0.3833 -0.0244 -0.0155 -0.0018 9  HIS A NE2 
69  N N   . PRO A 11 ? 0.4828 0.3448 0.2613 0.0843  0.0357  0.0143  10 PRO A N   
70  C CA  . PRO A 11 ? 0.5108 0.3350 0.2769 0.0707  0.0385  0.0061  10 PRO A CA  
71  C C   . PRO A 11 ? 0.6915 0.4467 0.4100 0.0545  0.0470  -0.0095 10 PRO A C   
72  O O   . PRO A 11 ? 0.6801 0.4083 0.4069 0.0343  0.0631  -0.0121 10 PRO A O   
73  C CB  . PRO A 11 ? 0.5330 0.3705 0.2714 0.0907  0.0119  0.0016  10 PRO A CB  
74  C CG  . PRO A 11 ? 0.5763 0.4791 0.3294 0.1148  0.0044  0.0151  10 PRO A CG  
75  C CD  . PRO A 11 ? 0.4938 0.4002 0.2570 0.1100  0.0164  0.0180  10 PRO A CD  
76  N N   . SER A 12 ? 0.6603 0.3868 0.3315 0.0623  0.0383  -0.0197 11 SER A N   
77  C CA  . SER A 12 ? 0.7073 0.3615 0.3209 0.0492  0.0468  -0.0318 11 SER A CA  
78  C C   . SER A 12 ? 0.7274 0.3743 0.3713 0.0304  0.0786  -0.0312 11 SER A C   
79  O O   . SER A 12 ? 0.7477 0.3447 0.3521 0.0153  0.0944  -0.0362 11 SER A O   
80  C CB  . SER A 12 ? 0.7560 0.4093 0.3541 0.0622  0.0197  -0.0358 11 SER A CB  
81  O OG  . SER A 12 ? 0.7756 0.4554 0.3972 0.0730  0.0206  -0.0410 11 SER A OG  
82  N N   . LYS A 13 ? 0.6227 0.3212 0.3393 0.0310  0.0875  -0.0233 12 LYS A N   
83  C CA  . LYS A 13 ? 0.6341 0.3253 0.3801 0.0193  0.1110  -0.0289 12 LYS A CA  
84  C C   . LYS A 13 ? 0.6070 0.3335 0.4259 0.0062  0.1297  -0.0212 12 LYS A C   
85  O O   . LYS A 13 ? 0.6392 0.3758 0.5037 0.0010  0.1448  -0.0261 12 LYS A O   
86  C CB  . LYS A 13 ? 0.6217 0.3342 0.4001 0.0312  0.1005  -0.0310 12 LYS A CB  
87  C CG  . LYS A 13 ? 0.7599 0.4484 0.4817 0.0485  0.0748  -0.0427 12 LYS A CG  
88  C CD  . LYS A 13 ? 0.8044 0.4912 0.5525 0.0552  0.0686  -0.0553 12 LYS A CD  
89  C CE  . LYS A 13 ? 0.8479 0.5995 0.6972 0.0532  0.0690  -0.0370 12 LYS A CE  
90  N NZ  . LYS A 13 ? 0.7170 0.4722 0.6148 0.0581  0.0577  -0.0481 12 LYS A NZ  
91  N N   . ILE A 14 ? 0.6041 0.3461 0.4347 0.0032  0.1252  -0.0136 13 ILE A N   
92  C CA  . ILE A 14 ? 0.5969 0.3710 0.4989 -0.0064 0.1369  -0.0103 13 ILE A CA  
93  C C   . ILE A 14 ? 0.6455 0.3977 0.5598 -0.0267 0.1694  -0.0252 13 ILE A C   
94  O O   . ILE A 14 ? 0.5590 0.3409 0.5437 -0.0310 0.1818  -0.0292 13 ILE A O   
95  C CB  . ILE A 14 ? 0.6442 0.4308 0.5479 -0.0028 0.1195  -0.0055 13 ILE A CB  
96  C CG1 . ILE A 14 ? 0.6157 0.4443 0.5262 0.0212  0.0928  0.0102  13 ILE A CG1 
97  C CG2 . ILE A 14 ? 0.7185 0.5222 0.6878 -0.0167 0.1320  -0.0112 13 ILE A CG2 
98  C CD1 . ILE A 14 ? 0.6082 0.4442 0.4990 0.0335  0.0688  0.0096  13 ILE A CD1 
99  N N   . GLU A 15 ? 0.6499 0.3505 0.4964 -0.0389 0.1843  -0.0331 14 GLU A N   
100 C CA  . GLU A 15 ? 0.7122 0.3941 0.5610 -0.0586 0.2232  -0.0458 14 GLU A CA  
101 C C   . GLU A 15 ? 0.6950 0.3826 0.5571 -0.0508 0.2349  -0.0579 14 GLU A C   
102 O O   . GLU A 15 ? 0.7025 0.4159 0.6244 -0.0575 0.2579  -0.0700 14 GLU A O   
103 C CB  . GLU A 15 ? 0.8877 0.5043 0.6444 -0.0724 0.2369  -0.0457 14 GLU A CB  
104 C CG  . GLU A 15 ? 0.8813 0.4881 0.6516 -0.1005 0.2794  -0.0501 14 GLU A CG  
105 C CD  . GLU A 15 ? 1.1415 0.7712 0.9718 -0.1147 0.2734  -0.0449 14 GLU A CD  
106 O OE1 . GLU A 15 ? 1.0279 0.6736 0.8710 -0.0991 0.2337  -0.0383 14 GLU A OE1 
107 O OE2 . GLU A 15 ? 1.2688 0.9012 1.1327 -0.1406 0.3085  -0.0491 14 GLU A OE2 
108 N N   . GLU A 16 ? 0.6980 0.3586 0.5045 -0.0356 0.2176  -0.0597 15 GLU A N   
109 C CA  . GLU A 16 ? 0.6854 0.3504 0.5103 -0.0237 0.2175  -0.0735 15 GLU A CA  
110 C C   . GLU A 16 ? 0.6042 0.3252 0.5357 -0.0206 0.2121  -0.0709 15 GLU A C   
111 O O   . GLU A 16 ? 0.6479 0.3792 0.6213 -0.0213 0.2285  -0.0880 15 GLU A O   
112 C CB  . GLU A 16 ? 0.7885 0.4327 0.5684 -0.0052 0.1863  -0.0731 15 GLU A CB  
113 C CG  . GLU A 16 ? 0.8301 0.4848 0.6405 0.0080  0.1726  -0.0861 15 GLU A CG  
114 C CD  . GLU A 16 ? 0.8736 0.5194 0.6542 0.0241  0.1374  -0.0859 15 GLU A CD  
115 O OE1 . GLU A 16 ? 0.9449 0.5731 0.6639 0.0258  0.1234  -0.0784 15 GLU A OE1 
116 O OE2 . GLU A 16 ? 0.9321 0.5901 0.7612 0.0349  0.1218  -0.0938 15 GLU A OE2 
117 N N   . ALA A 17 ? 0.6537 0.4094 0.6266 -0.0152 0.1882  -0.0500 16 ALA A N   
118 C CA  . ALA A 17 ? 0.4774 0.2770 0.5427 -0.0106 0.1786  -0.0423 16 ALA A CA  
119 C C   . ALA A 17 ? 0.4876 0.3084 0.6121 -0.0205 0.1975  -0.0530 16 ALA A C   
120 O O   . ALA A 17 ? 0.4621 0.3001 0.6513 -0.0172 0.1993  -0.0638 16 ALA A O   
121 C CB  . ALA A 17 ? 0.5157 0.3459 0.5982 -0.0018 0.1525  -0.0140 16 ALA A CB  
122 N N   . GLU A 18 ? 0.5345 0.3527 0.6432 -0.0326 0.2108  -0.0543 17 GLU A N   
123 C CA  . GLU A 18 ? 0.4379 0.2821 0.6149 -0.0429 0.2290  -0.0684 17 GLU A CA  
124 C C   . GLU A 18 ? 0.4785 0.3156 0.6634 -0.0496 0.2634  -0.0960 17 GLU A C   
125 O O   . GLU A 18 ? 0.5155 0.3845 0.7799 -0.0477 0.2705  -0.1130 17 GLU A O   
126 C CB  . GLU A 18 ? 0.5384 0.3780 0.6993 -0.0568 0.2347  -0.0651 17 GLU A CB  
127 C CG  . GLU A 18 ? 0.5120 0.3810 0.7510 -0.0705 0.2544  -0.0825 17 GLU A CG  
128 C CD  . GLU A 18 ? 0.4887 0.4019 0.8183 -0.0559 0.2267  -0.0817 17 GLU A CD  
129 O OE1 . GLU A 18 ? 0.4661 0.3850 0.7852 -0.0391 0.1916  -0.0596 17 GLU A OE1 
130 O OE2 . GLU A 18 ? 0.4626 0.4046 0.8711 -0.0599 0.2404  -0.1035 17 GLU A OE2 
131 N N   . LYS A 19 ? 0.6088 0.4035 0.7084 -0.0550 0.2846  -0.1031 18 LYS A N   
132 C CA  . LYS A 19 ? 0.6496 0.4374 0.7417 -0.0577 0.3201  -0.1301 18 LYS A CA  
133 C C   . LYS A 19 ? 0.6395 0.4399 0.7717 -0.0378 0.3016  -0.1444 18 LYS A C   
134 O O   . LYS A 19 ? 0.5845 0.4107 0.7621 -0.0366 0.3120  -0.1649 18 LYS A O   
135 C CB  . LYS A 19 ? 0.7438 0.4783 0.7210 -0.0656 0.3365  -0.1267 18 LYS A CB  
136 C CG  . LYS A 19 ? 0.8769 0.5843 0.8061 -0.0876 0.3529  -0.1108 18 LYS A CG  
137 C CD  . LYS A 19 ? 0.9127 0.6655 0.9349 -0.1035 0.3622  -0.1097 18 LYS A CD  
138 C CE  . LYS A 19 ? 0.8663 0.5914 0.8510 -0.1227 0.3618  -0.0917 18 LYS A CE  
139 N NZ  . LYS A 19 ? 0.7924 0.5281 0.7928 -0.1090 0.3128  -0.0757 18 LYS A NZ  
140 N N   . LEU A 20 ? 0.6306 0.4184 0.7521 -0.0236 0.2670  -0.1309 19 LEU A N   
141 C CA  . LEU A 20 ? 0.5987 0.3985 0.7746 -0.0071 0.2430  -0.1408 19 LEU A CA  
142 C C   . LEU A 20 ? 0.5087 0.3503 0.7953 -0.0047 0.2329  -0.1413 19 LEU A C   
143 O O   . LEU A 20 ? 0.5738 0.4343 0.9098 0.0020  0.2272  -0.1609 19 LEU A O   
144 C CB  . LEU A 20 ? 0.5562 0.3365 0.7080 0.0032  0.2101  -0.1230 19 LEU A CB  
145 C CG  . LEU A 20 ? 0.5743 0.3606 0.7751 0.0167  0.1825  -0.1321 19 LEU A CG  
146 C CD1 . LEU A 20 ? 0.6631 0.4241 0.7975 0.0262  0.1835  -0.1579 19 LEU A CD1 
147 C CD2 . LEU A 20 ? 0.6258 0.4098 0.8419 0.0204  0.1535  -0.1054 19 LEU A CD2 
148 N N   . LEU A 21 ? 0.5304 0.3932 0.8455 -0.0099 0.2178  -0.1140 20 LEU A N   
149 C CA  . LEU A 21 ? 0.4090 0.3074 0.8198 -0.0058 0.2033  -0.1129 20 LEU A CA  
150 C C   . LEU A 21 ? 0.5426 0.4630 1.0016 -0.0100 0.2321  -0.1485 20 LEU A C   
151 O O   . LEU A 21 ? 0.5241 0.4703 1.0587 -0.0034 0.2151  -0.1597 20 LEU A O   
152 C CB  . LEU A 21 ? 0.4234 0.3376 0.8372 -0.0085 0.1859  -0.0824 20 LEU A CB  
153 C CG  . LEU A 21 ? 0.4508 0.3635 0.8463 -0.0009 0.1553  -0.0443 20 LEU A CG  
154 C CD1 . LEU A 21 ? 0.4521 0.3881 0.8690 0.0025  0.1393  -0.0259 20 LEU A CD1 
155 C CD2 . LEU A 21 ? 0.4648 0.3771 0.9105 0.0083  0.1344  -0.0366 20 LEU A CD2 
156 N N   . GLU A 22 ? 0.5488 0.4628 0.9571 -0.0256 0.2698  -0.1606 21 GLU A N   
157 C CA  . GLU A 22 ? 0.4857 0.4265 0.9282 -0.0370 0.2944  -0.1863 21 GLU A CA  
158 C C   . GLU A 22 ? 0.5379 0.4830 0.9852 -0.0267 0.2950  -0.2115 21 GLU A C   
159 O O   . GLU A 22 ? 0.5502 0.5284 1.0667 -0.0238 0.2928  -0.2340 21 GLU A O   
160 C CB  . GLU A 22 ? 0.5820 0.5059 0.9587 -0.0593 0.3329  -0.1847 21 GLU A CB  
161 C CG  . GLU A 22 ? 0.6676 0.6126 1.0903 -0.0736 0.3359  -0.1799 21 GLU A CG  
162 C CD  . GLU A 22 ? 0.6303 0.6196 1.1598 -0.0681 0.3201  -0.1996 21 GLU A CD  
163 O OE1 . GLU A 22 ? 0.7294 0.7356 1.2869 -0.0655 0.3297  -0.2244 21 GLU A OE1 
164 O OE2 . GLU A 22 ? 0.6253 0.6325 1.2080 -0.0640 0.2946  -0.1914 21 GLU A OE2 
165 N N   . GLU A 23 ? 0.5380 0.4498 0.9091 -0.0189 0.2958  -0.2116 22 GLU A N   
166 C CA  . GLU A 23 ? 0.6567 0.5723 1.0316 -0.0028 0.2889  -0.2376 22 GLU A CA  
167 C C   . GLU A 23 ? 0.5615 0.4952 1.0246 0.0128  0.2471  -0.2412 22 GLU A C   
168 O O   . GLU A 23 ? 0.6592 0.6153 1.1691 0.0226  0.2419  -0.2683 22 GLU A O   
169 C CB  . GLU A 23 ? 0.7758 0.6487 1.0528 0.0078  0.2863  -0.2377 22 GLU A CB  
170 C CG  . GLU A 23 ? 0.9040 0.7477 1.0778 -0.0055 0.3211  -0.2303 22 GLU A CG  
171 C CD  . GLU A 23 ? 1.0883 0.8845 1.1684 0.0080  0.3020  -0.2241 22 GLU A CD  
172 O OE1 . GLU A 23 ? 1.1969 0.9623 1.1837 0.0023  0.3224  -0.2190 22 GLU A OE1 
173 O OE2 . GLU A 23 ? 1.0628 0.8518 1.1674 0.0232  0.2633  -0.2221 22 GLU A OE2 
174 N N   . TYR A 24 ? 0.4992 0.4222 0.9841 0.0154  0.2158  -0.2129 23 TYR A N   
175 C CA  . TYR A 24 ? 0.4877 0.4226 1.0521 0.0268  0.1748  -0.2101 23 TYR A CA  
176 C C   . TYR A 24 ? 0.4674 0.4365 1.1129 0.0241  0.1684  -0.2151 23 TYR A C   
177 O O   . TYR A 24 ? 0.5094 0.4913 1.2177 0.0335  0.1415  -0.2279 23 TYR A O   
178 C CB  . TYR A 24 ? 0.4219 0.3365 0.9841 0.0285  0.1444  -0.1731 23 TYR A CB  
179 C CG  . TYR A 24 ? 0.4451 0.3302 0.9542 0.0353  0.1343  -0.1759 23 TYR A CG  
180 C CD1 . TYR A 24 ? 0.4676 0.3275 0.8851 0.0327  0.1581  -0.1800 23 TYR A CD1 
181 C CD2 . TYR A 24 ? 0.4779 0.3583 1.0276 0.0437  0.0980  -0.1743 23 TYR A CD2 
182 C CE1 . TYR A 24 ? 0.5715 0.4031 0.9395 0.0420  0.1430  -0.1859 23 TYR A CE1 
183 C CE2 . TYR A 24 ? 0.4745 0.3294 0.9817 0.0506  0.0849  -0.1803 23 TYR A CE2 
184 C CZ  . TYR A 24 ? 0.5510 0.3819 0.9675 0.0514  0.1064  -0.1872 23 TYR A CZ  
185 O OH  . TYR A 24 ? 0.5589 0.3627 0.9309 0.0612  0.0889  -0.1956 23 TYR A OH  
186 N N   . ARG A 25 ? 0.4160 0.3980 1.0616 0.0121  0.1889  -0.2083 24 ARG A N   
187 C CA  . ARG A 25 ? 0.4282 0.4421 1.1508 0.0110  0.1785  -0.2197 24 ARG A CA  
188 C C   . ARG A 25 ? 0.5366 0.5750 1.2908 0.0123  0.1935  -0.2618 24 ARG A C   
189 O O   . ARG A 25 ? 0.5284 0.5858 1.3541 0.0208  0.1672  -0.2781 24 ARG A O   
190 C CB  . ARG A 25 ? 0.4182 0.4406 1.1322 -0.0022 0.1973  -0.2096 24 ARG A CB  
191 C CG  . ARG A 25 ? 0.3583 0.3711 1.0724 0.0038  0.1694  -0.1714 24 ARG A CG  
192 C CD  . ARG A 25 ? 0.3989 0.4224 1.1032 -0.0072 0.1858  -0.1678 24 ARG A CD  
193 N NE  . ARG A 25 ? 0.4416 0.4558 1.1216 0.0013  0.1664  -0.1318 24 ARG A NE  
194 C CZ  . ARG A 25 ? 0.4125 0.4128 1.0191 -0.0107 0.1788  -0.1156 24 ARG A CZ  
195 N NH1 . ARG A 25 ? 0.4733 0.4652 1.0394 -0.0288 0.2184  -0.1318 24 ARG A NH1 
196 N NH2 . ARG A 25 ? 0.3863 0.3786 0.9536 -0.0033 0.1504  -0.0812 24 ARG A NH2 
197 N N   . GLU A 26 ? 0.5388 0.5766 1.2367 0.0049  0.2355  -0.2796 25 GLU A N   
198 C CA  . GLU A 26 ? 0.5370 0.6047 1.2639 0.0069  0.2548  -0.3183 25 GLU A CA  
199 C C   . GLU A 26 ? 0.5485 0.6133 1.2815 0.0285  0.2348  -0.3402 25 GLU A C   
200 O O   . GLU A 26 ? 0.5761 0.6702 1.3496 0.0366  0.2399  -0.3746 25 GLU A O   
201 C CB  . GLU A 26 ? 0.7314 0.8010 1.3940 -0.0090 0.3095  -0.3266 25 GLU A CB  
202 C CG  . GLU A 26 ? 0.8234 0.8610 1.3870 -0.0019 0.3272  -0.3249 25 GLU A CG  
203 C CD  . GLU A 26 ? 0.9059 0.9271 1.3865 -0.0222 0.3742  -0.3137 25 GLU A CD  
204 O OE1 . GLU A 26 ? 1.0825 1.1122 1.5258 -0.0201 0.4067  -0.3327 25 GLU A OE1 
205 O OE2 . GLU A 26 ? 1.0328 1.0307 1.4820 -0.0383 0.3773  -0.2852 25 GLU A OE2 
206 N N   . ARG A 27 ? 0.5632 0.5935 1.2556 0.0387  0.2124  -0.3231 26 ARG A N   
207 C CA  . ARG A 27 ? 0.5958 0.6188 1.3083 0.0598  0.1800  -0.3411 26 ARG A CA  
208 C C   . ARG A 27 ? 0.5330 0.5618 1.3348 0.0648  0.1300  -0.3321 26 ARG A C   
209 O O   . ARG A 27 ? 0.5569 0.6018 1.4139 0.0774  0.1092  -0.3605 26 ARG A O   
210 C CB  . ARG A 27 ? 0.5725 0.5539 1.2112 0.0673  0.1710  -0.3274 26 ARG A CB  
211 C CG  . ARG A 27 ? 0.6323 0.6035 1.2363 0.0892  0.1682  -0.3607 26 ARG A CG  
212 C CD  . ARG A 27 ? 0.6686 0.6033 1.1611 0.0935  0.1886  -0.3570 26 ARG A CD  
213 N NE  . ARG A 27 ? 0.7118 0.6154 1.1749 0.0838  0.1722  -0.3209 26 ARG A NE  
214 C CZ  . ARG A 27 ? 0.7225 0.6028 1.1010 0.0745  0.1974  -0.3053 26 ARG A CZ  
215 N NH1 . ARG A 27 ? 0.8038 0.6862 1.1179 0.0706  0.2404  -0.3170 26 ARG A NH1 
216 N NH2 . ARG A 27 ? 0.6850 0.5411 1.0445 0.0677  0.1791  -0.2752 26 ARG A NH2 
217 N N   . LEU A 28 ? 0.4956 0.5097 1.3080 0.0563  0.1094  -0.2922 27 LEU A N   
218 C CA  . LEU A 28 ? 0.5270 0.5371 1.4072 0.0609  0.0608  -0.2746 27 LEU A CA  
219 C C   . LEU A 28 ? 0.5119 0.5464 1.4547 0.0587  0.0508  -0.2813 27 LEU A C   
220 O O   . LEU A 28 ? 0.5673 0.5940 1.5601 0.0636  0.0085  -0.2666 27 LEU A O   
221 C CB  . LEU A 28 ? 0.5289 0.5121 1.3839 0.0547  0.0443  -0.2253 27 LEU A CB  
222 C CG  . LEU A 28 ? 0.5825 0.5392 1.3883 0.0569  0.0416  -0.2168 27 LEU A CG  
223 C CD1 . LEU A 28 ? 0.5420 0.4815 1.3692 0.0528  0.0069  -0.1728 27 LEU A CD1 
224 C CD2 . LEU A 28 ? 0.5649 0.5206 1.3786 0.0706  0.0325  -0.2565 27 LEU A CD2 
225 N N   . GLY A 29 ? 0.5228 0.5832 1.4620 0.0505  0.0867  -0.3012 28 GLY A N   
226 C CA  . GLY A 29 ? 0.5357 0.6200 1.5377 0.0493  0.0752  -0.3150 28 GLY A CA  
227 C C   . GLY A 29 ? 0.5809 0.6543 1.5833 0.0444  0.0582  -0.2784 28 GLY A C   
228 O O   . GLY A 29 ? 0.6263 0.6797 1.5775 0.0396  0.0644  -0.2421 28 GLY A O   
229 N N   . GLY A 30 ? 0.5291 0.6160 1.5893 0.0487  0.0336  -0.2901 29 GLY A N   
230 C CA  . GLY A 30 ? 0.5404 0.6208 1.6007 0.0484  0.0155  -0.2632 29 GLY A CA  
231 C C   . GLY A 30 ? 0.5815 0.6309 1.6313 0.0586  -0.0284 -0.2178 29 GLY A C   
232 O O   . GLY A 30 ? 0.5723 0.6158 1.6098 0.0624  -0.0447 -0.1923 29 GLY A O   
233 N N   . GLY A 31 ? 0.5372 0.5668 1.5898 0.0633  -0.0485 -0.2062 30 GLY A N   
234 C CA  . GLY A 31 ? 0.5154 0.5137 1.5510 0.0681  -0.0833 -0.1560 30 GLY A CA  
235 C C   . GLY A 31 ? 0.5553 0.5416 1.5249 0.0615  -0.0635 -0.1138 30 GLY A C   
236 O O   . GLY A 31 ? 0.5284 0.4981 1.4724 0.0651  -0.0832 -0.0693 30 GLY A O   
237 N N   . LEU A 32 ? 0.5181 0.5120 1.4544 0.0530  -0.0241 -0.1279 31 LEU A N   
238 C CA  . LEU A 32 ? 0.3916 0.3736 1.2654 0.0473  -0.0042 -0.0950 31 LEU A CA  
239 C C   . LEU A 32 ? 0.4544 0.4458 1.3008 0.0477  0.0066  -0.0816 31 LEU A C   
240 O O   . LEU A 32 ? 0.4094 0.4204 1.2587 0.0422  0.0326  -0.1120 31 LEU A O   
241 C CB  . LEU A 32 ? 0.4452 0.4275 1.2865 0.0406  0.0314  -0.1203 31 LEU A CB  
242 C CG  . LEU A 32 ? 0.4177 0.3834 1.1919 0.0356  0.0505  -0.0930 31 LEU A CG  
243 C CD1 . LEU A 32 ? 0.3645 0.3121 1.1400 0.0367  0.0208  -0.0531 31 LEU A CD1 
244 C CD2 . LEU A 32 ? 0.4113 0.3717 1.1434 0.0311  0.0830  -0.1234 31 LEU A CD2 
245 N N   . GLU A 33 ? 0.3854 0.3646 1.2025 0.0533  -0.0125 -0.0359 32 GLU A N   
246 C CA  . GLU A 33 ? 0.3468 0.3361 1.1321 0.0579  -0.0073 -0.0234 32 GLU A CA  
247 C C   . GLU A 33 ? 0.3853 0.3634 1.1079 0.0552  0.0099  0.0095  32 GLU A C   
248 O O   . GLU A 33 ? 0.3942 0.3599 1.0910 0.0581  -0.0061 0.0530  32 GLU A O   
249 C CB  . GLU A 33 ? 0.4801 0.4686 1.2760 0.0722  -0.0465 -0.0038 32 GLU A CB  
250 C CG  . GLU A 33 ? 0.4801 0.4682 1.2199 0.0831  -0.0564 0.0343  32 GLU A CG  
251 C CD  . GLU A 33 ? 0.5891 0.5658 1.3251 0.0992  -0.0976 0.0597  32 GLU A CD  
252 O OE1 . GLU A 33 ? 0.7521 0.7228 1.5392 0.1010  -0.1181 0.0392  32 GLU A OE1 
253 O OE2 . GLU A 33 ? 0.7144 0.6877 1.3920 0.1112  -0.1094 0.0981  32 GLU A OE2 
254 N N   . GLY A 34 ? 0.3538 0.3357 1.0450 0.0458  0.0450  -0.0123 33 GLY A N   
255 C CA  . GLY A 34 ? 0.3245 0.2953 0.9355 0.0364  0.0606  0.0095  33 GLY A CA  
256 C C   . GLY A 34 ? 0.3315 0.3125 0.8855 0.0344  0.0668  0.0155  33 GLY A C   
257 O O   . GLY A 34 ? 0.3392 0.3330 0.9144 0.0323  0.0731  -0.0099 33 GLY A O   
258 N N   . ARG A 35 ? 0.3672 0.3447 0.8564 0.0362  0.0629  0.0474  34 ARG A N   
259 C CA  . ARG A 35 ? 0.3770 0.3600 0.8057 0.0364  0.0670  0.0483  34 ARG A CA  
260 C C   . ARG A 35 ? 0.3458 0.3184 0.7020 0.0320  0.0781  0.0620  34 ARG A C   
261 O O   . ARG A 35 ? 0.3387 0.3084 0.6934 0.0322  0.0763  0.0818  34 ARG A O   
262 C CB  . ARG A 35 ? 0.3698 0.3693 0.7951 0.0552  0.0376  0.0698  34 ARG A CB  
263 C CG  . ARG A 35 ? 0.4594 0.4633 0.8621 0.0669  0.0222  0.1150  34 ARG A CG  
264 C CD  . ARG A 35 ? 0.5282 0.5472 0.8989 0.0893  -0.0032 0.1363  34 ARG A CD  
265 N NE  . ARG A 35 ? 0.6817 0.6981 1.0997 0.1029  -0.0298 0.1513  34 ARG A NE  
266 C CZ  . ARG A 35 ? 0.5873 0.6077 0.9756 0.1221  -0.0509 0.1916  34 ARG A CZ  
267 N NH1 . ARG A 35 ? 0.7048 0.7406 1.0201 0.1306  -0.0453 0.2190  34 ARG A NH1 
268 N NH2 . ARG A 35 ? 0.6620 0.6708 1.0917 0.1354  -0.0791 0.2028  34 ARG A NH2 
269 N N   . VAL A 36 ? 0.3455 0.3114 0.6482 0.0279  0.0871  0.0493  35 VAL A N   
270 C CA  . VAL A 36 ? 0.3637 0.3179 0.5947 0.0271  0.0929  0.0557  35 VAL A CA  
271 C C   . VAL A 36 ? 0.3549 0.3300 0.5465 0.0447  0.0729  0.0789  35 VAL A C   
272 O O   . VAL A 36 ? 0.3489 0.3322 0.5366 0.0532  0.0594  0.0736  35 VAL A O   
273 C CB  . VAL A 36 ? 0.3822 0.3078 0.5722 0.0132  0.1122  0.0280  35 VAL A CB  
274 C CG1 . VAL A 36 ? 0.4247 0.3325 0.5401 0.0161  0.1110  0.0319  35 VAL A CG1 
275 C CG2 . VAL A 36 ? 0.4033 0.3130 0.6263 -0.0012 0.1369  0.0039  35 VAL A CG2 
276 N N   . ILE A 37 ? 0.3138 0.3013 0.4817 0.0516  0.0702  0.1027  36 ILE A N   
277 C CA  . ILE A 37 ? 0.3225 0.3353 0.4431 0.0702  0.0573  0.1222  36 ILE A CA  
278 C C   . ILE A 37 ? 0.3480 0.3489 0.4076 0.0707  0.0614  0.1066  36 ILE A C   
279 O O   . ILE A 37 ? 0.3788 0.3704 0.4342 0.0629  0.0712  0.1044  36 ILE A O   
280 C CB  . ILE A 37 ? 0.3259 0.3677 0.4659 0.0772  0.0550  0.1618  36 ILE A CB  
281 C CG1 . ILE A 37 ? 0.3365 0.3841 0.5173 0.0841  0.0415  0.1793  36 ILE A CG1 
282 C CG2 . ILE A 37 ? 0.4077 0.4811 0.4914 0.0955  0.0512  0.1778  36 ILE A CG2 
283 C CD1 . ILE A 37 ? 0.3699 0.3959 0.6214 0.0695  0.0437  0.1693  36 ILE A CD1 
284 N N   . ALA A 38 ? 0.3724 0.3726 0.3860 0.0829  0.0484  0.0945  37 ALA A N   
285 C CA  . ALA A 38 ? 0.3963 0.3804 0.3490 0.0876  0.0443  0.0778  37 ALA A CA  
286 C C   . ALA A 38 ? 0.3980 0.4237 0.3182 0.1113  0.0346  0.0935  37 ALA A C   
287 O O   . ALA A 38 ? 0.4626 0.5160 0.3647 0.1329  0.0194  0.1002  37 ALA A O   
288 C CB  . ALA A 38 ? 0.3884 0.3433 0.3167 0.0863  0.0331  0.0540  37 ALA A CB  
289 N N   . ASP A 39 ? 0.4665 0.5002 0.3829 0.1090  0.0435  0.0973  38 ASP A N   
290 C CA  . ASP A 39 ? 0.4008 0.4853 0.3056 0.1271  0.0432  0.1145  38 ASP A CA  
291 C C   . ASP A 39 ? 0.4779 0.5538 0.3386 0.1366  0.0345  0.0890  38 ASP A C   
292 O O   . ASP A 39 ? 0.4536 0.5112 0.3266 0.1251  0.0402  0.0799  38 ASP A O   
293 C CB  . ASP A 39 ? 0.4378 0.5481 0.4007 0.1143  0.0607  0.1442  38 ASP A CB  
294 C CG  . ASP A 39 ? 0.5166 0.6881 0.4770 0.1290  0.0678  0.1684  38 ASP A CG  
295 O OD1 . ASP A 39 ? 0.5155 0.7117 0.4251 0.1528  0.0586  0.1559  38 ASP A OD1 
296 O OD2 . ASP A 39 ? 0.5222 0.7196 0.5333 0.1177  0.0829  0.2009  38 ASP A OD2 
297 N N   . PRO A 40 ? 0.4350 0.5212 0.2446 0.1606  0.0160  0.0736  39 PRO A N   
298 C CA  . PRO A 40 ? 0.5395 0.6124 0.3079 0.1725  0.0019  0.0457  39 PRO A CA  
299 C C   . PRO A 40 ? 0.5542 0.6771 0.3451 0.1794  0.0117  0.0524  39 PRO A C   
300 O O   . PRO A 40 ? 0.6143 0.7203 0.3852 0.1856  -0.0004 0.0268  39 PRO A O   
301 C CB  . PRO A 40 ? 0.5649 0.6381 0.3188 0.1854  -0.0184 0.0231  39 PRO A CB  
302 C CG  . PRO A 40 ? 0.5405 0.6321 0.3054 0.1890  -0.0172 0.0397  39 PRO A CG  
303 C CD  . PRO A 40 ? 0.5224 0.6281 0.3139 0.1794  0.0025  0.0767  39 PRO A CD  
304 N N   . LYS A 41 ? 0.4593 0.6407 0.2929 0.1784  0.0319  0.0858  40 LYS A N   
305 C CA  . LYS A 41 ? 0.5126 0.7437 0.3857 0.1778  0.0460  0.0950  40 LYS A CA  
306 C C   . LYS A 41 ? 0.5197 0.7195 0.4476 0.1502  0.0540  0.0968  40 LYS A C   
307 O O   . LYS A 41 ? 0.4430 0.6753 0.4124 0.1478  0.0601  0.0968  40 LYS A O   
308 C CB  . LYS A 41 ? 0.5020 0.8066 0.3996 0.1843  0.0682  0.1356  40 LYS A CB  
309 C CG  . LYS A 41 ? 0.5461 0.8920 0.3982 0.2162  0.0592  0.1250  40 LYS A CG  
310 C CD  . LYS A 41 ? 0.5909 1.0045 0.4695 0.2203  0.0819  0.1630  40 LYS A CD  
311 C CE  . LYS A 41 ? 0.7294 1.1865 0.5829 0.2510  0.0719  0.1402  40 LYS A CE  
312 N NZ  . LYS A 41 ? 0.7722 1.2925 0.6395 0.2564  0.0939  0.1771  40 LYS A NZ  
313 N N   . ALA A 42 ? 0.4953 0.6362 0.4279 0.1312  0.0529  0.0943  41 ALA A N   
314 C CA  . ALA A 42 ? 0.5114 0.6225 0.4934 0.1094  0.0582  0.0923  41 ALA A CA  
315 C C   . ALA A 42 ? 0.5729 0.6437 0.5249 0.1143  0.0414  0.0539  41 ALA A C   
316 O O   . ALA A 42 ? 0.4977 0.5325 0.3820 0.1263  0.0259  0.0293  41 ALA A O   
317 C CB  . ALA A 42 ? 0.4744 0.5401 0.4686 0.0920  0.0634  0.0966  41 ALA A CB  
318 N N   . ASP A 43 ? 0.4851 0.5576 0.4872 0.1061  0.0406  0.0488  42 ASP A N   
319 C CA  . ASP A 43 ? 0.5112 0.5388 0.4832 0.1139  0.0193  0.0099  42 ASP A CA  
320 C C   . ASP A 43 ? 0.5567 0.5051 0.4849 0.1043  0.0166  -0.0067 42 ASP A C   
321 O O   . ASP A 43 ? 0.5304 0.4671 0.5020 0.0880  0.0281  0.0028  42 ASP A O   
322 C CB  . ASP A 43 ? 0.5559 0.6110 0.6060 0.1089  0.0159  0.0068  42 ASP A CB  
323 C CG  . ASP A 43 ? 0.5965 0.6085 0.6179 0.1228  -0.0131 -0.0371 42 ASP A CG  
324 O OD1 . ASP A 43 ? 0.6374 0.5877 0.5704 0.1341  -0.0289 -0.0617 42 ASP A OD1 
325 O OD2 . ASP A 43 ? 0.6842 0.7214 0.7749 0.1218  -0.0217 -0.0459 42 ASP A OD2 
326 N N   . PRO A 44 ? 0.5634 0.4551 0.4078 0.1137  0.0023  -0.0316 43 PRO A N   
327 C CA  . PRO A 44 ? 0.5321 0.3519 0.3344 0.1022  0.0072  -0.0439 43 PRO A CA  
328 C C   . PRO A 44 ? 0.5535 0.3473 0.3807 0.0997  0.0022  -0.0605 43 PRO A C   
329 O O   . PRO A 44 ? 0.6570 0.4044 0.4628 0.0902  0.0128  -0.0680 43 PRO A O   
330 C CB  . PRO A 44 ? 0.6363 0.3994 0.3416 0.1138  -0.0103 -0.0640 43 PRO A CB  
331 C CG  . PRO A 44 ? 0.7109 0.5103 0.4151 0.1351  -0.0321 -0.0727 43 PRO A CG  
332 C CD  . PRO A 44 ? 0.6039 0.4911 0.3868 0.1347  -0.0183 -0.0484 43 PRO A CD  
333 N N   . ASN A 45 ? 0.5429 0.3683 0.4198 0.1087  -0.0138 -0.0689 44 ASN A N   
334 C CA  . ASN A 45 ? 0.5706 0.3718 0.4790 0.1102  -0.0273 -0.0903 44 ASN A CA  
335 C C   . ASN A 45 ? 0.6199 0.4555 0.6286 0.0928  -0.0132 -0.0705 44 ASN A C   
336 O O   . ASN A 45 ? 0.6450 0.4711 0.7020 0.0945  -0.0287 -0.0879 44 ASN A O   
337 C CB  . ASN A 45 ? 0.6223 0.4423 0.5517 0.1281  -0.0565 -0.1132 44 ASN A CB  
338 C CG  . ASN A 45 ? 0.7169 0.4782 0.5439 0.1500  -0.0832 -0.1444 44 ASN A CG  
339 O OD1 . ASN A 45 ? 0.6927 0.4167 0.4651 0.1356  -0.0783 -0.1367 44 ASN A OD1 
340 N ND2 . ASN A 45 ? 0.6712 0.4647 0.5042 0.1678  -0.1041 -0.1576 44 ASN A ND2 
341 N N   . THR A 46 ? 0.5635 0.4378 0.6092 0.0786  0.0101  -0.0356 45 THR A N   
342 C CA  . THR A 46 ? 0.5011 0.3998 0.6398 0.0632  0.0187  -0.0150 45 THR A CA  
343 C C   . THR A 46 ? 0.4605 0.3489 0.5906 0.0523  0.0389  0.0015  45 THR A C   
344 O O   . THR A 46 ? 0.4919 0.3744 0.5622 0.0542  0.0490  0.0059  45 THR A O   
345 C CB  . THR A 46 ? 0.4786 0.4475 0.6970 0.0561  0.0242  0.0188  45 THR A CB  
346 O OG1 . THR A 46 ? 0.6006 0.6042 0.7795 0.0603  0.0385  0.0420  45 THR A OG1 
347 C CG2 . THR A 46 ? 0.5090 0.4984 0.7603 0.0650  0.0048  -0.0010 45 THR A CG2 
348 N N   . GLY A 47 ? 0.5267 0.3962 0.6964 0.1159  0.1510  0.2028  46 GLY A N   
349 C CA  . GLY A 47 ? 0.4720 0.3219 0.6394 0.0816  0.1595  0.1728  46 GLY A CA  
350 C C   . GLY A 47 ? 0.4344 0.3266 0.6236 0.0703  0.1482  0.1460  46 GLY A C   
351 O O   . GLY A 47 ? 0.4535 0.3990 0.6522 0.0762  0.1307  0.1526  46 GLY A O   
352 N N   . ASN A 48 ? 0.4068 0.2777 0.6029 0.0516  0.1575  0.1171  47 ASN A N   
353 C CA  . ASN A 48 ? 0.3576 0.2662 0.5653 0.0396  0.1436  0.0965  47 ASN A CA  
354 C C   . ASN A 48 ? 0.4194 0.3168 0.6286 0.0147  0.1432  0.0712  47 ASN A C   
355 O O   . ASN A 48 ? 0.4410 0.3029 0.6530 0.0060  0.1601  0.0580  47 ASN A O   
356 C CB  . ASN A 48 ? 0.4565 0.3695 0.6761 0.0531  0.1518  0.0856  47 ASN A CB  
357 C CG  . ASN A 48 ? 0.4621 0.4086 0.6840 0.0368  0.1390  0.0673  47 ASN A CG  
358 O OD1 . ASN A 48 ? 0.5769 0.5073 0.7974 0.0258  0.1441  0.0428  47 ASN A OD1 
359 N ND2 . ASN A 48 ? 0.4877 0.4781 0.7095 0.0321  0.1209  0.0800  47 ASN A ND2 
360 N N   . VAL A 49 ? 0.3645 0.2926 0.5741 0.0033  0.1232  0.0642  48 VAL A N   
361 C CA  . VAL A 49 ? 0.2978 0.2258 0.5137 -0.0133 0.1177  0.0425  48 VAL A CA  
362 C C   . VAL A 49 ? 0.3702 0.3212 0.5871 -0.0173 0.0966  0.0344  48 VAL A C   
363 O O   . VAL A 49 ? 0.3856 0.3546 0.5942 -0.0152 0.0834  0.0490  48 VAL A O   
364 C CB  . VAL A 49 ? 0.3889 0.3202 0.5966 -0.0181 0.1151  0.0475  48 VAL A CB  
365 C CG1 . VAL A 49 ? 0.4758 0.4200 0.6930 -0.0262 0.1025  0.0277  48 VAL A CG1 
366 C CG2 . VAL A 49 ? 0.4023 0.3069 0.6077 -0.0230 0.1403  0.0498  48 VAL A CG2 
367 N N   . HIS A 50 ? 0.3795 0.3313 0.6056 -0.0254 0.0924  0.0128  49 HIS A N   
368 C CA  . HIS A 50 ? 0.3621 0.3301 0.5827 -0.0285 0.0701  0.0089  49 HIS A CA  
369 C C   . HIS A 50 ? 0.3429 0.3159 0.5779 -0.0318 0.0577  -0.0082 49 HIS A C   
370 O O   . HIS A 50 ? 0.3738 0.3492 0.6280 -0.0371 0.0690  -0.0267 49 HIS A O   
371 C CB  . HIS A 50 ? 0.3460 0.3193 0.5601 -0.0301 0.0733  -0.0008 49 HIS A CB  
372 C CG  . HIS A 50 ? 0.4508 0.4394 0.6492 -0.0345 0.0503  0.0021  49 HIS A CG  
373 N ND1 . HIS A 50 ? 0.6301 0.6308 0.8091 -0.0362 0.0469  0.0202  49 HIS A ND1 
374 C CD2 . HIS A 50 ? 0.4870 0.4817 0.6848 -0.0376 0.0293  -0.0081 49 HIS A CD2 
375 C CE1 . HIS A 50 ? 0.5462 0.5514 0.7069 -0.0430 0.0259  0.0238  49 HIS A CE1 
376 N NE2 . HIS A 50 ? 0.5153 0.5156 0.6863 -0.0410 0.0130  0.0076  49 HIS A NE2 
377 N N   . LEU A 51 ? 0.3612 0.3361 0.5897 -0.0287 0.0355  -0.0030 50 LEU A N   
378 C CA  . LEU A 51 ? 0.3395 0.3229 0.5870 -0.0240 0.0223  -0.0206 50 LEU A CA  
379 C C   . LEU A 51 ? 0.4062 0.3875 0.6410 -0.0192 -0.0067 -0.0149 50 LEU A C   
380 O O   . LEU A 51 ? 0.3481 0.3153 0.5560 -0.0232 -0.0159 0.0053  50 LEU A O   
381 C CB  . LEU A 51 ? 0.4203 0.3993 0.6762 -0.0188 0.0272  -0.0250 50 LEU A CB  
382 C CG  . LEU A 51 ? 0.4409 0.4005 0.6738 -0.0175 0.0208  -0.0108 50 LEU A CG  
383 C CD1 . LEU A 51 ? 0.7052 0.6468 0.9241 -0.0140 -0.0069 -0.0034 50 LEU A CD1 
384 C CD2 . LEU A 51 ? 0.4250 0.3852 0.6613 -0.0143 0.0328  -0.0219 50 LEU A CD2 
385 N N   . LYS A 52 ? 0.3952 0.3941 0.6505 -0.0114 -0.0212 -0.0315 51 LYS A N   
386 C CA  . LYS A 52 ? 0.3568 0.3533 0.5979 -0.0033 -0.0519 -0.0237 51 LYS A CA  
387 C C   . LYS A 52 ? 0.4090 0.4213 0.6834 0.0163  -0.0686 -0.0405 51 LYS A C   
388 O O   . LYS A 52 ? 0.3352 0.3845 0.6481 0.0160  -0.0571 -0.0647 51 LYS A O   
389 C CB  . LYS A 52 ? 0.3415 0.3583 0.5678 -0.0131 -0.0558 -0.0264 51 LYS A CB  
390 C CG  . LYS A 52 ? 0.5173 0.5333 0.7205 -0.0044 -0.0906 -0.0140 51 LYS A CG  
391 C CD  . LYS A 52 ? 0.5461 0.5720 0.7101 -0.0180 -0.0933 -0.0064 51 LYS A CD  
392 C CE  . LYS A 52 ? 0.5921 0.6201 0.7294 -0.0082 -0.1312 0.0079  51 LYS A CE  
393 N NZ  . LYS A 52 ? 0.8653 0.8866 0.9452 -0.0234 -0.1330 0.0299  51 LYS A NZ  
394 N N   . THR A 53 ? 0.3840 0.3680 0.6458 0.0332  -0.0939 -0.0282 52 THR A N   
395 C CA  . THR A 53 ? 0.4659 0.4671 0.7625 0.0605  -0.1132 -0.0441 52 THR A CA  
396 C C   . THR A 53 ? 0.4902 0.5018 0.7763 0.0721  -0.1479 -0.0336 52 THR A C   
397 O O   . THR A 53 ? 0.4883 0.4800 0.7289 0.0583  -0.1570 -0.0101 52 THR A O   
398 C CB  . THR A 53 ? 0.5527 0.5080 0.8450 0.0795  -0.1205 -0.0416 52 THR A CB  
399 O OG1 . THR A 53 ? 0.5774 0.4754 0.8230 0.0784  -0.1437 -0.0114 52 THR A OG1 
400 C CG2 . THR A 53 ? 0.5444 0.4861 0.8303 0.0638  -0.0899 -0.0470 52 THR A CG2 
401 N N   . GLU A 54 ? 0.5577 0.6070 0.8858 0.0986  -0.1672 -0.0506 53 GLU A N   
402 C CA  . GLU A 54 ? 0.5920 0.6530 0.9083 0.1156  -0.2069 -0.0374 53 GLU A CA  
403 C C   . GLU A 54 ? 0.6585 0.6457 0.9305 0.1341  -0.2339 -0.0037 53 GLU A C   
404 O O   . GLU A 54 ? 0.7492 0.7294 0.9898 0.1428  -0.2666 0.0195  53 GLU A O   
405 C CB  . GLU A 54 ? 0.5373 0.6718 0.9192 0.1414  -0.2229 -0.0655 53 GLU A CB  
406 C CG  . GLU A 54 ? 0.7424 0.8867 1.1766 0.1634  -0.2055 -0.0896 53 GLU A CG  
407 C CD  . GLU A 54 ? 0.9343 1.1756 1.4464 0.1785  -0.2087 -0.1242 53 GLU A CD  
408 O OE1 . GLU A 54 ? 0.7748 1.0353 1.3343 0.2073  -0.2018 -0.1443 53 GLU A OE1 
409 O OE2 . GLU A 54 ? 0.8252 1.1270 1.3515 0.1602  -0.2176 -0.1336 53 GLU A OE2 
410 N N   . ASP A 55 ? 0.5606 0.4902 0.8251 0.1374  -0.2213 -0.0004 54 ASP A N   
411 C CA  . ASP A 55 ? 0.7323 0.5756 0.9501 0.1442  -0.2405 0.0303  54 ASP A CA  
412 C C   . ASP A 55 ? 0.7414 0.5499 0.8977 0.1052  -0.2336 0.0627  54 ASP A C   
413 O O   . ASP A 55 ? 0.8312 0.5687 0.9428 0.1016  -0.2499 0.0932  54 ASP A O   
414 C CB  . ASP A 55 ? 0.7977 0.5961 1.0282 0.1529  -0.2249 0.0143  54 ASP A CB  
415 C CG  . ASP A 55 ? 0.8077 0.5856 1.0687 0.2016  -0.2468 0.0010  54 ASP A CG  
416 O OD1 . ASP A 55 ? 0.9497 0.7166 1.2007 0.2263  -0.2794 0.0198  54 ASP A OD1 
417 O OD2 . ASP A 55 ? 0.9388 0.7138 1.2284 0.2143  -0.2278 -0.0286 54 ASP A OD2 
418 N N   . GLY A 56 ? 0.6153 0.4689 0.7700 0.0755  -0.2074 0.0557  55 GLY A N   
419 C CA  . GLY A 56 ? 0.6750 0.5134 0.7803 0.0419  -0.1972 0.0816  55 GLY A CA  
420 C C   . GLY A 56 ? 0.6610 0.4833 0.7637 0.0178  -0.1681 0.0812  55 GLY A C   
421 O O   . GLY A 56 ? 0.6570 0.4778 0.7273 -0.0101 -0.1564 0.1008  55 GLY A O   
422 N N   . PHE A 57 ? 0.5115 0.3275 0.6459 0.0276  -0.1563 0.0597  56 PHE A N   
423 C CA  . PHE A 57 ? 0.4665 0.2790 0.5974 0.0048  -0.1309 0.0589  56 PHE A CA  
424 C C   . PHE A 57 ? 0.4843 0.3525 0.6314 -0.0068 -0.1037 0.0479  56 PHE A C   
425 O O   . PHE A 57 ? 0.4275 0.3320 0.6055 0.0048  -0.0966 0.0259  56 PHE A O   
426 C CB  . PHE A 57 ? 0.5371 0.3285 0.6884 0.0175  -0.1257 0.0376  56 PHE A CB  
427 C CG  . PHE A 57 ? 0.6013 0.3243 0.7361 0.0312  -0.1501 0.0430  56 PHE A CG  
428 C CD1 . PHE A 57 ? 0.5902 0.2576 0.6821 0.0091  -0.1633 0.0719  56 PHE A CD1 
429 C CD2 . PHE A 57 ? 0.6196 0.3324 0.7825 0.0654  -0.1579 0.0182  56 PHE A CD2 
430 C CE1 . PHE A 57 ? 0.7098 0.2982 0.7824 0.0202  -0.1854 0.0774  56 PHE A CE1 
431 C CE2 . PHE A 57 ? 0.7346 0.3750 0.8819 0.0826  -0.1794 0.0210  56 PHE A CE2 
432 C CZ  . PHE A 57 ? 0.8115 0.3820 0.9109 0.0594  -0.1941 0.0515  56 PHE A CZ  
433 N N   . GLU A 58 ? 0.4921 0.3663 0.6217 -0.0295 -0.0878 0.0624  57 GLU A N   
434 C CA  . GLU A 58 ? 0.3769 0.2920 0.5197 -0.0362 -0.0611 0.0542  57 GLU A CA  
435 C C   . GLU A 58 ? 0.3495 0.2674 0.4916 -0.0486 -0.0452 0.0624  57 GLU A C   
436 O O   . GLU A 58 ? 0.3882 0.2920 0.5109 -0.0646 -0.0525 0.0808  57 GLU A O   
437 C CB  . GLU A 58 ? 0.4432 0.3792 0.5647 -0.0456 -0.0593 0.0640  57 GLU A CB  
438 C CG  . GLU A 58 ? 0.5866 0.5420 0.7157 -0.0356 -0.0658 0.0466  57 GLU A CG  
439 C CD  . GLU A 58 ? 0.6902 0.6692 0.7930 -0.0469 -0.0583 0.0497  57 GLU A CD  
440 O OE1 . GLU A 58 ? 0.6198 0.6180 0.7325 -0.0505 -0.0320 0.0377  57 GLU A OE1 
441 O OE2 . GLU A 58 ? 0.8840 0.8600 0.9534 -0.0504 -0.0779 0.0637  57 GLU A OE2 
442 N N   . VAL A 59 ? 0.3461 0.2849 0.5088 -0.0432 -0.0240 0.0502  58 VAL A N   
443 C CA  . VAL A 59 ? 0.3843 0.3353 0.5474 -0.0500 -0.0106 0.0596  58 VAL A CA  
444 C C   . VAL A 59 ? 0.3224 0.2979 0.4989 -0.0432 0.0133  0.0564  58 VAL A C   
445 O O   . VAL A 59 ? 0.3451 0.3181 0.5358 -0.0350 0.0238  0.0397  58 VAL A O   
446 C CB  . VAL A 59 ? 0.4009 0.3383 0.5677 -0.0462 -0.0109 0.0503  58 VAL A CB  
447 C CG1 . VAL A 59 ? 0.4495 0.4060 0.6112 -0.0543 -0.0036 0.0635  58 VAL A CG1 
448 C CG2 . VAL A 59 ? 0.4853 0.3870 0.6409 -0.0471 -0.0326 0.0455  58 VAL A CG2 
449 N N   . ASP A 60 ? 0.3231 0.3216 0.4978 -0.0467 0.0223  0.0713  59 ASP A N   
450 C CA  . ASP A 60 ? 0.2776 0.2909 0.4651 -0.0343 0.0447  0.0708  59 ASP A CA  
451 C C   . ASP A 60 ? 0.2931 0.3219 0.4843 -0.0315 0.0459  0.0863  59 ASP A C   
452 O O   . ASP A 60 ? 0.3055 0.3544 0.4923 -0.0435 0.0336  0.0990  59 ASP A O   
453 C CB  . ASP A 60 ? 0.3926 0.4282 0.5780 -0.0332 0.0549  0.0724  59 ASP A CB  
454 C CG  . ASP A 60 ? 0.4559 0.4882 0.6532 -0.0156 0.0797  0.0620  59 ASP A CG  
455 O OD1 . ASP A 60 ? 0.5399 0.5857 0.7487 -0.0013 0.0914  0.0734  59 ASP A OD1 
456 O OD2 . ASP A 60 ? 0.4622 0.4760 0.6572 -0.0156 0.0859  0.0419  59 ASP A OD2 
457 N N   . SER A 61 ? 0.3575 0.3776 0.5543 -0.0181 0.0596  0.0864  60 SER A N   
458 C CA  . SER A 61 ? 0.3337 0.3676 0.5265 -0.0149 0.0558  0.1018  60 SER A CA  
459 C C   . SER A 61 ? 0.3346 0.3676 0.5351 0.0069  0.0746  0.1127  60 SER A C   
460 O O   . SER A 61 ? 0.3497 0.3476 0.5495 0.0124  0.0907  0.1037  60 SER A O   
461 C CB  . SER A 61 ? 0.4077 0.4180 0.5865 -0.0222 0.0500  0.0916  60 SER A CB  
462 O OG  . SER A 61 ? 0.4353 0.4536 0.6012 -0.0183 0.0503  0.1037  60 SER A OG  
463 N N   . THR A 62 ? 0.3595 0.4305 0.5696 0.0184  0.0718  0.1313  61 THR A N   
464 C CA  . THR A 62 ? 0.3563 0.4282 0.5756 0.0472  0.0857  0.1469  61 THR A CA  
465 C C   . THR A 62 ? 0.3725 0.4707 0.5834 0.0538  0.0715  0.1701  61 THR A C   
466 O O   . THR A 62 ? 0.3288 0.4819 0.5483 0.0456  0.0531  0.1784  61 THR A O   
467 C CB  . THR A 62 ? 0.4148 0.5232 0.6590 0.0634  0.0939  0.1484  61 THR A CB  
468 O OG1 . THR A 62 ? 0.3742 0.4632 0.6174 0.0542  0.1048  0.1256  61 THR A OG1 
469 C CG2 . THR A 62 ? 0.4098 0.5062 0.6650 0.1004  0.1091  0.1615  61 THR A CG2 
470 N N   . GLY A 63 ? 0.4302 0.4919 0.6230 0.0668  0.0804  0.1820  62 GLY A N   
471 C CA  . GLY A 63 ? 0.4346 0.5169 0.6086 0.0741  0.0665  0.2060  62 GLY A CA  
472 C C   . GLY A 63 ? 0.4777 0.5317 0.6468 0.1073  0.0791  0.2318  62 GLY A C   
473 O O   . GLY A 63 ? 0.4735 0.5069 0.6646 0.1292  0.0956  0.2301  62 GLY A O   
474 N N   . LYS A 64 ? 0.4654 0.5153 0.6022 0.1126  0.0714  0.2560  63 LYS A N   
475 C CA  . LYS A 64 ? 0.5276 0.5443 0.6530 0.1467  0.0798  0.2888  63 LYS A CA  
476 C C   . LYS A 64 ? 0.5878 0.5198 0.6815 0.1376  0.1063  0.2909  63 LYS A C   
477 O O   . LYS A 64 ? 0.6886 0.5708 0.7686 0.1632  0.1177  0.3192  63 LYS A O   
478 C CB  . LYS A 64 ? 0.5897 0.6563 0.6943 0.1613  0.0530  0.3218  63 LYS A CB  
479 C CG  . LYS A 64 ? 0.6899 0.8506 0.8249 0.1569  0.0247  0.3160  63 LYS A CG  
480 C CD  . LYS A 64 ? 0.6532 0.8576 0.8310 0.2000  0.0191  0.3361  63 LYS A CD  
481 C CE  . LYS A 64 ? 0.7085 1.0219 0.9130 0.1963  -0.0133 0.3411  63 LYS A CE  
482 N NZ  . LYS A 64 ? 0.6745 1.0433 0.9417 0.2151  -0.0076 0.3325  63 LYS A NZ  
483 N N   . ASP A 65 ? 0.6098 0.5241 0.6937 0.1022  0.1167  0.2629  64 ASP A N   
484 C CA  . ASP A 65 ? 0.7050 0.5514 0.7698 0.0864  0.1450  0.2592  64 ASP A CA  
485 C C   . ASP A 65 ? 0.6276 0.4799 0.7113 0.0552  0.1519  0.2171  64 ASP A C   
486 O O   . ASP A 65 ? 0.5391 0.4379 0.6388 0.0469  0.1335  0.1972  64 ASP A O   
487 C CB  . ASP A 65 ? 0.6909 0.5226 0.7034 0.0793  0.1481  0.2872  64 ASP A CB  
488 C CG  . ASP A 65 ? 0.8013 0.6891 0.7929 0.0586  0.1300  0.2739  64 ASP A CG  
489 O OD1 . ASP A 65 ? 0.8039 0.7456 0.7939 0.0690  0.1015  0.2823  64 ASP A OD1 
490 O OD2 . ASP A 65 ? 0.8719 0.7514 0.8510 0.0310  0.1449  0.2515  64 ASP A OD2 
491 N N   . ILE A 66 ? 0.6589 0.4636 0.7414 0.0369  0.1774  0.2049  65 ILE A N   
492 C CA  . ILE A 66 ? 0.5602 0.3766 0.6682 0.0121  0.1819  0.1650  65 ILE A CA  
493 C C   . ILE A 66 ? 0.5313 0.3860 0.6268 -0.0056 0.1735  0.1515  65 ILE A C   
494 O O   . ILE A 66 ? 0.5939 0.4792 0.7095 -0.0121 0.1592  0.1251  65 ILE A O   
495 C CB  . ILE A 66 ? 0.7200 0.4855 0.8370 -0.0058 0.2103  0.1527  65 ILE A CB  
496 C CG1 . ILE A 66 ? 0.7488 0.4674 0.8690 0.0137  0.2174  0.1606  65 ILE A CG1 
497 C CG2 . ILE A 66 ? 0.6047 0.3936 0.7563 -0.0228 0.2071  0.1122  65 ILE A CG2 
498 C CD1 . ILE A 66 ? 0.8627 0.5266 0.9645 -0.0006 0.2369  0.1599  65 ILE A CD1 
499 N N   . LYS A 67 ? 0.6202 0.4707 0.6781 -0.0122 0.1823  0.1692  66 LYS A N   
500 C CA  . LYS A 67 ? 0.5062 0.3907 0.5494 -0.0276 0.1790  0.1499  66 LYS A CA  
501 C C   . LYS A 67 ? 0.4806 0.4047 0.5228 -0.0198 0.1470  0.1421  66 LYS A C   
502 O O   . LYS A 67 ? 0.5212 0.4647 0.5752 -0.0287 0.1388  0.1119  66 LYS A O   
503 C CB  . LYS A 67 ? 0.6008 0.4755 0.5937 -0.0361 0.1961  0.1728  66 LYS A CB  
504 C CG  . LYS A 67 ? 0.6007 0.5120 0.5630 -0.0482 0.1944  0.1555  66 LYS A CG  
505 C CD  . LYS A 67 ? 0.6491 0.5663 0.6153 -0.0708 0.2260  0.1316  66 LYS A CD  
506 C CE  . LYS A 67 ? 0.7481 0.7061 0.7004 -0.0750 0.2208  0.0987  66 LYS A CE  
507 N NZ  . LYS A 67 ? 0.7420 0.7156 0.6423 -0.0678 0.1971  0.1091  66 LYS A NZ  
508 N N   . THR A 68 ? 0.4819 0.4187 0.5111 -0.0037 0.1281  0.1688  67 THR A N   
509 C CA  . THR A 68 ? 0.4545 0.4319 0.4854 -0.0044 0.0981  0.1601  67 THR A CA  
510 C C   . THR A 68 ? 0.4987 0.4818 0.5708 -0.0065 0.0886  0.1386  67 THR A C   
511 O O   . THR A 68 ? 0.4894 0.4873 0.5641 -0.0179 0.0719  0.1182  67 THR A O   
512 C CB  . THR A 68 ? 0.5280 0.5326 0.5451 0.0120  0.0787  0.1930  67 THR A CB  
513 O OG1 . THR A 68 ? 0.5961 0.5917 0.5661 0.0149  0.0858  0.2177  67 THR A OG1 
514 C CG2 . THR A 68 ? 0.6069 0.6570 0.6229 0.0012  0.0487  0.1815  67 THR A CG2 
515 N N   . SER A 69 ? 0.4862 0.4539 0.5861 0.0043  0.0985  0.1437  68 SER A N   
516 C CA  . SER A 69 ? 0.4516 0.4250 0.5829 0.0010  0.0918  0.1247  68 SER A CA  
517 C C   . SER A 69 ? 0.4957 0.4602 0.6332 -0.0141 0.0925  0.0945  68 SER A C   
518 O O   . SER A 69 ? 0.4392 0.4138 0.5839 -0.0205 0.0749  0.0813  68 SER A O   
519 C CB  . SER A 69 ? 0.4506 0.4019 0.6028 0.0129  0.1085  0.1273  68 SER A CB  
520 O OG  . SER A 69 ? 0.5878 0.5557 0.7467 0.0332  0.1043  0.1491  68 SER A OG  
521 N N   . LEU A 70 ? 0.3899 0.3364 0.5259 -0.0195 0.1130  0.0850  69 LEU A N   
522 C CA  . LEU A 70 ? 0.3812 0.3297 0.5341 -0.0286 0.1149  0.0548  69 LEU A CA  
523 C C   . LEU A 70 ? 0.4072 0.3677 0.5439 -0.0314 0.1004  0.0416  69 LEU A C   
524 O O   . LEU A 70 ? 0.4492 0.4107 0.6006 -0.0309 0.0859  0.0217  69 LEU A O   
525 C CB  . LEU A 70 ? 0.4654 0.4035 0.6243 -0.0377 0.1437  0.0480  69 LEU A CB  
526 C CG  . LEU A 70 ? 0.4954 0.4505 0.6836 -0.0459 0.1501  0.0155  69 LEU A CG  
527 C CD1 . LEU A 70 ? 0.4085 0.3704 0.6266 -0.0411 0.1309  -0.0002 69 LEU A CD1 
528 C CD2 . LEU A 70 ? 0.4234 0.3749 0.6223 -0.0620 0.1812  0.0116  69 LEU A CD2 
529 N N   . ASP A 71 ? 0.5230 0.4885 0.6255 -0.0337 0.1045  0.0516  70 ASP A N   
530 C CA  . ASP A 71 ? 0.4815 0.4541 0.5617 -0.0380 0.0928  0.0334  70 ASP A CA  
531 C C   . ASP A 71 ? 0.5030 0.4743 0.5861 -0.0398 0.0629  0.0315  70 ASP A C   
532 O O   . ASP A 71 ? 0.4780 0.4372 0.5631 -0.0415 0.0513  0.0076  70 ASP A O   
533 C CB  . ASP A 71 ? 0.5114 0.4937 0.5444 -0.0422 0.0986  0.0475  70 ASP A CB  
534 C CG  . ASP A 71 ? 0.5835 0.5656 0.6020 -0.0469 0.1308  0.0456  70 ASP A CG  
535 O OD1 . ASP A 71 ? 0.4753 0.4576 0.5247 -0.0491 0.1493  0.0253  70 ASP A OD1 
536 O OD2 . ASP A 71 ? 0.6133 0.5996 0.5875 -0.0501 0.1375  0.0671  70 ASP A OD2 
537 N N   . ALA A 72 ? 0.4628 0.4462 0.5469 -0.0397 0.0513  0.0573  71 ALA A N   
538 C CA  . ALA A 72 ? 0.4770 0.4657 0.5670 -0.0481 0.0267  0.0590  71 ALA A CA  
539 C C   . ALA A 72 ? 0.4329 0.4019 0.5484 -0.0473 0.0222  0.0463  71 ALA A C   
540 O O   . ALA A 72 ? 0.5173 0.4693 0.6283 -0.0563 0.0041  0.0361  71 ALA A O   
541 C CB  . ALA A 72 ? 0.4238 0.4434 0.5207 -0.0450 0.0214  0.0881  71 ALA A CB  
542 N N   . ALA A 73 ? 0.4992 0.4658 0.6373 -0.0377 0.0376  0.0466  72 ALA A N   
543 C CA  . ALA A 73 ? 0.3801 0.3350 0.5385 -0.0359 0.0310  0.0360  72 ALA A CA  
544 C C   . ALA A 73 ? 0.4778 0.4143 0.6388 -0.0320 0.0240  0.0109  72 ALA A C   
545 O O   . ALA A 73 ? 0.4608 0.3788 0.6233 -0.0319 0.0052  0.0070  72 ALA A O   
546 C CB  . ALA A 73 ? 0.4169 0.3764 0.5962 -0.0293 0.0486  0.0359  72 ALA A CB  
547 N N   . LEU A 74 ? 0.4393 0.3805 0.6000 -0.0272 0.0400  -0.0053 73 LEU A N   
548 C CA  . LEU A 74 ? 0.3884 0.3195 0.5561 -0.0178 0.0364  -0.0334 73 LEU A CA  
549 C C   . LEU A 74 ? 0.5239 0.4283 0.6632 -0.0218 0.0186  -0.0409 73 LEU A C   
550 O O   . LEU A 74 ? 0.5071 0.3853 0.6515 -0.0109 0.0062  -0.0607 73 LEU A O   
551 C CB  . LEU A 74 ? 0.3657 0.3182 0.5397 -0.0148 0.0631  -0.0496 73 LEU A CB  
552 C CG  . LEU A 74 ? 0.4195 0.3936 0.6251 -0.0164 0.0818  -0.0481 73 LEU A CG  
553 C CD1 . LEU A 74 ? 0.4551 0.4485 0.6565 -0.0227 0.1119  -0.0561 73 LEU A CD1 
554 C CD2 . LEU A 74 ? 0.4420 0.4253 0.6850 -0.0039 0.0704  -0.0689 73 LEU A CD2 
555 N N   . ALA A 75 ? 0.5233 0.4331 0.6328 -0.0364 0.0162  -0.0271 74 ALA A N   
556 C CA  . ALA A 75 ? 0.5529 0.4384 0.6340 -0.0489 -0.0040 -0.0339 74 ALA A CA  
557 C C   . ALA A 75 ? 0.5239 0.3787 0.6118 -0.0558 -0.0267 -0.0251 74 ALA A C   
558 O O   . ALA A 75 ? 0.6535 0.4633 0.7309 -0.0560 -0.0418 -0.0417 74 ALA A O   
559 C CB  . ALA A 75 ? 0.6091 0.5220 0.6641 -0.0655 -0.0065 -0.0156 74 ALA A CB  
560 N N   . ALA A 76 ? 0.5326 0.4074 0.6346 -0.0617 -0.0283 0.0012  75 ALA A N   
561 C CA  . ALA A 76 ? 0.5475 0.3974 0.6506 -0.0714 -0.0465 0.0137  75 ALA A CA  
562 C C   . ALA A 76 ? 0.5057 0.3212 0.6206 -0.0521 -0.0536 0.0013  75 ALA A C   
563 O O   . ALA A 76 ? 0.5400 0.3091 0.6423 -0.0569 -0.0730 0.0038  75 ALA A O   
564 C CB  . ALA A 76 ? 0.4893 0.3764 0.6050 -0.0779 -0.0410 0.0401  75 ALA A CB  
565 N N   . LEU A 77 ? 0.4566 0.2948 0.5967 -0.0310 -0.0394 -0.0098 76 LEU A N   
566 C CA  . LEU A 77 ? 0.5101 0.3305 0.6688 -0.0090 -0.0493 -0.0224 76 LEU A CA  
567 C C   . LEU A 77 ? 0.5659 0.3448 0.7179 0.0053  -0.0585 -0.0469 76 LEU A C   
568 O O   . LEU A 77 ? 0.5959 0.3342 0.7497 0.0209  -0.0784 -0.0489 76 LEU A O   
569 C CB  . LEU A 77 ? 0.4328 0.2981 0.6255 0.0051  -0.0310 -0.0342 76 LEU A CB  
570 C CG  . LEU A 77 ? 0.5396 0.4103 0.7628 0.0296  -0.0415 -0.0498 76 LEU A CG  
571 C CD1 . LEU A 77 ? 0.5454 0.3937 0.7586 0.0308  -0.0673 -0.0300 76 LEU A CD1 
572 C CD2 . LEU A 77 ? 0.4616 0.3851 0.7203 0.0325  -0.0217 -0.0623 76 LEU A CD2 
573 N N   . GLU A 78 ? 0.6004 0.3868 0.7420 0.0028  -0.0437 -0.0662 77 GLU A N   
574 C CA  . GLU A 78 ? 0.6780 0.4239 0.8086 0.0164  -0.0486 -0.0960 77 GLU A CA  
575 C C   . GLU A 78 ? 0.7429 0.4204 0.8421 0.0009  -0.0741 -0.0874 77 GLU A C   
576 O O   . GLU A 78 ? 0.7835 0.4023 0.8783 0.0187  -0.0879 -0.1043 77 GLU A O   
577 C CB  . GLU A 78 ? 0.7368 0.5070 0.8483 0.0088  -0.0274 -0.1158 77 GLU A CB  
578 C CG  . GLU A 78 ? 0.8481 0.6068 0.9633 0.0333  -0.0173 -0.1569 77 GLU A CG  
579 C CD  . GLU A 78 ? 0.9697 0.7367 1.1332 0.0688  -0.0193 -0.1687 77 GLU A CD  
580 O OE1 . GLU A 78 ? 1.0009 0.7209 1.1672 0.0935  -0.0323 -0.1904 77 GLU A OE1 
581 O OE2 . GLU A 78 ? 0.9111 0.7320 1.1109 0.0729  -0.0086 -0.1579 77 GLU A OE2 
582 N N   . TRP A 79 ? 0.6684 0.3520 0.7474 -0.0325 -0.0799 -0.0613 78 TRP A N   
583 C CA  . TRP A 79 ? 0.6851 0.3084 0.7354 -0.0572 -0.1018 -0.0512 78 TRP A CA  
584 C C   . TRP A 79 ? 0.7198 0.2986 0.7743 -0.0471 -0.1197 -0.0315 78 TRP A C   
585 O O   . TRP A 79 ? 0.8528 0.3533 0.8891 -0.0438 -0.1375 -0.0368 78 TRP A O   
586 C CB  . TRP A 79 ? 0.7091 0.3697 0.7474 -0.0960 -0.1021 -0.0264 78 TRP A CB  
587 C CG  . TRP A 79 ? 0.7393 0.3451 0.7480 -0.1306 -0.1215 -0.0236 78 TRP A CG  
588 C CD1 . TRP A 79 ? 0.7821 0.3302 0.7791 -0.1457 -0.1383 -0.0039 78 TRP A CD1 
589 C CD2 . TRP A 79 ? 0.7755 0.3800 0.7593 -0.1600 -0.1263 -0.0404 78 TRP A CD2 
590 N NE1 . TRP A 79 ? 0.8406 0.3589 0.8110 -0.1799 -0.1461 -0.0093 78 TRP A NE1 
591 C CE2 . TRP A 79 ? 0.8618 0.4036 0.8237 -0.1949 -0.1456 -0.0335 78 TRP A CE2 
592 C CE3 . TRP A 79 ? 0.8365 0.4875 0.8106 -0.1624 -0.1171 -0.0594 78 TRP A CE3 
593 C CZ2 . TRP A 79 ? 0.9380 0.4736 0.8753 -0.2312 -0.1535 -0.0494 78 TRP A CZ2 
594 C CZ3 . TRP A 79 ? 0.8616 0.5027 0.8056 -0.1983 -0.1302 -0.0746 78 TRP A CZ3 
595 C CH2 . TRP A 79 ? 0.8525 0.4347 0.7802 -0.2350 -0.1500 -0.0719 78 TRP A CH2 
596 N N   . LEU A 80 ? 0.6377 0.2609 0.7113 -0.0428 -0.1160 -0.0079 79 LEU A N   
597 C CA  . LEU A 80 ? 0.6959 0.2861 0.7664 -0.0343 -0.1342 0.0147  79 LEU A CA  
598 C C   . LEU A 80 ? 0.7623 0.3116 0.8461 0.0074  -0.1471 -0.0035 79 LEU A C   
599 O O   . LEU A 80 ? 0.8344 0.3329 0.8973 0.0138  -0.1644 0.0116  79 LEU A O   
600 C CB  . LEU A 80 ? 0.5778 0.2313 0.6637 -0.0358 -0.1255 0.0351  79 LEU A CB  
601 C CG  . LEU A 80 ? 0.5611 0.2658 0.6438 -0.0662 -0.1099 0.0511  79 LEU A CG  
602 C CD1 . LEU A 80 ? 0.5422 0.3002 0.6409 -0.0597 -0.0989 0.0612  79 LEU A CD1 
603 C CD2 . LEU A 80 ? 0.6570 0.3186 0.7082 -0.0971 -0.1254 0.0771  79 LEU A CD2 
604 N N   . GLU A 81 ? 0.7580 0.3479 0.8747 0.0365  -0.1324 -0.0347 80 GLU A N   
605 C CA  . GLU A 81 ? 0.7769 0.3493 0.9196 0.0821  -0.1423 -0.0562 80 GLU A CA  
606 C C   . GLU A 81 ? 0.9373 0.4470 1.0558 0.0931  -0.1450 -0.0756 80 GLU A C   
607 O O   . GLU A 81 ? 0.9601 0.4616 1.0956 0.1316  -0.1498 -0.0893 80 GLU A O   
608 C CB  . GLU A 81 ? 0.7848 0.4400 0.9726 0.1011  -0.1181 -0.0832 80 GLU A CB  
609 C CG  . GLU A 81 ? 0.6525 0.3705 0.8643 0.0987  -0.1166 -0.0658 80 GLU A CG  
610 C CD  . GLU A 81 ? 0.6776 0.4736 0.9315 0.1059  -0.0904 -0.0896 80 GLU A CD  
611 O OE1 . GLU A 81 ? 0.7845 0.5972 1.0357 0.0964  -0.0652 -0.1074 80 GLU A OE1 
612 O OE2 . GLU A 81 ? 0.7209 0.5615 1.0093 0.1204  -0.0961 -0.0911 80 GLU A OE2 
613 N N   . HIS A 82 ? 0.9885 0.4565 1.0690 0.0599  -0.1423 -0.0770 81 HIS A N   
614 C CA  . HIS A 82 ? 0.9583 0.3608 1.0120 0.0645  -0.1429 -0.0978 81 HIS A CA  
615 C C   . HIS A 82 ? 1.0863 0.4235 1.0993 0.0316  -0.1562 -0.0713 81 HIS A C   
616 O O   . HIS A 82 ? 1.2105 0.4836 1.2100 0.0475  -0.1641 -0.0725 81 HIS A O   
617 C CB  . HIS A 82 ? 1.0576 0.4712 1.1033 0.0547  -0.1252 -0.1363 81 HIS A CB  
618 C CG  . HIS A 82 ? 1.1610 0.6410 1.2468 0.0862  -0.1062 -0.1652 81 HIS A CG  
619 N ND1 . HIS A 82 ? 1.1495 0.6775 1.2805 0.1187  -0.1062 -0.1585 81 HIS A ND1 
620 C CD2 . HIS A 82 ? 1.2505 0.7648 1.3384 0.0864  -0.0848 -0.2011 81 HIS A CD2 
621 C CE1 . HIS A 82 ? 1.1668 0.7579 1.3307 0.1361  -0.0826 -0.1887 81 HIS A CE1 
622 N NE2 . HIS A 82 ? 1.2849 0.8697 1.4211 0.1171  -0.0671 -0.2131 81 HIS A NE2 
623 N N   . HIS A 83 ? 1.0756 0.4312 1.0727 -0.0134 -0.1575 -0.0463 82 HIS A N   
624 C CA  . HIS A 83 ? 1.1084 0.4140 1.0713 -0.0506 -0.1654 -0.0254 82 HIS A CA  
625 C C   . HIS A 83 ? 1.0412 0.3282 0.9941 -0.0508 -0.1782 0.0153  82 HIS A C   
626 O O   . HIS A 83 ? 1.1329 0.3533 1.0600 -0.0608 -0.1861 0.0269  82 HIS A O   
627 C CB  . HIS A 83 ? 1.1518 0.4962 1.1046 -0.1009 -0.1601 -0.0193 82 HIS A CB  
628 C CG  . HIS A 83 ? 1.1244 0.4830 1.0752 -0.1082 -0.1521 -0.0572 82 HIS A CG  
629 N ND1 . HIS A 83 ? 1.0025 0.3985 0.9739 -0.0799 -0.1426 -0.0818 82 HIS A ND1 
630 C CD2 . HIS A 83 ? 1.1457 0.4869 1.0732 -0.1423 -0.1531 -0.0764 82 HIS A CD2 
631 C CE1 . HIS A 83 ? 1.1033 0.5026 1.0575 -0.0962 -0.1384 -0.1128 82 HIS A CE1 
632 N NE2 . HIS A 83 ? 1.1876 0.5554 1.1147 -0.1341 -0.1459 -0.1109 82 HIS A NE2 
# 
